data_9HF3
#
_entry.id   9HF3
#
loop_
_entity.id
_entity.type
_entity.pdbx_description
1 polymer Pannexin-1
2 non-polymer 'CHOLESTEROL HEMISUCCINATE'
3 water water
#
_entity_poly.entity_id   1
_entity_poly.type   'polypeptide(L)'
_entity_poly.pdbx_seq_one_letter_code
;MAIAHLATEYVFSDFLLKEPTEPKFKGLRLELAVDKMVTCIAVGLPLLLISLAFAQEISIGTQISCFSPSSFSWRQAAFV
DSYCWAAVQQKSSLQSESGNLPLWLHKFFPYILLLFAILLYLPALFWRFSAAPHLCSDLKFIMEELDKVYNRAIKAAKSA
RDLDLRDGPGPPGVTENVGQSLWEISESHFKYPIVEQYLKTKKNSSHLIMKYISCRLVTFVVILLACIYLSYYFSLSSLS
DEFLCSIKSGVLKNDSTIPDRFQCKLIAVGIFQLLSLINLIVYALLIPVVVYTFFIPFRQKTDILKVEEILPTFDVLHFK
SEGYNDLSLYNLFLEENISELKSYKCLKVLENIKSNGQGIDPMLLLTNLGMIKMDIIDGKIPTSLQTKGEDQGSQRVEFK
DLDLSSEAAANNGEKNSRQRLLNPSCGSAAAENLYFQGHHHHHH
;
_entity_poly.pdbx_strand_id   A,B,C,D,E,F,G
#
loop_
_chem_comp.id
_chem_comp.type
_chem_comp.name
_chem_comp.formula
Y01 non-polymer 'CHOLESTEROL HEMISUCCINATE' 'C31 H50 O4'
#
# COMPACT_ATOMS: atom_id res chain seq x y z
N ALA A 2 16.51 -3.78 6.85
CA ALA A 2 15.17 -3.97 7.38
C ALA A 2 15.15 -3.77 8.89
N ILE A 3 16.33 -3.84 9.51
CA ILE A 3 16.44 -3.67 10.95
C ILE A 3 15.90 -2.30 11.37
N ALA A 4 16.15 -1.28 10.56
CA ALA A 4 15.65 0.06 10.84
C ALA A 4 14.14 0.14 10.74
N HIS A 5 13.52 -0.64 9.84
CA HIS A 5 12.08 -0.74 9.80
C HIS A 5 11.50 -1.42 11.03
N LEU A 6 12.19 -2.45 11.53
CA LEU A 6 11.76 -3.09 12.78
C LEU A 6 11.77 -2.10 13.95
N ALA A 7 12.82 -1.28 14.06
CA ALA A 7 12.85 -0.27 15.11
C ALA A 7 11.72 0.76 14.95
N THR A 8 11.44 1.16 13.72
CA THR A 8 10.31 2.05 13.46
C THR A 8 8.98 1.41 13.84
N GLU A 9 8.82 0.12 13.54
CA GLU A 9 7.58 -0.60 13.79
C GLU A 9 7.37 -0.92 15.26
N TYR A 10 8.42 -1.35 15.97
CA TYR A 10 8.27 -1.87 17.32
C TYR A 10 8.78 -0.97 18.43
N VAL A 11 9.42 0.16 18.11
CA VAL A 11 9.93 1.04 19.16
C VAL A 11 9.41 2.46 18.97
N PHE A 12 9.62 3.03 17.80
CA PHE A 12 9.31 4.42 17.55
C PHE A 12 7.86 4.67 17.12
N SER A 13 6.99 3.68 17.28
CA SER A 13 5.57 3.90 17.02
C SER A 13 4.74 3.01 17.93
N ASP A 14 3.52 3.45 18.20
CA ASP A 14 2.63 2.76 19.12
C ASP A 14 1.87 1.65 18.40
N PHE A 15 1.57 0.58 19.15
CA PHE A 15 0.90 -0.58 18.59
C PHE A 15 0.13 -1.26 19.71
N LEU A 16 -0.30 -2.50 19.47
CA LEU A 16 -1.19 -3.23 20.39
C LEU A 16 -2.47 -2.43 20.65
N GLY A 27 -11.18 9.59 24.60
CA GLY A 27 -11.93 8.66 25.42
C GLY A 27 -11.33 8.53 26.82
N LEU A 28 -12.04 7.77 27.65
CA LEU A 28 -11.55 7.48 28.99
C LEU A 28 -10.30 6.60 28.93
N ARG A 29 -9.43 6.78 29.92
CA ARG A 29 -8.35 5.83 30.19
C ARG A 29 -8.89 4.69 31.03
N LEU A 30 -9.10 3.53 30.41
CA LEU A 30 -9.64 2.37 31.08
C LEU A 30 -8.56 1.37 31.49
N GLU A 31 -7.29 1.68 31.24
CA GLU A 31 -6.16 0.96 31.81
C GLU A 31 -5.18 1.96 32.42
N LEU A 32 -4.67 1.63 33.60
CA LEU A 32 -3.69 2.49 34.25
C LEU A 32 -2.39 2.53 33.45
N ALA A 33 -1.76 3.72 33.47
CA ALA A 33 -0.61 3.96 32.60
C ALA A 33 0.52 2.97 32.85
N VAL A 34 0.80 2.66 34.12
CA VAL A 34 1.86 1.71 34.43
C VAL A 34 1.52 0.31 33.93
N ASP A 35 0.27 -0.11 34.10
CA ASP A 35 -0.14 -1.44 33.64
C ASP A 35 -0.09 -1.56 32.12
N LYS A 36 -0.52 -0.51 31.42
CA LYS A 36 -0.41 -0.47 29.97
C LYS A 36 1.05 -0.47 29.50
N MET A 37 1.90 0.32 30.16
CA MET A 37 3.32 0.37 29.81
C MET A 37 4.01 -0.98 30.00
N VAL A 38 3.78 -1.63 31.15
CA VAL A 38 4.33 -2.97 31.37
C VAL A 38 3.87 -3.95 30.31
N THR A 39 2.59 -3.91 29.94
CA THR A 39 2.07 -4.80 28.90
C THR A 39 2.75 -4.55 27.56
N CYS A 40 2.96 -3.29 27.19
CA CYS A 40 3.63 -2.99 25.92
C CYS A 40 5.05 -3.51 25.87
N ILE A 41 5.80 -3.38 26.97
CA ILE A 41 7.16 -3.94 27.01
C ILE A 41 7.11 -5.46 27.00
N ALA A 42 6.30 -6.06 27.87
CA ALA A 42 6.29 -7.51 28.03
C ALA A 42 5.87 -8.22 26.75
N VAL A 43 4.84 -7.71 26.06
CA VAL A 43 4.40 -8.29 24.81
C VAL A 43 5.27 -7.86 23.63
N GLY A 44 5.70 -6.60 23.61
CA GLY A 44 6.39 -6.09 22.44
C GLY A 44 7.82 -6.60 22.28
N LEU A 45 8.55 -6.75 23.38
CA LEU A 45 9.96 -7.14 23.29
C LEU A 45 10.19 -8.49 22.63
N PRO A 46 9.50 -9.59 22.98
CA PRO A 46 9.71 -10.84 22.24
C PRO A 46 9.50 -10.72 20.74
N LEU A 47 8.54 -9.90 20.30
CA LEU A 47 8.26 -9.78 18.87
C LEU A 47 9.38 -9.06 18.14
N LEU A 48 9.97 -8.05 18.77
CA LEU A 48 11.20 -7.45 18.24
C LEU A 48 12.35 -8.45 18.18
N LEU A 49 12.59 -9.18 19.27
CA LEU A 49 13.71 -10.11 19.32
C LEU A 49 13.57 -11.26 18.33
N ILE A 50 12.35 -11.77 18.13
CA ILE A 50 12.11 -12.72 17.05
C ILE A 50 12.50 -12.11 15.70
N SER A 51 12.03 -10.89 15.44
CA SER A 51 12.28 -10.25 14.16
C SER A 51 13.78 -10.01 13.93
N LEU A 52 14.49 -9.62 14.98
CA LEU A 52 15.95 -9.44 14.86
C LEU A 52 16.69 -10.74 14.66
N ALA A 53 16.22 -11.84 15.27
CA ALA A 53 16.92 -13.11 15.16
C ALA A 53 16.99 -13.62 13.72
N PHE A 54 16.05 -13.22 12.86
CA PHE A 54 16.04 -13.64 11.47
C PHE A 54 16.26 -12.49 10.49
N ALA A 55 16.75 -11.35 10.97
CA ALA A 55 17.11 -10.25 10.08
C ALA A 55 18.15 -10.69 9.06
N GLN A 56 17.97 -10.24 7.81
CA GLN A 56 18.89 -10.62 6.73
C GLN A 56 20.29 -10.08 6.97
N GLU A 57 20.42 -8.99 7.72
CA GLU A 57 21.73 -8.48 8.11
C GLU A 57 22.53 -9.51 8.90
N ILE A 58 21.84 -10.36 9.65
CA ILE A 58 22.51 -11.31 10.53
C ILE A 58 22.35 -12.76 10.05
N SER A 59 21.30 -13.07 9.29
CA SER A 59 21.05 -14.41 8.82
C SER A 59 21.97 -14.76 7.64
N ILE A 60 22.34 -16.04 7.56
CA ILE A 60 23.10 -16.55 6.43
C ILE A 60 22.26 -17.49 5.56
N GLY A 61 20.94 -17.41 5.67
CA GLY A 61 20.04 -18.01 4.73
C GLY A 61 19.57 -19.42 5.03
N THR A 62 20.07 -20.08 6.08
CA THR A 62 19.53 -21.38 6.43
C THR A 62 19.68 -21.63 7.93
N GLN A 63 18.75 -22.43 8.47
CA GLN A 63 18.78 -22.74 9.89
C GLN A 63 19.72 -23.87 10.22
N ILE A 64 19.95 -24.79 9.28
CA ILE A 64 20.75 -25.99 9.53
C ILE A 64 21.63 -26.26 8.31
N SER A 65 22.84 -26.76 8.56
CA SER A 65 23.69 -27.29 7.52
C SER A 65 24.35 -28.57 8.02
N CYS A 66 24.43 -29.57 7.14
CA CYS A 66 25.08 -30.84 7.45
C CYS A 66 26.20 -31.09 6.44
N PHE A 67 27.30 -31.68 6.90
CA PHE A 67 28.45 -31.96 6.04
C PHE A 67 28.23 -33.29 5.33
N SER A 68 27.66 -33.23 4.12
CA SER A 68 27.54 -34.40 3.27
C SER A 68 28.89 -34.75 2.63
N PRO A 69 29.10 -36.02 2.29
CA PRO A 69 30.36 -36.40 1.65
C PRO A 69 30.46 -35.89 0.23
N SER A 70 31.70 -35.88 -0.28
CA SER A 70 31.99 -35.25 -1.56
C SER A 70 31.35 -35.99 -2.73
N SER A 71 31.08 -37.29 -2.56
CA SER A 71 30.45 -38.09 -3.60
C SER A 71 28.95 -37.84 -3.72
N PHE A 72 28.30 -37.26 -2.70
CA PHE A 72 26.88 -36.98 -2.80
C PHE A 72 26.62 -35.89 -3.83
N SER A 73 25.59 -36.12 -4.65
CA SER A 73 25.08 -35.11 -5.55
C SER A 73 24.46 -33.95 -4.77
N TRP A 74 24.21 -32.85 -5.49
CA TRP A 74 23.62 -31.66 -4.88
C TRP A 74 22.27 -31.95 -4.26
N ARG A 75 21.44 -32.77 -4.92
CA ARG A 75 20.14 -33.13 -4.37
C ARG A 75 20.22 -34.12 -3.22
N GLN A 76 21.19 -35.04 -3.24
CA GLN A 76 21.42 -35.89 -2.09
C GLN A 76 21.82 -35.11 -0.84
N ALA A 77 22.70 -34.12 -0.99
CA ALA A 77 23.06 -33.26 0.15
C ALA A 77 21.88 -32.42 0.61
N ALA A 78 21.06 -31.93 -0.31
CA ALA A 78 19.82 -31.24 0.06
C ALA A 78 18.84 -32.14 0.80
N PHE A 79 18.82 -33.43 0.48
CA PHE A 79 18.00 -34.38 1.23
C PHE A 79 18.48 -34.52 2.67
N VAL A 80 19.80 -34.65 2.88
CA VAL A 80 20.34 -34.79 4.23
C VAL A 80 19.95 -33.60 5.10
N ASP A 81 20.12 -32.38 4.60
CA ASP A 81 19.74 -31.20 5.38
C ASP A 81 18.25 -31.21 5.71
N SER A 82 17.40 -31.51 4.73
CA SER A 82 15.95 -31.54 4.99
C SER A 82 15.55 -32.66 5.93
N TYR A 83 16.13 -33.86 5.76
CA TYR A 83 15.83 -34.97 6.66
C TYR A 83 16.23 -34.68 8.10
N CYS A 84 17.44 -34.16 8.29
CA CYS A 84 17.94 -33.90 9.64
C CYS A 84 17.20 -32.77 10.32
N TRP A 85 16.71 -31.79 9.57
CA TRP A 85 15.81 -30.80 10.14
C TRP A 85 14.54 -31.44 10.69
N ALA A 86 13.98 -32.42 9.97
CA ALA A 86 12.86 -33.19 10.49
C ALA A 86 13.29 -34.13 11.61
N ALA A 87 14.48 -34.74 11.49
CA ALA A 87 14.93 -35.72 12.47
C ALA A 87 15.19 -35.11 13.85
N VAL A 88 15.34 -33.78 13.93
CA VAL A 88 15.50 -33.10 15.21
C VAL A 88 14.41 -33.48 16.21
N GLN A 89 13.21 -33.81 15.72
CA GLN A 89 12.13 -34.27 16.58
C GLN A 89 12.15 -35.77 16.86
N GLN A 90 12.99 -36.54 16.17
CA GLN A 90 12.79 -37.98 16.04
C GLN A 90 13.93 -38.74 16.74
N LYS A 91 13.69 -39.10 18.00
CA LYS A 91 14.74 -39.59 18.89
C LYS A 91 15.51 -40.77 18.30
N SER A 92 14.84 -41.60 17.50
CA SER A 92 15.44 -42.81 16.96
C SER A 92 16.59 -42.54 15.99
N SER A 93 16.78 -41.30 15.55
CA SER A 93 17.78 -40.99 14.54
C SER A 93 18.66 -39.81 14.93
N LEU A 94 18.79 -39.53 16.22
CA LEU A 94 19.63 -38.45 16.72
C LEU A 94 20.68 -38.98 17.68
N GLN A 95 21.80 -38.28 17.75
CA GLN A 95 22.75 -38.44 18.85
C GLN A 95 23.39 -37.09 19.11
N SER A 96 23.74 -36.84 20.37
CA SER A 96 24.30 -35.55 20.77
C SER A 96 25.07 -35.71 22.06
N GLU A 97 25.83 -34.67 22.41
CA GLU A 97 26.56 -34.63 23.67
C GLU A 97 25.64 -34.63 24.88
N SER A 98 24.36 -34.35 24.70
CA SER A 98 23.37 -34.37 25.77
C SER A 98 22.09 -34.99 25.22
N GLY A 99 20.99 -34.83 25.94
CA GLY A 99 19.71 -35.29 25.46
C GLY A 99 19.25 -34.56 24.22
N ASN A 100 18.07 -34.96 23.74
CA ASN A 100 17.51 -34.34 22.55
C ASN A 100 16.78 -33.04 22.86
N LEU A 101 16.48 -32.78 24.13
CA LEU A 101 15.74 -31.57 24.54
C LEU A 101 16.32 -30.28 24.00
N PRO A 102 17.64 -30.00 24.13
CA PRO A 102 18.18 -28.76 23.53
C PRO A 102 17.86 -28.58 22.05
N LEU A 103 17.88 -29.65 21.27
CA LEU A 103 17.63 -29.54 19.84
C LEU A 103 16.21 -29.10 19.54
N TRP A 104 15.23 -29.57 20.32
CA TRP A 104 13.87 -29.08 20.21
C TRP A 104 13.77 -27.60 20.54
N LEU A 105 14.41 -27.18 21.62
CA LEU A 105 14.38 -25.77 22.02
C LEU A 105 15.07 -24.88 21.00
N HIS A 106 16.19 -25.33 20.45
CA HIS A 106 16.87 -24.58 19.39
C HIS A 106 16.00 -24.44 18.14
N LYS A 107 15.29 -25.50 17.75
CA LYS A 107 14.39 -25.40 16.61
C LYS A 107 13.19 -24.48 16.88
N PHE A 108 12.54 -24.64 18.03
CA PHE A 108 11.28 -23.96 18.30
C PHE A 108 11.42 -22.66 19.08
N PHE A 109 12.63 -22.15 19.28
CA PHE A 109 12.88 -20.86 19.92
C PHE A 109 11.95 -19.75 19.41
N PRO A 110 11.72 -19.61 18.09
CA PRO A 110 10.77 -18.57 17.64
C PRO A 110 9.35 -18.76 18.13
N TYR A 111 8.84 -19.98 18.16
CA TYR A 111 7.49 -20.24 18.66
C TYR A 111 7.39 -20.03 20.17
N ILE A 112 8.44 -20.37 20.91
CA ILE A 112 8.43 -20.19 22.36
C ILE A 112 8.35 -18.71 22.75
N LEU A 113 9.13 -17.86 22.08
CA LEU A 113 9.00 -16.42 22.34
C LEU A 113 7.63 -15.89 21.92
N LEU A 114 7.10 -16.37 20.80
CA LEU A 114 5.75 -15.99 20.39
C LEU A 114 4.71 -16.40 21.43
N LEU A 115 4.85 -17.61 22.00
CA LEU A 115 3.94 -18.07 23.03
C LEU A 115 3.94 -17.16 24.26
N PHE A 116 5.11 -16.72 24.72
CA PHE A 116 5.17 -15.78 25.83
C PHE A 116 4.49 -14.45 25.49
N ALA A 117 4.74 -13.93 24.29
CA ALA A 117 4.08 -12.68 23.87
C ALA A 117 2.57 -12.81 23.93
N ILE A 118 2.02 -13.92 23.43
CA ILE A 118 0.57 -14.14 23.48
C ILE A 118 0.08 -14.27 24.91
N LEU A 119 0.71 -15.14 25.70
CA LEU A 119 0.25 -15.36 27.07
C LEU A 119 0.29 -14.10 27.92
N LEU A 120 1.21 -13.18 27.64
CA LEU A 120 1.26 -11.91 28.34
C LEU A 120 0.22 -10.90 27.86
N TYR A 121 -0.31 -11.09 26.65
CA TYR A 121 -1.38 -10.22 26.15
C TYR A 121 -2.75 -10.63 26.66
N LEU A 122 -2.98 -11.91 26.89
CA LEU A 122 -4.31 -12.38 27.29
C LEU A 122 -4.87 -11.73 28.56
N PRO A 123 -4.09 -11.46 29.62
CA PRO A 123 -4.65 -10.72 30.76
C PRO A 123 -5.18 -9.33 30.39
N ALA A 124 -4.49 -8.59 29.54
CA ALA A 124 -4.99 -7.30 29.09
C ALA A 124 -6.25 -7.44 28.25
N LEU A 125 -6.26 -8.41 27.34
CA LEU A 125 -7.45 -8.68 26.54
C LEU A 125 -8.65 -9.07 27.40
N PHE A 126 -8.43 -9.87 28.44
CA PHE A 126 -9.51 -10.20 29.37
C PHE A 126 -10.04 -8.97 30.12
N TRP A 127 -9.15 -8.09 30.58
CA TRP A 127 -9.60 -6.86 31.23
C TRP A 127 -10.45 -6.01 30.28
N ARG A 128 -9.98 -5.86 29.03
CA ARG A 128 -10.75 -5.13 28.02
C ARG A 128 -12.08 -5.80 27.72
N PHE A 129 -12.17 -7.12 27.87
CA PHE A 129 -13.41 -7.84 27.60
C PHE A 129 -14.36 -7.84 28.80
N SER A 130 -13.85 -8.10 30.01
CA SER A 130 -14.69 -8.46 31.13
C SER A 130 -14.89 -7.36 32.17
N ALA A 131 -14.07 -6.34 32.17
CA ALA A 131 -14.13 -5.31 33.22
C ALA A 131 -14.27 -3.90 32.66
N ALA A 132 -13.51 -3.56 31.62
CA ALA A 132 -13.57 -2.21 31.06
C ALA A 132 -14.96 -1.73 30.67
N PRO A 133 -15.86 -2.54 30.11
CA PRO A 133 -17.21 -2.02 29.79
C PRO A 133 -17.97 -1.50 30.99
N HIS A 134 -18.00 -2.25 32.10
CA HIS A 134 -18.68 -1.79 33.29
C HIS A 134 -18.03 -0.54 33.87
N LEU A 135 -16.70 -0.56 34.02
CA LEU A 135 -15.97 0.60 34.52
C LEU A 135 -16.18 1.83 33.66
N CYS A 136 -16.20 1.68 32.34
CA CYS A 136 -16.44 2.82 31.45
C CYS A 136 -17.79 3.48 31.70
N SER A 137 -18.85 2.67 31.81
CA SER A 137 -20.18 3.22 32.08
C SER A 137 -20.25 3.96 33.42
N ASP A 138 -19.52 3.47 34.43
CA ASP A 138 -19.49 4.17 35.71
C ASP A 138 -18.67 5.46 35.66
N LEU A 139 -17.48 5.42 35.07
CA LEU A 139 -16.65 6.61 34.98
C LEU A 139 -17.31 7.72 34.17
N LYS A 140 -18.00 7.35 33.09
CA LYS A 140 -18.78 8.34 32.33
C LYS A 140 -19.81 9.05 33.22
N PHE A 141 -20.52 8.29 34.05
CA PHE A 141 -21.48 8.88 34.97
C PHE A 141 -20.81 9.72 36.05
N ILE A 142 -19.85 9.13 36.77
CA ILE A 142 -19.27 9.78 37.94
C ILE A 142 -18.58 11.10 37.57
N MET A 143 -17.84 11.11 36.47
CA MET A 143 -17.12 12.31 36.07
C MET A 143 -18.05 13.46 35.71
N GLU A 144 -19.13 13.19 34.98
CA GLU A 144 -20.06 14.24 34.59
C GLU A 144 -20.82 14.83 35.79
N GLU A 145 -21.12 14.01 36.79
CA GLU A 145 -21.72 14.52 38.02
C GLU A 145 -20.72 15.22 38.93
N LEU A 146 -19.47 14.77 38.97
CA LEU A 146 -18.42 15.49 39.67
C LEU A 146 -18.17 16.87 39.07
N ASP A 147 -18.23 16.97 37.74
CA ASP A 147 -18.07 18.27 37.09
C ASP A 147 -19.12 19.27 37.56
N LYS A 148 -20.36 18.83 37.73
CA LYS A 148 -21.40 19.70 38.29
C LYS A 148 -21.09 20.13 39.72
N VAL A 149 -20.61 19.20 40.54
CA VAL A 149 -20.20 19.53 41.92
C VAL A 149 -19.07 20.56 41.92
N TYR A 150 -18.06 20.39 41.07
CA TYR A 150 -16.95 21.34 41.03
C TYR A 150 -17.38 22.71 40.52
N ASN A 151 -18.19 22.76 39.45
CA ASN A 151 -18.68 24.04 38.94
C ASN A 151 -19.50 24.79 40.00
N ARG A 152 -20.30 24.07 40.78
CA ARG A 152 -21.01 24.70 41.90
C ARG A 152 -20.05 25.24 42.95
N ALA A 153 -19.03 24.47 43.31
CA ALA A 153 -18.03 24.93 44.27
C ALA A 153 -17.25 26.14 43.78
N ILE A 154 -16.93 26.18 42.48
CA ILE A 154 -16.27 27.36 41.91
C ILE A 154 -17.16 28.59 42.01
N LYS A 155 -18.43 28.47 41.62
CA LYS A 155 -19.34 29.61 41.70
C LYS A 155 -19.53 30.10 43.12
N ALA A 156 -19.58 29.19 44.10
CA ALA A 156 -19.62 29.60 45.50
C ALA A 156 -18.35 30.35 45.91
N ALA A 157 -17.18 29.78 45.61
CA ALA A 157 -15.93 30.44 45.97
C ALA A 157 -15.75 31.77 45.24
N LYS A 158 -16.05 31.81 43.95
CA LYS A 158 -15.95 33.06 43.20
C LYS A 158 -16.92 34.12 43.70
N SER A 159 -18.10 33.71 44.17
CA SER A 159 -19.02 34.67 44.77
C SER A 159 -18.57 35.11 46.17
N ALA A 160 -18.04 34.17 46.96
CA ALA A 160 -17.63 34.51 48.32
C ALA A 160 -16.30 35.24 48.38
N ARG A 161 -15.43 35.05 47.41
CA ARG A 161 -14.06 35.56 47.51
C ARG A 161 -13.55 35.97 46.13
N ASP A 162 -14.36 36.73 45.41
CA ASP A 162 -14.02 37.25 44.09
C ASP A 162 -13.48 36.18 43.14
N PRO A 193 -25.31 15.22 46.42
CA PRO A 193 -24.65 14.20 47.24
C PRO A 193 -24.74 12.81 46.63
N ILE A 194 -25.40 12.71 45.48
CA ILE A 194 -25.65 11.42 44.85
C ILE A 194 -24.35 10.69 44.57
N VAL A 195 -23.30 11.44 44.18
CA VAL A 195 -22.00 10.84 43.91
C VAL A 195 -21.39 10.25 45.18
N GLU A 196 -21.43 11.01 46.27
CA GLU A 196 -20.93 10.49 47.55
C GLU A 196 -21.67 9.22 47.96
N GLN A 197 -23.00 9.23 47.87
CA GLN A 197 -23.78 8.04 48.18
C GLN A 197 -23.43 6.88 47.25
N TYR A 198 -23.31 7.15 45.95
CA TYR A 198 -23.00 6.09 44.98
C TYR A 198 -21.60 5.51 45.20
N LEU A 199 -20.60 6.38 45.35
CA LEU A 199 -19.24 5.90 45.59
C LEU A 199 -19.13 5.10 46.89
N LYS A 200 -19.84 5.52 47.94
CA LYS A 200 -19.89 4.73 49.17
C LYS A 200 -20.48 3.34 48.97
N THR A 201 -21.27 3.12 47.92
CA THR A 201 -21.70 1.75 47.60
C THR A 201 -20.56 0.91 47.06
N LYS A 202 -19.59 1.52 46.37
CA LYS A 202 -18.57 0.75 45.67
C LYS A 202 -17.61 0.04 46.64
N LYS A 203 -17.34 0.64 47.80
CA LYS A 203 -16.49 0.00 48.79
C LYS A 203 -17.12 -1.23 49.41
N ASN A 204 -18.42 -1.47 49.19
CA ASN A 204 -19.07 -2.70 49.59
C ASN A 204 -18.96 -3.83 48.56
N SER A 205 -18.51 -3.54 47.34
CA SER A 205 -18.72 -4.47 46.23
C SER A 205 -17.59 -5.46 46.04
N SER A 206 -16.34 -4.99 46.08
CA SER A 206 -15.16 -5.84 45.85
C SER A 206 -15.29 -6.72 44.62
N HIS A 207 -16.06 -6.26 43.62
CA HIS A 207 -16.25 -7.00 42.38
C HIS A 207 -15.07 -6.86 41.44
N LEU A 208 -14.74 -5.62 41.06
CA LEU A 208 -13.69 -5.38 40.07
C LEU A 208 -12.29 -5.62 40.62
N ILE A 209 -12.09 -5.44 41.93
CA ILE A 209 -10.78 -5.65 42.53
C ILE A 209 -10.30 -7.09 42.32
N MET A 210 -11.20 -8.07 42.35
CA MET A 210 -10.80 -9.44 42.05
C MET A 210 -10.39 -9.60 40.58
N LYS A 211 -11.17 -9.03 39.66
CA LYS A 211 -10.79 -9.06 38.25
C LYS A 211 -9.45 -8.37 37.99
N TYR A 212 -9.21 -7.24 38.64
CA TYR A 212 -7.95 -6.52 38.46
C TYR A 212 -6.76 -7.28 39.02
N ILE A 213 -6.83 -7.67 40.29
CA ILE A 213 -5.70 -8.33 40.94
C ILE A 213 -5.36 -9.66 40.27
N SER A 214 -6.37 -10.41 39.82
CA SER A 214 -6.10 -11.63 39.09
C SER A 214 -5.43 -11.38 37.74
N CYS A 215 -5.78 -10.30 37.05
CA CYS A 215 -5.07 -9.95 35.83
C CYS A 215 -3.61 -9.59 36.10
N ARG A 216 -3.35 -8.86 37.17
CA ARG A 216 -1.98 -8.58 37.60
C ARG A 216 -1.24 -9.86 37.98
N LEU A 217 -1.89 -10.72 38.75
CA LEU A 217 -1.26 -11.94 39.25
C LEU A 217 -0.90 -12.92 38.13
N VAL A 218 -1.78 -13.09 37.14
CA VAL A 218 -1.42 -13.92 35.98
C VAL A 218 -0.24 -13.34 35.22
N THR A 219 -0.21 -12.02 35.02
CA THR A 219 0.92 -11.38 34.36
C THR A 219 2.23 -11.64 35.11
N PHE A 220 2.21 -11.53 36.43
CA PHE A 220 3.38 -11.84 37.25
C PHE A 220 3.87 -13.28 37.06
N VAL A 221 2.95 -14.25 37.13
CA VAL A 221 3.33 -15.66 36.99
C VAL A 221 3.94 -15.95 35.62
N VAL A 222 3.34 -15.44 34.55
CA VAL A 222 3.87 -15.70 33.22
C VAL A 222 5.25 -15.07 33.01
N ILE A 223 5.46 -13.86 33.52
CA ILE A 223 6.79 -13.24 33.45
C ILE A 223 7.81 -14.05 34.24
N LEU A 224 7.43 -14.55 35.42
CA LEU A 224 8.34 -15.36 36.22
C LEU A 224 8.71 -16.66 35.54
N LEU A 225 7.73 -17.36 34.96
CA LEU A 225 8.00 -18.59 34.23
C LEU A 225 8.88 -18.35 32.99
N ALA A 226 8.64 -17.24 32.28
CA ALA A 226 9.50 -16.87 31.15
C ALA A 226 10.94 -16.61 31.58
N CYS A 227 11.14 -15.97 32.73
CA CYS A 227 12.49 -15.78 33.26
C CYS A 227 13.18 -17.11 33.57
N ILE A 228 12.45 -18.06 34.14
CA ILE A 228 13.02 -19.38 34.43
C ILE A 228 13.44 -20.09 33.14
N TYR A 229 12.58 -20.06 32.11
CA TYR A 229 12.93 -20.65 30.82
C TYR A 229 14.14 -19.96 30.18
N LEU A 230 14.09 -18.63 30.08
CA LEU A 230 15.15 -17.90 29.36
C LEU A 230 16.51 -18.06 30.04
N SER A 231 16.55 -18.08 31.36
CA SER A 231 17.81 -18.34 32.06
C SER A 231 18.31 -19.76 31.85
N TYR A 232 17.40 -20.74 31.79
CA TYR A 232 17.79 -22.10 31.41
C TYR A 232 18.33 -22.17 29.98
N TYR A 233 17.59 -21.60 29.02
CA TYR A 233 18.01 -21.66 27.62
C TYR A 233 19.33 -20.95 27.39
N PHE A 234 19.56 -19.82 28.07
CA PHE A 234 20.86 -19.16 28.00
C PHE A 234 21.97 -20.01 28.60
N SER A 235 21.65 -20.86 29.59
CA SER A 235 22.68 -21.67 30.23
C SER A 235 23.14 -22.86 29.40
N LEU A 236 22.40 -23.25 28.37
CA LEU A 236 22.78 -24.40 27.57
C LEU A 236 24.13 -24.17 26.87
N SER A 237 24.93 -25.24 26.83
CA SER A 237 26.23 -25.17 26.16
C SER A 237 26.09 -24.73 24.72
N SER A 238 27.01 -23.87 24.27
CA SER A 238 26.95 -23.37 22.90
C SER A 238 27.08 -24.48 21.86
N LEU A 239 27.88 -25.51 22.15
CA LEU A 239 28.01 -26.67 21.29
C LEU A 239 26.82 -27.63 21.32
N SER A 240 25.78 -27.34 22.11
CA SER A 240 24.52 -28.07 21.94
C SER A 240 23.83 -27.77 20.62
N ASP A 241 24.33 -26.81 19.84
CA ASP A 241 23.87 -26.58 18.48
C ASP A 241 24.37 -27.64 17.49
N GLU A 242 25.33 -28.47 17.87
CA GLU A 242 25.83 -29.53 17.03
C GLU A 242 25.26 -30.87 17.45
N PHE A 243 24.83 -31.67 16.47
CA PHE A 243 24.31 -33.01 16.72
C PHE A 243 24.67 -33.91 15.55
N LEU A 244 24.59 -35.22 15.79
CA LEU A 244 24.80 -36.24 14.76
C LEU A 244 23.49 -36.80 14.27
N CYS A 245 23.33 -36.86 12.95
CA CYS A 245 22.11 -37.29 12.28
C CYS A 245 22.40 -38.53 11.44
N SER A 246 21.38 -39.39 11.29
CA SER A 246 21.46 -40.52 10.39
C SER A 246 20.20 -40.66 9.55
N ILE A 247 20.40 -40.90 8.25
CA ILE A 247 19.29 -41.10 7.31
C ILE A 247 18.98 -42.58 7.08
N LYS A 248 19.75 -43.49 7.68
CA LYS A 248 19.62 -44.92 7.44
C LYS A 248 18.44 -45.55 8.15
N SER A 249 17.24 -45.03 7.93
CA SER A 249 16.03 -45.56 8.55
C SER A 249 15.46 -46.73 7.76
N GLY A 250 15.09 -46.51 6.50
CA GLY A 250 14.33 -47.50 5.75
C GLY A 250 15.12 -48.27 4.72
N VAL A 251 14.79 -48.08 3.43
CA VAL A 251 15.51 -48.75 2.35
C VAL A 251 16.99 -48.37 2.36
N LEU A 252 17.32 -47.19 2.87
CA LEU A 252 18.71 -46.74 2.95
C LEU A 252 19.51 -47.50 4.01
N LYS A 253 18.86 -48.26 4.88
CA LYS A 253 19.52 -48.86 6.03
C LYS A 253 20.70 -49.76 5.65
N ASN A 254 20.61 -50.43 4.50
CA ASN A 254 21.67 -51.32 4.06
C ASN A 254 22.69 -50.68 3.13
N ASP A 255 22.51 -49.41 2.74
CA ASP A 255 23.34 -48.81 1.70
C ASP A 255 24.70 -48.48 2.29
N SER A 256 25.75 -49.17 1.82
CA SER A 256 27.12 -48.98 2.29
C SER A 256 27.74 -47.68 1.79
N THR A 257 27.15 -47.03 0.79
CA THR A 257 27.69 -45.79 0.26
C THR A 257 27.34 -44.57 1.10
N ILE A 258 26.43 -44.71 2.06
CA ILE A 258 25.99 -43.60 2.90
C ILE A 258 26.71 -43.71 4.25
N PRO A 259 27.30 -42.64 4.75
CA PRO A 259 27.94 -42.69 6.08
C PRO A 259 26.91 -42.85 7.18
N ASP A 260 27.33 -43.49 8.27
CA ASP A 260 26.41 -43.80 9.37
C ASP A 260 25.98 -42.55 10.13
N ARG A 261 26.83 -41.53 10.23
CA ARG A 261 26.47 -40.28 10.87
C ARG A 261 26.87 -39.08 10.01
N PHE A 262 26.00 -38.09 9.97
CA PHE A 262 26.31 -36.79 9.39
C PHE A 262 26.46 -35.75 10.49
N GLN A 263 27.52 -34.96 10.43
CA GLN A 263 27.66 -33.80 11.30
C GLN A 263 26.71 -32.70 10.85
N CYS A 264 25.83 -32.25 11.73
CA CYS A 264 24.94 -31.13 11.46
C CYS A 264 25.16 -30.03 12.48
N LYS A 265 24.93 -28.78 12.07
CA LYS A 265 24.94 -27.65 13.00
C LYS A 265 23.74 -26.74 12.78
N LEU A 266 23.12 -26.33 13.88
CA LEU A 266 22.05 -25.34 13.88
C LEU A 266 22.67 -23.94 13.94
N ILE A 267 22.56 -23.19 12.85
CA ILE A 267 23.44 -22.04 12.61
C ILE A 267 23.06 -20.83 13.47
N ALA A 268 21.78 -20.63 13.74
CA ALA A 268 21.30 -19.44 14.43
C ALA A 268 21.36 -19.52 15.96
N VAL A 269 21.67 -20.68 16.52
CA VAL A 269 21.50 -20.91 17.96
C VAL A 269 22.31 -19.91 18.78
N GLY A 270 23.50 -19.54 18.32
CA GLY A 270 24.30 -18.55 19.04
C GLY A 270 23.66 -17.18 19.12
N ILE A 271 22.85 -16.82 18.13
CA ILE A 271 22.07 -15.59 18.17
C ILE A 271 20.88 -15.72 19.12
N PHE A 272 20.19 -16.86 19.09
CA PHE A 272 19.05 -17.09 19.97
C PHE A 272 19.44 -16.99 21.44
N GLN A 273 20.55 -17.61 21.83
CA GLN A 273 21.01 -17.53 23.21
C GLN A 273 21.39 -16.11 23.59
N LEU A 274 22.06 -15.38 22.70
CA LEU A 274 22.36 -13.97 22.93
C LEU A 274 21.11 -13.15 23.19
N LEU A 275 20.12 -13.24 22.29
CA LEU A 275 18.89 -12.48 22.46
C LEU A 275 18.06 -12.96 23.65
N SER A 276 18.23 -14.20 24.07
CA SER A 276 17.58 -14.66 25.30
C SER A 276 18.08 -13.94 26.53
N LEU A 277 19.38 -13.57 26.56
CA LEU A 277 19.90 -12.77 27.66
C LEU A 277 19.27 -11.39 27.72
N ILE A 278 19.08 -10.75 26.58
CA ILE A 278 18.40 -9.45 26.54
C ILE A 278 16.99 -9.55 27.09
N ASN A 279 16.23 -10.56 26.64
CA ASN A 279 14.87 -10.75 27.14
C ASN A 279 14.83 -11.03 28.63
N LEU A 280 15.73 -11.87 29.13
CA LEU A 280 15.81 -12.17 30.56
C LEU A 280 16.10 -10.92 31.39
N ILE A 281 17.04 -10.10 30.95
CA ILE A 281 17.36 -8.85 31.66
C ILE A 281 16.14 -7.95 31.82
N VAL A 282 15.43 -7.70 30.72
CA VAL A 282 14.28 -6.79 30.77
C VAL A 282 13.15 -7.36 31.62
N TYR A 283 12.84 -8.65 31.45
CA TYR A 283 11.78 -9.25 32.26
C TYR A 283 12.11 -9.27 33.75
N ALA A 284 13.39 -9.45 34.10
CA ALA A 284 13.79 -9.32 35.50
C ALA A 284 13.58 -7.91 36.03
N LEU A 285 13.74 -6.89 35.19
CA LEU A 285 13.43 -5.52 35.60
C LEU A 285 11.93 -5.23 35.66
N LEU A 286 11.11 -5.94 34.90
CA LEU A 286 9.66 -5.78 35.02
C LEU A 286 9.10 -6.36 36.30
N ILE A 287 9.71 -7.41 36.85
CA ILE A 287 9.15 -8.07 38.03
C ILE A 287 8.93 -7.11 39.20
N PRO A 288 9.91 -6.29 39.63
CA PRO A 288 9.62 -5.28 40.66
C PRO A 288 8.46 -4.35 40.34
N VAL A 289 8.33 -3.91 39.09
CA VAL A 289 7.25 -3.01 38.72
C VAL A 289 5.89 -3.69 38.83
N VAL A 290 5.78 -4.93 38.36
CA VAL A 290 4.52 -5.67 38.46
C VAL A 290 4.11 -5.88 39.91
N VAL A 291 5.06 -6.26 40.77
CA VAL A 291 4.76 -6.45 42.19
C VAL A 291 4.24 -5.17 42.82
N TYR A 292 4.83 -4.03 42.49
CA TYR A 292 4.33 -2.74 42.97
C TYR A 292 2.87 -2.50 42.60
N THR A 293 2.42 -3.00 41.45
CA THR A 293 1.02 -2.85 41.06
C THR A 293 0.04 -3.63 41.92
N PHE A 294 0.50 -4.57 42.77
CA PHE A 294 -0.40 -5.14 43.75
C PHE A 294 -0.70 -4.18 44.91
N PHE A 295 0.26 -3.35 45.28
CA PHE A 295 0.12 -2.51 46.47
C PHE A 295 -0.29 -1.06 46.15
N ILE A 296 -0.20 -0.65 44.90
CA ILE A 296 -0.72 0.65 44.46
C ILE A 296 -2.19 0.83 44.84
N PRO A 297 -3.10 -0.15 44.72
CA PRO A 297 -4.47 0.11 45.20
C PRO A 297 -4.58 0.17 46.72
N PHE A 298 -3.93 -0.75 47.44
CA PHE A 298 -4.18 -0.89 48.87
C PHE A 298 -3.56 0.23 49.69
N ARG A 299 -2.44 0.81 49.23
CA ARG A 299 -1.70 1.73 50.07
C ARG A 299 -1.12 2.91 49.29
N GLN A 300 -0.44 2.63 48.18
CA GLN A 300 0.55 3.57 47.67
C GLN A 300 -0.04 4.59 46.70
N LYS A 301 -1.05 4.20 45.92
CA LYS A 301 -1.60 5.00 44.83
C LYS A 301 -0.56 5.82 44.08
N THR A 313 -17.10 13.62 56.09
CA THR A 313 -15.65 13.72 55.97
C THR A 313 -15.18 13.30 54.58
N PHE A 314 -16.15 13.05 53.69
CA PHE A 314 -15.82 12.66 52.33
C PHE A 314 -15.20 13.83 51.57
N ASP A 315 -14.15 13.54 50.81
CA ASP A 315 -13.42 14.56 50.06
C ASP A 315 -13.56 14.26 48.58
N VAL A 316 -14.10 15.23 47.83
CA VAL A 316 -14.33 15.07 46.40
C VAL A 316 -13.13 15.47 45.55
N LEU A 317 -12.09 16.04 46.15
CA LEU A 317 -10.86 16.37 45.43
C LEU A 317 -9.74 15.36 45.67
N HIS A 318 -9.62 14.82 46.88
CA HIS A 318 -8.50 13.95 47.23
C HIS A 318 -8.96 12.51 47.17
N PHE A 319 -8.74 11.88 46.01
CA PHE A 319 -8.98 10.46 45.83
C PHE A 319 -7.93 9.66 46.58
N LYS A 320 -8.37 8.63 47.31
CA LYS A 320 -7.51 7.96 48.28
C LYS A 320 -7.85 6.48 48.34
N SER A 321 -6.89 5.70 48.79
CA SER A 321 -7.06 4.27 48.97
C SER A 321 -8.02 3.95 50.12
N GLU A 322 -8.81 2.89 49.92
CA GLU A 322 -9.85 2.48 50.85
C GLU A 322 -9.80 0.98 51.13
N GLY A 323 -8.66 0.34 50.92
CA GLY A 323 -8.52 -1.09 51.14
C GLY A 323 -8.79 -1.94 49.91
N TYR A 324 -8.97 -3.23 50.19
CA TYR A 324 -9.35 -4.22 49.20
C TYR A 324 -10.80 -4.06 48.78
N ASN A 325 -11.12 -2.94 48.14
CA ASN A 325 -12.49 -2.54 47.83
C ASN A 325 -12.48 -1.83 46.48
N ASP A 326 -13.57 -2.00 45.73
CA ASP A 326 -13.64 -1.44 44.38
C ASP A 326 -13.46 0.07 44.38
N LEU A 327 -13.84 0.73 45.47
CA LEU A 327 -13.62 2.17 45.58
C LEU A 327 -12.16 2.55 45.43
N SER A 328 -11.25 1.67 45.87
CA SER A 328 -9.83 1.88 45.64
C SER A 328 -9.47 1.87 44.16
N LEU A 329 -10.10 0.98 43.37
CA LEU A 329 -9.90 1.02 41.93
C LEU A 329 -10.48 2.28 41.30
N TYR A 330 -11.73 2.60 41.65
CA TYR A 330 -12.34 3.82 41.14
C TYR A 330 -11.54 5.06 41.50
N ASN A 331 -10.94 5.08 42.69
CA ASN A 331 -10.06 6.17 43.07
C ASN A 331 -8.84 6.27 42.16
N LEU A 332 -8.23 5.13 41.83
CA LEU A 332 -7.11 5.12 40.88
C LEU A 332 -7.56 5.57 39.48
N PHE A 333 -8.65 5.01 38.97
CA PHE A 333 -9.12 5.35 37.63
C PHE A 333 -9.65 6.78 37.53
N LEU A 334 -10.28 7.30 38.58
CA LEU A 334 -10.66 8.71 38.60
C LEU A 334 -9.43 9.62 38.60
N GLU A 335 -8.46 9.33 39.46
CA GLU A 335 -7.26 10.17 39.53
C GLU A 335 -6.53 10.26 38.20
N GLU A 336 -6.58 9.21 37.39
CA GLU A 336 -6.00 9.28 36.05
C GLU A 336 -6.93 9.90 35.01
N ASN A 337 -8.18 10.17 35.37
CA ASN A 337 -9.14 10.78 34.45
C ASN A 337 -9.63 12.14 34.89
N ILE A 338 -9.71 12.41 36.20
CA ILE A 338 -10.34 13.63 36.69
C ILE A 338 -9.55 14.87 36.28
N SER A 339 -8.25 14.73 36.05
CA SER A 339 -7.41 15.85 35.63
C SER A 339 -7.79 16.43 34.28
N GLU A 340 -8.61 15.74 33.49
CA GLU A 340 -9.12 16.31 32.25
C GLU A 340 -10.22 17.34 32.46
N LEU A 341 -10.88 17.34 33.62
CA LEU A 341 -11.94 18.30 33.89
C LEU A 341 -11.37 19.70 34.17
N LYS A 342 -11.86 20.67 33.39
CA LYS A 342 -11.46 22.07 33.56
C LYS A 342 -11.72 22.58 34.97
N SER A 343 -12.89 22.20 35.53
CA SER A 343 -13.28 22.66 36.86
C SER A 343 -12.39 22.06 37.94
N TYR A 344 -11.99 20.80 37.80
CA TYR A 344 -11.02 20.21 38.73
C TYR A 344 -9.70 20.96 38.72
N LYS A 345 -9.19 21.29 37.53
CA LYS A 345 -7.92 22.02 37.45
C LYS A 345 -7.98 23.38 38.15
N CYS A 346 -9.08 24.11 37.97
CA CYS A 346 -9.25 25.39 38.67
C CYS A 346 -9.22 25.23 40.18
N LEU A 347 -9.95 24.24 40.71
CA LEU A 347 -9.96 24.02 42.15
C LEU A 347 -8.59 23.56 42.67
N LYS A 348 -7.88 22.74 41.91
CA LYS A 348 -6.53 22.36 42.29
C LYS A 348 -5.54 23.52 42.23
N VAL A 349 -5.73 24.46 41.30
CA VAL A 349 -4.94 25.69 41.30
C VAL A 349 -5.18 26.49 42.58
N LEU A 350 -6.45 26.68 42.94
CA LEU A 350 -6.78 27.38 44.18
C LEU A 350 -6.22 26.65 45.40
N GLU A 351 -6.30 25.32 45.42
CA GLU A 351 -5.74 24.55 46.53
C GLU A 351 -4.22 24.71 46.63
N ASN A 352 -3.53 24.74 45.49
CA ASN A 352 -2.09 24.97 45.51
C ASN A 352 -1.74 26.38 45.99
N ILE A 353 -2.51 27.39 45.58
CA ILE A 353 -2.30 28.74 46.09
C ILE A 353 -2.55 28.80 47.59
N LYS A 354 -3.67 28.24 48.04
CA LYS A 354 -3.98 28.19 49.47
C LYS A 354 -2.91 27.44 50.26
N SER A 355 -2.31 26.41 49.67
CA SER A 355 -1.21 25.70 50.31
C SER A 355 0.03 26.57 50.48
N ASN A 356 0.20 27.60 49.65
CA ASN A 356 1.40 28.42 49.67
C ASN A 356 1.19 29.85 50.13
N GLY A 357 -0.04 30.35 50.09
CA GLY A 357 -0.26 31.78 50.24
C GLY A 357 -1.66 32.17 50.65
N GLN A 358 -2.32 32.98 49.82
CA GLN A 358 -3.63 33.51 50.17
C GLN A 358 -4.64 32.40 50.41
N GLY A 359 -5.35 32.48 51.54
CA GLY A 359 -6.19 31.40 52.02
C GLY A 359 -7.50 31.24 51.30
N ILE A 360 -7.45 31.05 49.98
CA ILE A 360 -8.66 30.77 49.20
C ILE A 360 -8.99 29.30 49.38
N ASP A 361 -9.65 28.98 50.49
CA ASP A 361 -9.95 27.58 50.83
C ASP A 361 -10.77 26.93 49.72
N PRO A 362 -10.34 25.77 49.20
CA PRO A 362 -11.02 25.09 48.10
C PRO A 362 -12.32 24.42 48.53
N ALA B 2 17.73 2.00 -3.94
CA ALA B 2 17.00 2.08 -2.69
C ALA B 2 17.60 3.14 -1.77
N ILE B 3 18.85 3.51 -2.06
CA ILE B 3 19.54 4.53 -1.25
C ILE B 3 18.77 5.83 -1.25
N ALA B 4 18.18 6.19 -2.40
CA ALA B 4 17.37 7.40 -2.49
C ALA B 4 16.09 7.31 -1.67
N HIS B 5 15.51 6.12 -1.54
CA HIS B 5 14.38 5.93 -0.64
C HIS B 5 14.78 6.08 0.83
N LEU B 6 15.96 5.60 1.19
CA LEU B 6 16.46 5.80 2.55
C LEU B 6 16.62 7.28 2.88
N ALA B 7 17.17 8.07 1.94
CA ALA B 7 17.28 9.51 2.16
C ALA B 7 15.91 10.17 2.29
N THR B 8 14.94 9.75 1.48
CA THR B 8 13.57 10.24 1.60
C THR B 8 12.96 9.87 2.95
N GLU B 9 13.22 8.65 3.43
CA GLU B 9 12.63 8.16 4.67
C GLU B 9 13.29 8.76 5.91
N TYR B 10 14.61 8.89 5.92
CA TYR B 10 15.34 9.27 7.13
C TYR B 10 15.89 10.69 7.14
N VAL B 11 15.79 11.44 6.05
CA VAL B 11 16.32 12.80 6.05
C VAL B 11 15.26 13.80 5.60
N PHE B 12 14.65 13.56 4.45
CA PHE B 12 13.73 14.53 3.85
C PHE B 12 12.29 14.37 4.34
N SER B 13 12.07 13.63 5.43
CA SER B 13 10.74 13.57 6.03
C SER B 13 10.87 13.34 7.52
N ASP B 14 9.85 13.79 8.26
CA ASP B 14 9.85 13.73 9.71
C ASP B 14 9.36 12.37 10.20
N PHE B 15 9.90 11.94 11.34
CA PHE B 15 9.59 10.63 11.89
C PHE B 15 9.78 10.70 13.41
N LEU B 16 9.82 9.54 14.05
CA LEU B 16 9.84 9.46 15.53
C LEU B 16 8.64 10.18 16.13
N GLY B 27 -1.24 21.66 18.74
CA GLY B 27 -1.07 21.36 20.14
C GLY B 27 0.10 22.12 20.75
N LEU B 28 0.23 21.96 22.07
CA LEU B 28 1.36 22.56 22.77
C LEU B 28 2.67 21.89 22.35
N ARG B 29 3.75 22.66 22.39
CA ARG B 29 5.10 22.14 22.33
C ARG B 29 5.53 21.69 23.72
N LEU B 30 5.54 20.38 23.95
CA LEU B 30 5.90 19.80 25.23
C LEU B 30 7.34 19.31 25.28
N GLU B 31 8.10 19.49 24.20
CA GLU B 31 9.54 19.32 24.21
C GLU B 31 10.20 20.54 23.57
N LEU B 32 11.28 21.01 24.17
CA LEU B 32 12.00 22.14 23.62
C LEU B 32 12.64 21.78 22.29
N ALA B 33 12.68 22.76 21.38
CA ALA B 33 13.08 22.52 20.00
C ALA B 33 14.49 21.94 19.92
N VAL B 34 15.43 22.46 20.71
CA VAL B 34 16.79 21.95 20.69
C VAL B 34 16.85 20.50 21.18
N ASP B 35 16.11 20.20 22.25
CA ASP B 35 16.11 18.84 22.78
C ASP B 35 15.49 17.84 21.81
N LYS B 36 14.40 18.24 21.15
CA LYS B 36 13.80 17.41 20.11
C LYS B 36 14.74 17.21 18.92
N MET B 37 15.39 18.30 18.48
CA MET B 37 16.33 18.21 17.37
C MET B 37 17.50 17.27 17.66
N VAL B 38 18.12 17.41 18.84
CA VAL B 38 19.21 16.51 19.24
C VAL B 38 18.74 15.06 19.26
N THR B 39 17.54 14.81 19.79
CA THR B 39 17.00 13.46 19.82
C THR B 39 16.82 12.88 18.40
N CYS B 40 16.29 13.69 17.47
CA CYS B 40 16.12 13.22 16.10
C CYS B 40 17.43 12.86 15.44
N ILE B 41 18.48 13.65 15.63
CA ILE B 41 19.79 13.31 15.08
C ILE B 41 20.37 12.08 15.77
N ALA B 42 20.36 12.07 17.11
CA ALA B 42 21.01 11.01 17.86
C ALA B 42 20.37 9.65 17.59
N VAL B 43 19.04 9.60 17.54
CA VAL B 43 18.34 8.35 17.25
C VAL B 43 18.30 8.06 15.75
N GLY B 44 18.13 9.07 14.92
CA GLY B 44 17.93 8.83 13.50
C GLY B 44 19.18 8.40 12.75
N LEU B 45 20.33 8.98 13.10
CA LEU B 45 21.55 8.69 12.34
C LEU B 45 21.98 7.23 12.36
N PRO B 46 22.03 6.53 13.49
CA PRO B 46 22.35 5.08 13.44
C PRO B 46 21.45 4.28 12.54
N LEU B 47 20.16 4.62 12.47
CA LEU B 47 19.22 3.85 11.65
C LEU B 47 19.49 4.05 10.16
N LEU B 48 19.84 5.27 9.76
CA LEU B 48 20.31 5.52 8.40
C LEU B 48 21.60 4.74 8.10
N LEU B 49 22.58 4.82 8.99
CA LEU B 49 23.86 4.17 8.76
C LEU B 49 23.75 2.65 8.70
N ILE B 50 22.91 2.05 9.55
CA ILE B 50 22.60 0.63 9.40
C ILE B 50 22.03 0.35 8.01
N SER B 51 21.06 1.14 7.59
CA SER B 51 20.41 0.90 6.30
C SER B 51 21.37 1.05 5.14
N LEU B 52 22.28 2.03 5.21
CA LEU B 52 23.29 2.20 4.17
C LEU B 52 24.31 1.06 4.16
N ALA B 53 24.66 0.53 5.33
CA ALA B 53 25.67 -0.53 5.39
C ALA B 53 25.27 -1.78 4.63
N PHE B 54 23.97 -2.02 4.45
CA PHE B 54 23.48 -3.19 3.74
C PHE B 54 22.73 -2.83 2.45
N ALA B 55 22.88 -1.61 1.97
CA ALA B 55 22.30 -1.24 0.68
C ALA B 55 22.84 -2.14 -0.43
N GLN B 56 21.94 -2.52 -1.35
CA GLN B 56 22.31 -3.42 -2.44
C GLN B 56 23.32 -2.77 -3.38
N GLU B 57 23.32 -1.43 -3.45
CA GLU B 57 24.33 -0.72 -4.23
C GLU B 57 25.74 -1.04 -3.75
N ILE B 58 25.90 -1.31 -2.45
CA ILE B 58 27.20 -1.51 -1.87
C ILE B 58 27.44 -2.96 -1.44
N SER B 59 26.38 -3.71 -1.17
CA SER B 59 26.51 -5.10 -0.73
C SER B 59 26.83 -6.02 -1.90
N ILE B 60 27.58 -7.07 -1.62
CA ILE B 60 27.88 -8.11 -2.61
C ILE B 60 27.19 -9.42 -2.23
N GLY B 61 26.16 -9.37 -1.39
CA GLY B 61 25.26 -10.48 -1.19
C GLY B 61 25.59 -11.45 -0.08
N THR B 62 26.74 -11.33 0.58
CA THR B 62 27.00 -12.19 1.72
C THR B 62 27.92 -11.49 2.72
N GLN B 63 27.75 -11.85 4.00
CA GLN B 63 28.56 -11.26 5.05
C GLN B 63 29.92 -11.93 5.19
N ILE B 64 30.04 -13.21 4.84
CA ILE B 64 31.26 -13.98 5.04
C ILE B 64 31.49 -14.86 3.83
N SER B 65 32.76 -15.04 3.48
CA SER B 65 33.17 -16.05 2.50
C SER B 65 34.44 -16.73 2.98
N CYS B 66 34.49 -18.05 2.82
CA CYS B 66 35.66 -18.85 3.17
C CYS B 66 36.17 -19.58 1.95
N PHE B 67 37.48 -19.71 1.83
CA PHE B 67 38.10 -20.39 0.69
C PHE B 67 38.14 -21.89 0.95
N SER B 68 37.11 -22.59 0.47
CA SER B 68 37.09 -24.05 0.50
C SER B 68 37.99 -24.63 -0.58
N PRO B 69 38.52 -25.83 -0.37
CA PRO B 69 39.37 -26.44 -1.40
C PRO B 69 38.57 -26.88 -2.62
N SER B 70 39.30 -27.09 -3.72
CA SER B 70 38.69 -27.33 -5.01
C SER B 70 37.94 -28.67 -5.05
N SER B 71 38.33 -29.62 -4.21
CA SER B 71 37.66 -30.92 -4.15
C SER B 71 36.32 -30.87 -3.43
N PHE B 72 36.07 -29.85 -2.62
CA PHE B 72 34.78 -29.75 -1.94
C PHE B 72 33.65 -29.51 -2.93
N SER B 73 32.56 -30.24 -2.74
CA SER B 73 31.33 -30.00 -3.47
C SER B 73 30.73 -28.64 -3.09
N TRP B 74 29.76 -28.20 -3.89
CA TRP B 74 29.11 -26.93 -3.66
C TRP B 74 28.44 -26.86 -2.29
N ARG B 75 27.82 -27.96 -1.86
CA ARG B 75 27.18 -28.00 -0.55
C ARG B 75 28.18 -28.11 0.60
N GLN B 76 29.30 -28.79 0.39
CA GLN B 76 30.38 -28.78 1.40
C GLN B 76 30.95 -27.38 1.61
N ALA B 77 31.17 -26.63 0.55
CA ALA B 77 31.64 -25.26 0.70
C ALA B 77 30.59 -24.36 1.35
N ALA B 78 29.31 -24.58 1.02
CA ALA B 78 28.23 -23.87 1.71
C ALA B 78 28.16 -24.21 3.20
N PHE B 79 28.51 -25.44 3.57
CA PHE B 79 28.60 -25.79 4.99
C PHE B 79 29.71 -25.02 5.71
N VAL B 80 30.89 -24.93 5.10
CA VAL B 80 32.00 -24.20 5.71
C VAL B 80 31.63 -22.75 5.99
N ASP B 81 31.03 -22.06 5.02
CA ASP B 81 30.62 -20.68 5.24
C ASP B 81 29.61 -20.57 6.37
N SER B 82 28.61 -21.45 6.39
CA SER B 82 27.59 -21.40 7.45
C SER B 82 28.16 -21.77 8.81
N TYR B 83 29.03 -22.79 8.88
CA TYR B 83 29.65 -23.18 10.14
C TYR B 83 30.52 -22.06 10.71
N CYS B 84 31.35 -21.46 9.87
CA CYS B 84 32.28 -20.42 10.33
C CYS B 84 31.55 -19.14 10.73
N TRP B 85 30.42 -18.83 10.11
CA TRP B 85 29.58 -17.74 10.60
C TRP B 85 29.09 -18.01 12.02
N ALA B 86 28.70 -19.26 12.31
CA ALA B 86 28.37 -19.63 13.68
C ALA B 86 29.61 -19.70 14.58
N ALA B 87 30.73 -20.20 14.03
CA ALA B 87 31.94 -20.36 14.83
C ALA B 87 32.54 -19.04 15.31
N VAL B 88 32.16 -17.92 14.69
CA VAL B 88 32.61 -16.60 15.13
C VAL B 88 32.37 -16.38 16.62
N GLN B 89 31.33 -17.00 17.18
CA GLN B 89 31.06 -16.92 18.61
C GLN B 89 31.80 -17.96 19.44
N GLN B 90 32.46 -18.94 18.82
CA GLN B 90 32.82 -20.18 19.49
C GLN B 90 34.34 -20.31 19.58
N LYS B 91 34.89 -19.86 20.71
CA LYS B 91 36.33 -19.66 20.87
C LYS B 91 37.13 -20.91 20.55
N SER B 92 36.57 -22.10 20.79
CA SER B 92 37.28 -23.35 20.60
C SER B 92 37.62 -23.64 19.14
N SER B 93 37.07 -22.90 18.19
CA SER B 93 37.26 -23.20 16.77
C SER B 93 37.67 -21.97 15.98
N LEU B 94 38.26 -20.96 16.62
CA LEU B 94 38.72 -19.76 15.95
C LEU B 94 40.20 -19.55 16.18
N GLN B 95 40.85 -18.87 15.23
CA GLN B 95 42.17 -18.29 15.43
C GLN B 95 42.25 -17.02 14.62
N SER B 96 43.02 -16.05 15.12
CA SER B 96 43.12 -14.75 14.48
C SER B 96 44.40 -14.06 14.92
N GLU B 97 44.73 -12.98 14.22
CA GLU B 97 45.89 -12.15 14.59
C GLU B 97 45.73 -11.48 15.95
N SER B 98 44.51 -11.45 16.49
CA SER B 98 44.23 -10.88 17.80
C SER B 98 43.22 -11.78 18.49
N GLY B 99 42.62 -11.28 19.57
CA GLY B 99 41.59 -12.02 20.25
C GLY B 99 40.34 -12.20 19.38
N ASN B 100 39.36 -12.88 19.96
CA ASN B 100 38.10 -13.11 19.26
C ASN B 100 37.15 -11.92 19.34
N LEU B 101 37.40 -10.97 20.24
CA LEU B 101 36.52 -9.82 20.43
C LEU B 101 36.20 -9.07 19.13
N PRO B 102 37.19 -8.70 18.29
CA PRO B 102 36.85 -8.02 17.03
C PRO B 102 35.84 -8.76 16.17
N LEU B 103 35.92 -10.10 16.13
CA LEU B 103 35.01 -10.87 15.29
C LEU B 103 33.57 -10.78 15.77
N TRP B 104 33.36 -10.75 17.08
CA TRP B 104 32.03 -10.51 17.63
C TRP B 104 31.51 -9.13 17.25
N LEU B 105 32.35 -8.10 17.39
CA LEU B 105 31.95 -6.74 17.04
C LEU B 105 31.65 -6.59 15.55
N HIS B 106 32.47 -7.21 14.71
CA HIS B 106 32.20 -7.20 13.26
C HIS B 106 30.89 -7.88 12.91
N LYS B 107 30.57 -9.00 13.57
CA LYS B 107 29.29 -9.66 13.32
C LYS B 107 28.11 -8.83 13.83
N PHE B 108 28.19 -8.32 15.04
CA PHE B 108 27.04 -7.68 15.69
C PHE B 108 27.00 -6.16 15.54
N PHE B 109 27.85 -5.58 14.71
CA PHE B 109 27.80 -4.14 14.41
C PHE B 109 26.40 -3.60 14.16
N PRO B 110 25.55 -4.29 13.36
CA PRO B 110 24.17 -3.79 13.18
C PRO B 110 23.34 -3.72 14.46
N TYR B 111 23.45 -4.72 15.34
CA TYR B 111 22.72 -4.70 16.60
C TYR B 111 23.27 -3.64 17.56
N ILE B 112 24.57 -3.41 17.56
CA ILE B 112 25.16 -2.41 18.43
C ILE B 112 24.70 -1.00 18.08
N LEU B 113 24.65 -0.66 16.79
CA LEU B 113 24.09 0.63 16.41
C LEU B 113 22.60 0.73 16.73
N LEU B 114 21.85 -0.35 16.53
CA LEU B 114 20.45 -0.36 16.93
C LEU B 114 20.28 -0.14 18.43
N LEU B 115 21.13 -0.76 19.24
CA LEU B 115 21.08 -0.58 20.68
C LEU B 115 21.29 0.89 21.09
N PHE B 116 22.26 1.58 20.47
CA PHE B 116 22.43 3.00 20.76
C PHE B 116 21.21 3.83 20.35
N ALA B 117 20.63 3.54 19.19
CA ALA B 117 19.42 4.25 18.77
C ALA B 117 18.29 4.10 19.78
N ILE B 118 18.08 2.88 20.28
CA ILE B 118 17.06 2.65 21.30
C ILE B 118 17.38 3.36 22.61
N LEU B 119 18.59 3.18 23.12
CA LEU B 119 18.96 3.78 24.40
C LEU B 119 18.89 5.31 24.37
N LEU B 120 19.10 5.92 23.22
CA LEU B 120 18.97 7.37 23.09
C LEU B 120 17.51 7.83 22.95
N TYR B 121 16.60 6.93 22.57
CA TYR B 121 15.19 7.26 22.51
C TYR B 121 14.50 7.17 23.87
N LEU B 122 14.94 6.26 24.73
CA LEU B 122 14.27 6.04 26.01
C LEU B 122 14.15 7.28 26.90
N PRO B 123 15.15 8.17 27.00
CA PRO B 123 14.94 9.42 27.75
C PRO B 123 13.79 10.28 27.23
N ALA B 124 13.65 10.41 25.91
CA ALA B 124 12.52 11.15 25.36
C ALA B 124 11.19 10.46 25.63
N LEU B 125 11.15 9.14 25.48
CA LEU B 125 9.95 8.37 25.80
C LEU B 125 9.56 8.51 27.27
N PHE B 126 10.54 8.50 28.17
CA PHE B 126 10.25 8.72 29.59
C PHE B 126 9.69 10.11 29.86
N TRP B 127 10.25 11.16 29.23
CA TRP B 127 9.70 12.50 29.39
C TRP B 127 8.25 12.57 28.90
N ARG B 128 7.98 11.98 27.74
CA ARG B 128 6.61 11.91 27.22
C ARG B 128 5.69 11.12 28.13
N PHE B 129 6.22 10.14 28.87
CA PHE B 129 5.41 9.34 29.77
C PHE B 129 5.21 9.99 31.14
N SER B 130 6.29 10.52 31.73
CA SER B 130 6.29 10.86 33.15
C SER B 130 6.17 12.35 33.47
N ALA B 131 6.40 13.22 32.51
CA ALA B 131 6.43 14.66 32.77
C ALA B 131 5.50 15.46 31.88
N ALA B 132 5.47 15.15 30.58
CA ALA B 132 4.63 15.91 29.65
C ALA B 132 3.15 15.98 30.03
N PRO B 133 2.50 14.93 30.58
CA PRO B 133 1.09 15.09 30.95
C PRO B 133 0.84 16.18 31.99
N HIS B 134 1.63 16.23 33.05
CA HIS B 134 1.46 17.27 34.06
C HIS B 134 1.73 18.65 33.48
N LEU B 135 2.86 18.79 32.78
CA LEU B 135 3.22 20.06 32.14
C LEU B 135 2.14 20.53 31.16
N CYS B 136 1.57 19.63 30.37
CA CYS B 136 0.52 19.99 29.43
C CYS B 136 -0.69 20.59 30.14
N SER B 137 -1.15 19.95 31.21
CA SER B 137 -2.30 20.47 31.95
C SER B 137 -2.04 21.86 32.55
N ASP B 138 -0.80 22.11 32.98
CA ASP B 138 -0.45 23.43 33.49
C ASP B 138 -0.35 24.48 32.39
N LEU B 139 0.34 24.17 31.30
CA LEU B 139 0.47 25.13 30.20
C LEU B 139 -0.88 25.49 29.59
N LYS B 140 -1.78 24.52 29.46
CA LYS B 140 -3.14 24.81 29.01
C LYS B 140 -3.83 25.84 29.90
N PHE B 141 -3.69 25.69 31.22
CA PHE B 141 -4.26 26.65 32.15
C PHE B 141 -3.56 28.00 32.08
N ILE B 142 -2.24 28.02 32.23
CA ILE B 142 -1.49 29.28 32.35
C ILE B 142 -1.66 30.15 31.11
N MET B 143 -1.59 29.54 29.92
CA MET B 143 -1.69 30.32 28.69
C MET B 143 -3.06 30.97 28.51
N GLU B 144 -4.14 30.25 28.82
CA GLU B 144 -5.47 30.82 28.66
C GLU B 144 -5.75 31.94 29.65
N GLU B 145 -5.19 31.87 30.86
CA GLU B 145 -5.30 32.98 31.80
C GLU B 145 -4.37 34.14 31.48
N LEU B 146 -3.18 33.86 30.95
CA LEU B 146 -2.32 34.94 30.45
C LEU B 146 -2.95 35.69 29.28
N ASP B 147 -3.65 34.98 28.40
CA ASP B 147 -4.36 35.64 27.30
C ASP B 147 -5.37 36.66 27.81
N LYS B 148 -6.10 36.34 28.88
CA LYS B 148 -7.00 37.31 29.49
C LYS B 148 -6.26 38.52 30.06
N VAL B 149 -5.13 38.30 30.72
CA VAL B 149 -4.31 39.40 31.21
C VAL B 149 -3.81 40.30 30.08
N TYR B 150 -3.35 39.71 28.98
CA TYR B 150 -2.88 40.51 27.85
C TYR B 150 -4.01 41.28 27.17
N ASN B 151 -5.15 40.63 26.94
CA ASN B 151 -6.29 41.34 26.35
C ASN B 151 -6.75 42.51 27.20
N ARG B 152 -6.73 42.37 28.53
CA ARG B 152 -7.03 43.49 29.42
C ARG B 152 -5.99 44.61 29.28
N ALA B 153 -4.71 44.27 29.23
CA ALA B 153 -3.66 45.26 29.05
C ALA B 153 -3.77 45.98 27.70
N ILE B 154 -4.13 45.26 26.64
CA ILE B 154 -4.35 45.90 25.34
C ILE B 154 -5.50 46.91 25.41
N LYS B 155 -6.63 46.49 25.98
CA LYS B 155 -7.78 47.40 26.09
C LYS B 155 -7.46 48.64 26.92
N ALA B 156 -6.69 48.48 27.99
CA ALA B 156 -6.22 49.63 28.76
C ALA B 156 -5.34 50.55 27.92
N ALA B 157 -4.33 49.99 27.26
CA ALA B 157 -3.43 50.81 26.44
C ALA B 157 -4.17 51.45 25.26
N LYS B 158 -5.03 50.70 24.59
CA LYS B 158 -5.80 51.25 23.48
C LYS B 158 -6.75 52.36 23.93
N SER B 159 -7.30 52.24 25.14
CA SER B 159 -8.13 53.31 25.69
C SER B 159 -7.30 54.51 26.11
N ALA B 160 -6.14 54.27 26.73
CA ALA B 160 -5.32 55.37 27.23
C ALA B 160 -4.53 56.06 26.13
N ARG B 161 -4.23 55.39 25.03
CA ARG B 161 -3.30 55.93 24.04
C ARG B 161 -3.70 55.48 22.65
N ASP B 162 -5.00 55.61 22.33
CA ASP B 162 -5.55 55.26 21.02
C ASP B 162 -5.13 53.88 20.55
N PRO B 193 -4.51 38.32 39.20
CA PRO B 193 -3.20 38.04 39.79
C PRO B 193 -2.98 36.55 40.06
N ILE B 194 -4.01 35.75 39.75
CA ILE B 194 -3.98 34.32 40.07
C ILE B 194 -2.79 33.65 39.39
N VAL B 195 -2.44 34.08 38.18
CA VAL B 195 -1.30 33.50 37.47
C VAL B 195 0.01 33.82 38.19
N GLU B 196 0.19 35.08 38.59
CA GLU B 196 1.37 35.46 39.36
C GLU B 196 1.49 34.64 40.63
N GLN B 197 0.39 34.52 41.38
CA GLN B 197 0.40 33.71 42.59
C GLN B 197 0.72 32.24 42.29
N TYR B 198 0.10 31.68 41.25
CA TYR B 198 0.32 30.28 40.88
C TYR B 198 1.75 30.02 40.42
N LEU B 199 2.26 30.87 39.52
CA LEU B 199 3.65 30.72 39.07
C LEU B 199 4.65 30.85 40.20
N LYS B 200 4.41 31.77 41.14
CA LYS B 200 5.26 31.86 42.33
C LYS B 200 5.26 30.60 43.17
N THR B 201 4.24 29.75 43.07
CA THR B 201 4.30 28.44 43.73
C THR B 201 5.30 27.51 43.04
N LYS B 202 5.48 27.64 41.73
CA LYS B 202 6.29 26.67 40.99
C LYS B 202 7.77 26.73 41.35
N LYS B 203 8.28 27.92 41.67
CA LYS B 203 9.67 28.05 42.09
C LYS B 203 9.95 27.38 43.43
N ASN B 204 8.92 26.99 44.17
CA ASN B 204 9.09 26.20 45.39
C ASN B 204 9.15 24.70 45.15
N SER B 205 8.83 24.23 43.94
CA SER B 205 8.51 22.81 43.76
C SER B 205 9.71 21.96 43.37
N SER B 206 10.54 22.44 42.42
CA SER B 206 11.71 21.70 41.92
C SER B 206 11.37 20.24 41.59
N HIS B 207 10.13 19.98 41.20
CA HIS B 207 9.70 18.63 40.84
C HIS B 207 10.13 18.25 39.43
N LEU B 208 9.72 19.03 38.43
CA LEU B 208 9.99 18.71 37.04
C LEU B 208 11.45 18.92 36.65
N ILE B 209 12.14 19.86 37.31
CA ILE B 209 13.54 20.12 37.00
C ILE B 209 14.41 18.87 37.19
N MET B 210 14.09 18.05 38.19
CA MET B 210 14.82 16.80 38.35
C MET B 210 14.52 15.81 37.23
N LYS B 211 13.26 15.69 36.83
CA LYS B 211 12.91 14.84 35.70
C LYS B 211 13.56 15.31 34.40
N TYR B 212 13.61 16.63 34.18
CA TYR B 212 14.22 17.17 32.97
C TYR B 212 15.73 16.96 32.95
N ILE B 213 16.43 17.40 33.99
CA ILE B 213 17.89 17.33 34.03
C ILE B 213 18.38 15.88 33.96
N SER B 214 17.67 14.96 34.62
CA SER B 214 18.04 13.56 34.52
C SER B 214 17.84 12.99 33.11
N CYS B 215 16.80 13.42 32.40
CA CYS B 215 16.65 13.01 31.00
C CYS B 215 17.78 13.55 30.13
N ARG B 216 18.20 14.80 30.35
CA ARG B 216 19.36 15.35 29.67
C ARG B 216 20.64 14.60 30.03
N LEU B 217 20.83 14.32 31.31
CA LEU B 217 22.06 13.68 31.80
C LEU B 217 22.21 12.26 31.27
N VAL B 218 21.14 11.47 31.23
CA VAL B 218 21.19 10.14 30.63
C VAL B 218 21.54 10.22 29.14
N THR B 219 20.95 11.17 28.42
CA THR B 219 21.28 11.35 27.01
C THR B 219 22.75 11.67 26.80
N PHE B 220 23.31 12.54 27.65
CA PHE B 220 24.74 12.84 27.60
C PHE B 220 25.61 11.60 27.82
N VAL B 221 25.32 10.82 28.85
CA VAL B 221 26.12 9.63 29.16
C VAL B 221 26.08 8.62 28.01
N VAL B 222 24.90 8.35 27.44
CA VAL B 222 24.80 7.38 26.36
C VAL B 222 25.55 7.85 25.11
N ILE B 223 25.47 9.13 24.77
CA ILE B 223 26.23 9.66 23.65
C ILE B 223 27.74 9.53 23.89
N LEU B 224 28.17 9.82 25.11
CA LEU B 224 29.59 9.71 25.45
C LEU B 224 30.10 8.26 25.35
N LEU B 225 29.33 7.31 25.88
CA LEU B 225 29.70 5.90 25.77
C LEU B 225 29.71 5.41 24.32
N ALA B 226 28.76 5.87 23.51
CA ALA B 226 28.76 5.54 22.08
C ALA B 226 30.00 6.09 21.37
N CYS B 227 30.43 7.30 21.71
CA CYS B 227 31.66 7.85 21.15
C CYS B 227 32.88 7.00 21.52
N ILE B 228 32.96 6.54 22.77
CA ILE B 228 34.07 5.68 23.18
C ILE B 228 34.08 4.37 22.40
N TYR B 229 32.91 3.73 22.24
CA TYR B 229 32.83 2.52 21.43
C TYR B 229 33.21 2.76 19.97
N LEU B 230 32.59 3.76 19.34
CA LEU B 230 32.80 3.98 17.91
C LEU B 230 34.26 4.33 17.59
N SER B 231 34.91 5.11 18.45
CA SER B 231 36.33 5.39 18.24
C SER B 231 37.20 4.14 18.43
N TYR B 232 36.85 3.28 19.38
CA TYR B 232 37.53 1.99 19.49
C TYR B 232 37.31 1.12 18.25
N TYR B 233 36.05 0.96 17.83
CA TYR B 233 35.76 0.11 16.68
C TYR B 233 36.40 0.61 15.40
N PHE B 234 36.45 1.92 15.21
CA PHE B 234 37.17 2.49 14.08
C PHE B 234 38.68 2.23 14.17
N SER B 235 39.23 2.11 15.37
CA SER B 235 40.66 1.92 15.53
C SER B 235 41.12 0.49 15.24
N LEU B 236 40.21 -0.48 15.19
CA LEU B 236 40.60 -1.86 14.93
C LEU B 236 41.24 -2.01 13.55
N SER B 237 42.29 -2.83 13.49
CA SER B 237 42.98 -3.11 12.24
C SER B 237 42.01 -3.62 11.18
N SER B 238 42.19 -3.16 9.95
CA SER B 238 41.30 -3.56 8.86
C SER B 238 41.38 -5.06 8.60
N LEU B 239 42.55 -5.66 8.75
CA LEU B 239 42.72 -7.11 8.61
C LEU B 239 42.18 -7.91 9.79
N SER B 240 41.62 -7.29 10.82
CA SER B 240 40.83 -8.03 11.80
C SER B 240 39.56 -8.63 11.22
N ASP B 241 39.20 -8.28 9.98
CA ASP B 241 38.12 -8.95 9.27
C ASP B 241 38.47 -10.35 8.78
N GLU B 242 39.75 -10.73 8.81
CA GLU B 242 40.17 -12.06 8.43
C GLU B 242 40.46 -12.92 9.65
N PHE B 243 39.98 -14.16 9.61
CA PHE B 243 40.23 -15.12 10.68
C PHE B 243 40.33 -16.51 10.10
N LEU B 244 40.91 -17.42 10.88
CA LEU B 244 41.01 -18.84 10.53
C LEU B 244 39.96 -19.67 11.27
N CYS B 245 39.25 -20.51 10.51
CA CYS B 245 38.15 -21.31 11.01
C CYS B 245 38.48 -22.79 10.84
N SER B 246 37.95 -23.63 11.74
CA SER B 246 38.06 -25.08 11.60
C SER B 246 36.72 -25.76 11.87
N ILE B 247 36.38 -26.71 11.01
CA ILE B 247 35.15 -27.49 11.16
C ILE B 247 35.39 -28.84 11.85
N LYS B 248 36.64 -29.17 12.17
CA LYS B 248 37.00 -30.46 12.73
C LYS B 248 36.66 -30.61 14.21
N SER B 249 35.39 -30.40 14.55
CA SER B 249 34.93 -30.53 15.93
C SER B 249 34.59 -31.97 16.29
N GLY B 250 33.63 -32.56 15.59
CA GLY B 250 33.08 -33.84 16.00
C GLY B 250 33.53 -35.03 15.18
N VAL B 251 32.60 -35.66 14.46
CA VAL B 251 32.94 -36.80 13.60
C VAL B 251 33.96 -36.41 12.53
N LEU B 252 33.98 -35.13 12.14
CA LEU B 252 34.93 -34.65 11.16
C LEU B 252 36.36 -34.57 11.69
N LYS B 253 36.56 -34.71 13.00
CA LYS B 253 37.86 -34.46 13.62
C LYS B 253 38.96 -35.35 13.04
N ASN B 254 38.63 -36.57 12.63
CA ASN B 254 39.62 -37.49 12.09
C ASN B 254 39.74 -37.46 10.57
N ASP B 255 38.91 -36.69 9.87
CA ASP B 255 38.83 -36.77 8.41
C ASP B 255 40.06 -36.07 7.82
N SER B 256 40.94 -36.85 7.18
CA SER B 256 42.15 -36.33 6.57
C SER B 256 41.90 -35.56 5.29
N THR B 257 40.71 -35.67 4.70
CA THR B 257 40.39 -34.95 3.47
C THR B 257 40.01 -33.50 3.71
N ILE B 258 39.79 -33.09 4.94
CA ILE B 258 39.40 -31.73 5.28
C ILE B 258 40.63 -30.97 5.77
N PRO B 259 40.91 -29.78 5.26
CA PRO B 259 42.04 -29.01 5.77
C PRO B 259 41.80 -28.53 7.19
N ASP B 260 42.90 -28.37 7.93
CA ASP B 260 42.80 -28.02 9.35
C ASP B 260 42.32 -26.59 9.56
N ARG B 261 42.62 -25.67 8.64
CA ARG B 261 42.14 -24.30 8.75
C ARG B 261 41.58 -23.83 7.41
N PHE B 262 40.46 -23.11 7.47
CA PHE B 262 39.91 -22.39 6.33
C PHE B 262 40.14 -20.90 6.51
N GLN B 263 40.62 -20.24 5.46
CA GLN B 263 40.67 -18.78 5.43
C GLN B 263 39.27 -18.23 5.22
N CYS B 264 38.81 -17.38 6.15
CA CYS B 264 37.53 -16.71 6.01
C CYS B 264 37.72 -15.20 6.08
N LYS B 265 36.85 -14.45 5.40
CA LYS B 265 36.84 -12.99 5.48
C LYS B 265 35.43 -12.48 5.68
N LEU B 266 35.29 -11.52 6.60
CA LEU B 266 34.04 -10.78 6.82
C LEU B 266 34.00 -9.60 5.86
N ILE B 267 33.10 -9.66 4.87
CA ILE B 267 33.23 -8.83 3.68
C ILE B 267 32.84 -7.36 3.93
N ALA B 268 31.86 -7.11 4.81
CA ALA B 268 31.34 -5.76 5.03
C ALA B 268 32.12 -4.92 6.03
N VAL B 269 33.10 -5.50 6.72
CA VAL B 269 33.72 -4.84 7.87
C VAL B 269 34.34 -3.50 7.47
N GLY B 270 34.92 -3.42 6.28
CA GLY B 270 35.48 -2.15 5.83
C GLY B 270 34.46 -1.04 5.67
N ILE B 271 33.23 -1.39 5.34
CA ILE B 271 32.13 -0.42 5.31
C ILE B 271 31.69 -0.03 6.72
N PHE B 272 31.59 -1.01 7.62
CA PHE B 272 31.19 -0.72 9.00
C PHE B 272 32.14 0.25 9.69
N GLN B 273 33.45 0.04 9.53
CA GLN B 273 34.41 0.96 10.12
C GLN B 273 34.32 2.36 9.51
N LEU B 274 34.13 2.44 8.19
CA LEU B 274 33.93 3.73 7.54
C LEU B 274 32.73 4.47 8.11
N LEU B 275 31.57 3.80 8.16
CA LEU B 275 30.37 4.44 8.69
C LEU B 275 30.46 4.72 10.19
N SER B 276 31.28 3.98 10.92
CA SER B 276 31.53 4.30 12.32
C SER B 276 32.22 5.65 12.50
N LEU B 277 33.09 6.03 11.57
CA LEU B 277 33.70 7.35 11.62
C LEU B 277 32.67 8.47 11.44
N ILE B 278 31.73 8.29 10.51
CA ILE B 278 30.67 9.26 10.33
C ILE B 278 29.84 9.43 11.61
N ASN B 279 29.44 8.32 12.22
CA ASN B 279 28.67 8.37 13.45
C ASN B 279 29.44 9.04 14.60
N LEU B 280 30.73 8.71 14.73
CA LEU B 280 31.57 9.33 15.75
C LEU B 280 31.69 10.84 15.57
N ILE B 281 31.89 11.30 14.34
CA ILE B 281 31.98 12.73 14.07
C ILE B 281 30.72 13.47 14.51
N VAL B 282 29.55 12.99 14.11
CA VAL B 282 28.30 13.67 14.45
C VAL B 282 28.04 13.65 15.95
N TYR B 283 28.22 12.51 16.60
CA TYR B 283 28.01 12.44 18.05
C TYR B 283 28.98 13.33 18.83
N ALA B 284 30.21 13.47 18.35
CA ALA B 284 31.14 14.43 18.97
C ALA B 284 30.64 15.87 18.82
N LEU B 285 29.97 16.19 17.73
CA LEU B 285 29.37 17.51 17.57
C LEU B 285 28.10 17.71 18.41
N LEU B 286 27.39 16.62 18.72
CA LEU B 286 26.23 16.76 19.61
C LEU B 286 26.62 17.01 21.06
N ILE B 287 27.77 16.53 21.51
CA ILE B 287 28.15 16.67 22.92
C ILE B 287 28.12 18.12 23.40
N PRO B 288 28.78 19.08 22.72
CA PRO B 288 28.61 20.50 23.12
C PRO B 288 27.18 20.99 23.21
N VAL B 289 26.33 20.59 22.27
CA VAL B 289 24.93 21.02 22.29
C VAL B 289 24.18 20.47 23.50
N VAL B 290 24.38 19.19 23.81
CA VAL B 290 23.72 18.58 24.96
C VAL B 290 24.16 19.25 26.27
N VAL B 291 25.46 19.51 26.41
CA VAL B 291 25.96 20.18 27.61
C VAL B 291 25.33 21.56 27.79
N TYR B 292 25.19 22.31 26.70
CA TYR B 292 24.50 23.60 26.75
C TYR B 292 23.08 23.49 27.30
N THR B 293 22.39 22.38 27.03
CA THR B 293 21.04 22.18 27.56
C THR B 293 20.98 22.00 29.08
N PHE B 294 22.10 21.79 29.76
CA PHE B 294 22.09 21.86 31.22
C PHE B 294 22.00 23.29 31.73
N PHE B 295 22.60 24.25 31.03
CA PHE B 295 22.70 25.62 31.52
C PHE B 295 21.66 26.56 30.92
N ILE B 296 20.97 26.16 29.86
CA ILE B 296 19.84 26.91 29.32
C ILE B 296 18.78 27.19 30.39
N PRO B 297 18.40 26.28 31.30
CA PRO B 297 17.44 26.71 32.33
C PRO B 297 18.04 27.65 33.37
N PHE B 298 19.25 27.37 33.86
CA PHE B 298 19.77 28.09 35.01
C PHE B 298 20.20 29.52 34.67
N ARG B 299 20.64 29.76 33.44
CA ARG B 299 21.24 31.06 33.12
C ARG B 299 20.85 31.56 31.73
N GLN B 300 21.00 30.72 30.71
CA GLN B 300 21.16 31.23 29.36
C GLN B 300 19.84 31.44 28.63
N LYS B 301 18.84 30.61 28.90
CA LYS B 301 17.56 30.57 28.17
C LYS B 301 17.71 30.83 26.67
N THR B 313 7.11 43.27 41.24
CA THR B 313 8.15 43.36 40.22
C THR B 313 8.05 42.23 39.21
N PHE B 314 6.97 41.45 39.32
CA PHE B 314 6.75 40.34 38.40
C PHE B 314 6.43 40.87 37.01
N ASP B 315 7.01 40.24 36.00
CA ASP B 315 6.84 40.65 34.61
C ASP B 315 6.14 39.52 33.85
N VAL B 316 4.98 39.83 33.27
CA VAL B 316 4.20 38.83 32.54
C VAL B 316 4.59 38.72 31.08
N LEU B 317 5.46 39.60 30.57
CA LEU B 317 5.97 39.49 29.22
C LEU B 317 7.37 38.90 29.12
N HIS B 318 8.25 39.19 30.08
CA HIS B 318 9.65 38.77 30.01
C HIS B 318 9.84 37.54 30.89
N PHE B 319 9.72 36.37 30.27
CA PHE B 319 10.02 35.11 30.93
C PHE B 319 11.52 34.98 31.14
N LYS B 320 11.92 34.56 32.34
CA LYS B 320 13.32 34.66 32.75
C LYS B 320 13.66 33.47 33.64
N SER B 321 14.97 33.18 33.70
CA SER B 321 15.48 32.12 34.56
C SER B 321 15.39 32.49 36.03
N GLU B 322 15.09 31.47 36.85
CA GLU B 322 14.87 31.65 38.28
C GLU B 322 15.65 30.62 39.11
N GLY B 323 16.70 30.04 38.54
CA GLY B 323 17.48 29.03 39.24
C GLY B 323 17.05 27.61 38.97
N TYR B 324 17.56 26.73 39.84
CA TYR B 324 17.19 25.32 39.85
C TYR B 324 15.78 25.11 40.41
N ASN B 325 14.79 25.61 39.68
CA ASN B 325 13.40 25.66 40.13
C ASN B 325 12.50 25.43 38.94
N ASP B 326 11.35 24.79 39.19
CA ASP B 326 10.45 24.43 38.09
C ASP B 326 9.98 25.65 37.32
N LEU B 327 9.92 26.82 37.96
CA LEU B 327 9.56 28.04 37.27
C LEU B 327 10.50 28.34 36.11
N SER B 328 11.77 27.96 36.23
CA SER B 328 12.71 28.06 35.12
C SER B 328 12.30 27.19 33.94
N LEU B 329 11.80 25.98 34.19
CA LEU B 329 11.27 25.16 33.11
C LEU B 329 10.01 25.76 32.50
N TYR B 330 9.06 26.16 33.35
CA TYR B 330 7.85 26.80 32.85
C TYR B 330 8.15 28.06 32.05
N ASN B 331 9.17 28.81 32.46
CA ASN B 331 9.60 29.97 31.67
C ASN B 331 10.11 29.57 30.29
N LEU B 332 10.89 28.49 30.20
CA LEU B 332 11.33 27.99 28.90
C LEU B 332 10.15 27.50 28.06
N PHE B 333 9.29 26.67 28.64
CA PHE B 333 8.15 26.13 27.89
C PHE B 333 7.10 27.18 27.53
N LEU B 334 6.89 28.19 28.37
CA LEU B 334 6.03 29.31 27.98
C LEU B 334 6.63 30.10 26.84
N GLU B 335 7.92 30.45 26.93
CA GLU B 335 8.55 31.23 25.88
C GLU B 335 8.48 30.56 24.52
N GLU B 336 8.49 29.22 24.48
CA GLU B 336 8.30 28.52 23.22
C GLU B 336 6.83 28.34 22.84
N ASN B 337 5.90 28.70 23.71
CA ASN B 337 4.47 28.58 23.43
C ASN B 337 3.74 29.92 23.40
N ILE B 338 4.17 30.90 24.20
CA ILE B 338 3.42 32.14 24.36
C ILE B 338 3.36 32.94 23.07
N SER B 339 4.34 32.75 22.17
CA SER B 339 4.36 33.45 20.89
C SER B 339 3.18 33.09 19.98
N GLU B 340 2.45 32.02 20.28
CA GLU B 340 1.23 31.71 19.52
C GLU B 340 0.06 32.61 19.88
N LEU B 341 0.08 33.27 21.04
CA LEU B 341 -1.02 34.13 21.44
C LEU B 341 -1.01 35.44 20.66
N LYS B 342 -2.14 35.73 20.01
CA LYS B 342 -2.30 36.98 19.25
C LYS B 342 -2.08 38.20 20.13
N SER B 343 -2.57 38.17 21.36
CA SER B 343 -2.44 39.30 22.28
C SER B 343 -1.00 39.52 22.72
N TYR B 344 -0.25 38.44 22.93
CA TYR B 344 1.18 38.58 23.21
C TYR B 344 1.92 39.26 22.06
N LYS B 345 1.64 38.86 20.82
CA LYS B 345 2.31 39.45 19.67
C LYS B 345 2.03 40.96 19.58
N CYS B 346 0.79 41.38 19.80
CA CYS B 346 0.47 42.80 19.79
C CYS B 346 1.27 43.57 20.84
N LEU B 347 1.33 43.06 22.07
CA LEU B 347 2.09 43.74 23.12
C LEU B 347 3.58 43.76 22.82
N LYS B 348 4.13 42.69 22.25
CA LYS B 348 5.53 42.70 21.85
C LYS B 348 5.81 43.65 20.69
N VAL B 349 4.84 43.83 19.79
CA VAL B 349 4.98 44.87 18.76
C VAL B 349 5.05 46.25 19.38
N LEU B 350 4.14 46.54 20.32
CA LEU B 350 4.19 47.82 21.03
C LEU B 350 5.49 48.01 21.80
N GLU B 351 5.96 46.94 22.45
CA GLU B 351 7.24 47.01 23.18
C GLU B 351 8.41 47.29 22.25
N ASN B 352 8.41 46.68 21.06
CA ASN B 352 9.47 46.96 20.09
C ASN B 352 9.40 48.39 19.57
N ILE B 353 8.20 48.91 19.33
CA ILE B 353 8.07 50.31 18.94
C ILE B 353 8.54 51.23 20.05
N LYS B 354 8.08 50.99 21.28
CA LYS B 354 8.52 51.78 22.42
C LYS B 354 10.04 51.71 22.61
N SER B 355 10.65 50.57 22.32
CA SER B 355 12.10 50.44 22.38
C SER B 355 12.81 51.31 21.35
N ASN B 356 12.14 51.66 20.25
CA ASN B 356 12.77 52.39 19.16
C ASN B 356 12.24 53.80 18.96
N GLY B 357 11.05 54.12 19.47
CA GLY B 357 10.37 55.34 19.06
C GLY B 357 9.31 55.81 20.02
N GLN B 358 8.06 55.92 19.53
CA GLN B 358 6.98 56.49 20.32
C GLN B 358 6.75 55.67 21.58
N GLY B 359 6.68 56.38 22.71
CA GLY B 359 6.68 55.75 24.02
C GLY B 359 5.36 55.10 24.43
N ILE B 360 4.87 54.17 23.61
CA ILE B 360 3.68 53.42 23.97
C ILE B 360 4.08 52.32 24.94
N ASP B 361 4.21 52.68 26.21
CA ASP B 361 4.69 51.76 27.23
C ASP B 361 3.79 50.52 27.29
N PRO B 362 4.35 49.31 27.20
CA PRO B 362 3.58 48.07 27.20
C PRO B 362 3.02 47.72 28.58
N ALA C 2 11.36 0.30 -14.32
CA ALA C 2 11.31 1.07 -13.09
C ALA C 2 11.80 2.49 -13.32
N ILE C 3 12.52 2.70 -14.44
CA ILE C 3 13.02 4.03 -14.78
C ILE C 3 11.87 5.04 -14.89
N ALA C 4 10.74 4.60 -15.44
CA ALA C 4 9.57 5.47 -15.54
C ALA C 4 8.98 5.82 -14.18
N HIS C 5 9.06 4.91 -13.21
CA HIS C 5 8.66 5.21 -11.84
C HIS C 5 9.60 6.23 -11.20
N LEU C 6 10.90 6.13 -11.46
CA LEU C 6 11.84 7.13 -10.97
C LEU C 6 11.52 8.53 -11.51
N ALA C 7 11.20 8.63 -12.80
CA ALA C 7 10.81 9.93 -13.36
C ALA C 7 9.53 10.45 -12.73
N THR C 8 8.55 9.57 -12.48
CA THR C 8 7.34 9.97 -11.78
C THR C 8 7.63 10.43 -10.36
N GLU C 9 8.54 9.75 -9.66
CA GLU C 9 8.85 10.06 -8.28
C GLU C 9 9.71 11.32 -8.13
N TYR C 10 10.70 11.51 -9.00
CA TYR C 10 11.68 12.57 -8.81
C TYR C 10 11.56 13.75 -9.77
N VAL C 11 10.66 13.69 -10.75
CA VAL C 11 10.54 14.81 -11.68
C VAL C 11 9.09 15.29 -11.77
N PHE C 12 8.17 14.38 -12.04
CA PHE C 12 6.78 14.74 -12.29
C PHE C 12 5.95 14.83 -11.03
N SER C 13 6.57 14.87 -9.85
CA SER C 13 5.82 15.09 -8.62
C SER C 13 6.71 15.81 -7.62
N ASP C 14 6.06 16.54 -6.71
CA ASP C 14 6.76 17.36 -5.72
C ASP C 14 7.16 16.54 -4.51
N PHE C 15 8.28 16.90 -3.91
CA PHE C 15 8.81 16.17 -2.76
C PHE C 15 9.64 17.13 -1.92
N LEU C 16 10.44 16.59 -1.00
CA LEU C 16 11.18 17.39 -0.01
C LEU C 16 10.22 18.26 0.79
N GLY C 27 -0.98 28.44 3.47
CA GLY C 27 -0.08 29.04 4.42
C GLY C 27 0.82 30.08 3.78
N LEU C 28 1.61 30.75 4.62
CA LEU C 28 2.58 31.70 4.13
C LEU C 28 3.69 31.00 3.35
N ARG C 29 4.24 31.72 2.38
CA ARG C 29 5.50 31.33 1.74
C ARG C 29 6.66 31.82 2.59
N LEU C 30 7.30 30.90 3.31
CA LEU C 30 8.41 31.24 4.19
C LEU C 30 9.77 30.95 3.56
N GLU C 31 9.79 30.50 2.30
CA GLU C 31 11.01 30.44 1.50
C GLU C 31 10.73 31.08 0.14
N LEU C 32 11.69 31.88 -0.33
CA LEU C 32 11.55 32.50 -1.63
C LEU C 32 11.57 31.45 -2.75
N ALA C 33 10.78 31.72 -3.78
CA ALA C 33 10.56 30.72 -4.84
C ALA C 33 11.86 30.28 -5.50
N VAL C 34 12.76 31.23 -5.77
CA VAL C 34 14.04 30.88 -6.40
C VAL C 34 14.88 30.02 -5.47
N ASP C 35 14.93 30.37 -4.19
CA ASP C 35 15.73 29.60 -3.23
C ASP C 35 15.18 28.18 -3.05
N LYS C 36 13.86 28.05 -2.99
CA LYS C 36 13.23 26.73 -2.95
C LYS C 36 13.50 25.92 -4.22
N MET C 37 13.38 26.56 -5.38
CA MET C 37 13.64 25.88 -6.65
C MET C 37 15.07 25.38 -6.75
N VAL C 38 16.05 26.22 -6.43
CA VAL C 38 17.44 25.81 -6.43
C VAL C 38 17.66 24.63 -5.49
N THR C 39 17.07 24.67 -4.29
CA THR C 39 17.20 23.56 -3.35
C THR C 39 16.63 22.27 -3.91
N CYS C 40 15.47 22.33 -4.56
CA CYS C 40 14.88 21.12 -5.14
C CYS C 40 15.76 20.51 -6.22
N ILE C 41 16.35 21.33 -7.09
CA ILE C 41 17.27 20.81 -8.10
C ILE C 41 18.54 20.26 -7.45
N ALA C 42 19.16 21.05 -6.58
CA ALA C 42 20.44 20.67 -6.00
C ALA C 42 20.36 19.39 -5.19
N VAL C 43 19.31 19.24 -4.39
CA VAL C 43 19.12 18.02 -3.60
C VAL C 43 18.52 16.90 -4.42
N GLY C 44 17.58 17.20 -5.31
CA GLY C 44 16.86 16.15 -6.02
C GLY C 44 17.68 15.44 -7.09
N LEU C 45 18.51 16.18 -7.81
CA LEU C 45 19.24 15.57 -8.94
C LEU C 45 20.17 14.44 -8.54
N PRO C 46 21.03 14.55 -7.52
CA PRO C 46 21.84 13.38 -7.11
C PRO C 46 21.02 12.14 -6.79
N LEU C 47 19.84 12.31 -6.21
CA LEU C 47 19.03 11.15 -5.83
C LEU C 47 18.46 10.44 -7.05
N LEU C 48 18.06 11.20 -8.07
CA LEU C 48 17.71 10.61 -9.35
C LEU C 48 18.89 9.88 -9.99
N LEU C 49 20.05 10.54 -10.05
CA LEU C 49 21.22 9.95 -10.71
C LEU C 49 21.72 8.70 -10.00
N ILE C 50 21.68 8.67 -8.67
CA ILE C 50 21.94 7.42 -7.95
C ILE C 50 20.97 6.33 -8.38
N SER C 51 19.67 6.65 -8.41
CA SER C 51 18.66 5.66 -8.75
C SER C 51 18.82 5.15 -10.18
N LEU C 52 19.17 6.03 -11.12
CA LEU C 52 19.43 5.60 -12.49
C LEU C 52 20.68 4.75 -12.62
N ALA C 53 21.72 5.04 -11.82
CA ALA C 53 22.97 4.29 -11.95
C ALA C 53 22.80 2.80 -11.64
N PHE C 54 21.79 2.43 -10.85
CA PHE C 54 21.54 1.03 -10.51
C PHE C 54 20.22 0.52 -11.05
N ALA C 55 19.61 1.22 -12.01
CA ALA C 55 18.41 0.71 -12.65
C ALA C 55 18.67 -0.64 -13.32
N GLN C 56 17.69 -1.53 -13.20
CA GLN C 56 17.84 -2.88 -13.75
C GLN C 56 17.93 -2.86 -15.27
N GLU C 57 17.37 -1.83 -15.91
CA GLU C 57 17.52 -1.67 -17.34
C GLU C 57 18.98 -1.56 -17.75
N ILE C 58 19.81 -0.98 -16.88
CA ILE C 58 21.21 -0.72 -17.20
C ILE C 58 22.17 -1.62 -16.43
N SER C 59 21.77 -2.12 -15.27
CA SER C 59 22.62 -2.97 -14.45
C SER C 59 22.69 -4.38 -15.01
N ILE C 60 23.85 -5.01 -14.82
CA ILE C 60 24.04 -6.42 -15.19
C ILE C 60 24.20 -7.30 -13.94
N GLY C 61 23.76 -6.81 -12.78
CA GLY C 61 23.58 -7.63 -11.60
C GLY C 61 24.75 -7.73 -10.66
N THR C 62 25.92 -7.17 -10.98
CA THR C 62 27.00 -7.17 -10.00
C THR C 62 27.91 -5.97 -10.22
N GLN C 63 28.52 -5.50 -9.12
CA GLN C 63 29.41 -4.36 -9.19
C GLN C 63 30.82 -4.73 -9.64
N ILE C 64 31.25 -5.95 -9.37
CA ILE C 64 32.62 -6.38 -9.64
C ILE C 64 32.60 -7.80 -10.20
N SER C 65 33.51 -8.08 -11.12
CA SER C 65 33.79 -9.44 -11.56
C SER C 65 35.28 -9.63 -11.73
N CYS C 66 35.77 -10.78 -11.29
CA CYS C 66 37.18 -11.13 -11.41
C CYS C 66 37.31 -12.42 -12.21
N PHE C 67 38.35 -12.52 -13.03
CA PHE C 67 38.57 -13.71 -13.85
C PHE C 67 39.33 -14.75 -13.04
N SER C 68 38.58 -15.66 -12.41
CA SER C 68 39.15 -16.82 -11.74
C SER C 68 39.60 -17.87 -12.75
N PRO C 69 40.59 -18.68 -12.40
CA PRO C 69 41.04 -19.73 -13.31
C PRO C 69 40.02 -20.85 -13.44
N SER C 70 40.17 -21.63 -14.52
CA SER C 70 39.18 -22.64 -14.89
C SER C 70 39.10 -23.77 -13.87
N SER C 71 40.20 -24.01 -13.13
CA SER C 71 40.21 -25.05 -12.10
C SER C 71 39.48 -24.66 -10.84
N PHE C 72 39.24 -23.38 -10.60
CA PHE C 72 38.50 -22.98 -9.41
C PHE C 72 37.05 -23.44 -9.47
N SER C 73 36.57 -23.98 -8.35
CA SER C 73 35.17 -24.28 -8.20
C SER C 73 34.33 -23.00 -8.18
N TRP C 74 33.01 -23.19 -8.30
CA TRP C 74 32.09 -22.06 -8.32
C TRP C 74 32.17 -21.24 -7.04
N ARG C 75 32.32 -21.90 -5.90
CA ARG C 75 32.44 -21.18 -4.62
C ARG C 75 33.80 -20.53 -4.44
N GLN C 76 34.88 -21.13 -4.96
CA GLN C 76 36.18 -20.48 -4.96
C GLN C 76 36.17 -19.19 -5.78
N ALA C 77 35.55 -19.21 -6.95
CA ALA C 77 35.44 -17.99 -7.75
C ALA C 77 34.55 -16.94 -7.07
N ALA C 78 33.48 -17.39 -6.41
CA ALA C 78 32.67 -16.47 -5.61
C ALA C 78 33.44 -15.86 -4.44
N PHE C 79 34.39 -16.60 -3.87
CA PHE C 79 35.26 -16.04 -2.83
C PHE C 79 36.15 -14.93 -3.38
N VAL C 80 36.76 -15.15 -4.55
CA VAL C 80 37.63 -14.13 -5.14
C VAL C 80 36.88 -12.82 -5.37
N ASP C 81 35.69 -12.89 -5.95
CA ASP C 81 34.91 -11.67 -6.16
C ASP C 81 34.59 -10.97 -4.85
N SER C 82 34.16 -11.73 -3.84
CA SER C 82 33.83 -11.12 -2.54
C SER C 82 35.07 -10.57 -1.83
N TYR C 83 36.18 -11.30 -1.87
CA TYR C 83 37.42 -10.82 -1.25
C TYR C 83 37.92 -9.53 -1.91
N CYS C 84 37.95 -9.50 -3.24
CA CYS C 84 38.47 -8.34 -3.95
C CYS C 84 37.57 -7.12 -3.81
N TRP C 85 36.26 -7.32 -3.66
CA TRP C 85 35.39 -6.20 -3.30
C TRP C 85 35.78 -5.59 -1.95
N ALA C 86 36.11 -6.44 -0.98
CA ALA C 86 36.64 -5.94 0.30
C ALA C 86 38.05 -5.40 0.14
N ALA C 87 38.88 -6.05 -0.68
CA ALA C 87 40.28 -5.63 -0.81
C ALA C 87 40.44 -4.27 -1.45
N VAL C 88 39.40 -3.75 -2.13
CA VAL C 88 39.43 -2.41 -2.69
C VAL C 88 39.85 -1.36 -1.66
N GLN C 89 39.53 -1.58 -0.39
CA GLN C 89 39.95 -0.69 0.68
C GLN C 89 41.34 -0.98 1.22
N GLN C 90 41.97 -2.09 0.85
CA GLN C 90 43.06 -2.68 1.62
C GLN C 90 44.36 -2.63 0.80
N LYS C 91 45.13 -1.57 1.02
CA LYS C 91 46.26 -1.23 0.15
C LYS C 91 47.25 -2.38 0.00
N SER C 92 47.39 -3.22 1.03
CA SER C 92 48.38 -4.29 1.03
C SER C 92 48.08 -5.38 -0.01
N SER C 93 46.90 -5.38 -0.63
CA SER C 93 46.52 -6.45 -1.55
C SER C 93 45.98 -5.91 -2.86
N LEU C 94 46.33 -4.69 -3.24
CA LEU C 94 45.90 -4.09 -4.49
C LEU C 94 47.10 -3.69 -5.35
N GLN C 95 46.89 -3.68 -6.66
CA GLN C 95 47.79 -3.03 -7.59
C GLN C 95 46.97 -2.48 -8.75
N SER C 96 47.42 -1.36 -9.30
CA SER C 96 46.67 -0.70 -10.36
C SER C 96 47.61 0.19 -11.17
N GLU C 97 47.12 0.67 -12.31
CA GLU C 97 47.87 1.61 -13.13
C GLU C 97 48.10 2.95 -12.44
N SER C 98 47.38 3.23 -11.35
CA SER C 98 47.55 4.45 -10.57
C SER C 98 47.43 4.08 -9.10
N GLY C 99 47.25 5.09 -8.25
CA GLY C 99 47.05 4.84 -6.84
C GLY C 99 45.74 4.11 -6.57
N ASN C 100 45.50 3.85 -5.29
CA ASN C 100 44.28 3.17 -4.88
C ASN C 100 43.08 4.11 -4.78
N LEU C 101 43.33 5.42 -4.75
CA LEU C 101 42.25 6.41 -4.60
C LEU C 101 41.10 6.22 -5.59
N PRO C 102 41.33 6.09 -6.91
CA PRO C 102 40.21 5.85 -7.83
C PRO C 102 39.30 4.69 -7.45
N LEU C 103 39.89 3.60 -6.94
CA LEU C 103 39.10 2.42 -6.59
C LEU C 103 38.14 2.69 -5.44
N TRP C 104 38.58 3.48 -4.46
CA TRP C 104 37.68 3.93 -3.39
C TRP C 104 36.54 4.79 -3.92
N LEU C 105 36.86 5.74 -4.81
CA LEU C 105 35.83 6.59 -5.39
C LEU C 105 34.84 5.81 -6.26
N HIS C 106 35.35 4.85 -7.03
CA HIS C 106 34.47 4.00 -7.82
C HIS C 106 33.53 3.16 -6.95
N LYS C 107 34.04 2.63 -5.83
CA LYS C 107 33.18 1.89 -4.91
C LYS C 107 32.15 2.78 -4.22
N PHE C 108 32.57 3.93 -3.70
CA PHE C 108 31.71 4.76 -2.86
C PHE C 108 30.99 5.88 -3.60
N PHE C 109 31.04 5.91 -4.93
CA PHE C 109 30.30 6.87 -5.73
C PHE C 109 28.85 7.07 -5.27
N PRO C 110 28.08 6.00 -4.98
CA PRO C 110 26.71 6.22 -4.46
C PRO C 110 26.64 6.98 -3.15
N TYR C 111 27.53 6.71 -2.20
CA TYR C 111 27.54 7.44 -0.93
C TYR C 111 27.98 8.88 -1.11
N ILE C 112 28.92 9.14 -2.01
CA ILE C 112 29.39 10.51 -2.24
C ILE C 112 28.28 11.39 -2.80
N LEU C 113 27.52 10.90 -3.78
CA LEU C 113 26.37 11.67 -4.26
C LEU C 113 25.31 11.86 -3.18
N LEU C 114 25.07 10.83 -2.37
CA LEU C 114 24.14 10.97 -1.24
C LEU C 114 24.61 12.03 -0.25
N LEU C 115 25.92 12.07 0.03
CA LEU C 115 26.47 13.07 0.92
C LEU C 115 26.24 14.50 0.43
N PHE C 116 26.44 14.75 -0.87
CA PHE C 116 26.13 16.06 -1.43
C PHE C 116 24.65 16.41 -1.31
N ALA C 117 23.76 15.46 -1.60
CA ALA C 117 22.33 15.71 -1.45
C ALA C 117 21.98 16.12 -0.03
N ILE C 118 22.53 15.43 0.97
CA ILE C 118 22.28 15.78 2.37
C ILE C 118 22.86 17.16 2.71
N LEU C 119 24.14 17.39 2.39
CA LEU C 119 24.78 18.65 2.74
C LEU C 119 24.09 19.85 2.09
N LEU C 120 23.48 19.67 0.93
CA LEU C 120 22.73 20.75 0.28
C LEU C 120 21.33 20.95 0.89
N TYR C 121 20.79 19.95 1.58
CA TYR C 121 19.52 20.09 2.27
C TYR C 121 19.64 20.79 3.62
N LEU C 122 20.76 20.60 4.32
CA LEU C 122 20.91 21.14 5.66
C LEU C 122 20.73 22.66 5.77
N PRO C 123 21.22 23.50 4.83
CA PRO C 123 20.89 24.93 4.90
C PRO C 123 19.41 25.25 4.88
N ALA C 124 18.62 24.55 4.05
CA ALA C 124 17.18 24.75 4.04
C ALA C 124 16.54 24.29 5.35
N LEU C 125 16.97 23.13 5.85
CA LEU C 125 16.47 22.64 7.14
C LEU C 125 16.79 23.60 8.28
N PHE C 126 17.99 24.19 8.27
CA PHE C 126 18.33 25.19 9.28
C PHE C 126 17.45 26.44 9.19
N TRP C 127 17.19 26.93 7.97
CA TRP C 127 16.28 28.07 7.83
C TRP C 127 14.89 27.74 8.36
N ARG C 128 14.37 26.56 8.01
CA ARG C 128 13.08 26.12 8.55
C ARG C 128 13.09 25.98 10.06
N PHE C 129 14.24 25.66 10.65
CA PHE C 129 14.35 25.51 12.10
C PHE C 129 14.57 26.83 12.83
N SER C 130 15.47 27.68 12.32
CA SER C 130 16.00 28.79 13.10
C SER C 130 15.45 30.16 12.72
N ALA C 131 14.84 30.30 11.57
CA ALA C 131 14.41 31.62 11.09
C ALA C 131 12.93 31.67 10.71
N ALA C 132 12.43 30.65 10.02
CA ALA C 132 11.03 30.65 9.59
C ALA C 132 10.02 30.85 10.71
N PRO C 133 10.18 30.30 11.93
CA PRO C 133 9.17 30.57 12.97
C PRO C 133 9.02 32.04 13.33
N HIS C 134 10.12 32.76 13.52
CA HIS C 134 10.03 34.18 13.83
C HIS C 134 9.43 34.97 12.66
N LEU C 135 9.93 34.73 11.45
CA LEU C 135 9.41 35.38 10.26
C LEU C 135 7.92 35.12 10.06
N CYS C 136 7.46 33.89 10.29
CA CYS C 136 6.04 33.56 10.16
C CYS C 136 5.18 34.40 11.10
N SER C 137 5.56 34.50 12.37
CA SER C 137 4.80 35.28 13.33
C SER C 137 4.73 36.76 12.94
N ASP C 138 5.81 37.30 12.35
CA ASP C 138 5.79 38.68 11.90
C ASP C 138 4.93 38.88 10.64
N LEU C 139 5.09 38.01 9.65
CA LEU C 139 4.30 38.14 8.42
C LEU C 139 2.81 37.98 8.68
N LYS C 140 2.43 37.07 9.58
CA LYS C 140 1.03 36.96 9.99
C LYS C 140 0.48 38.28 10.53
N PHE C 141 1.27 38.94 11.38
CA PHE C 141 0.86 40.24 11.92
C PHE C 141 0.83 41.32 10.85
N ILE C 142 1.94 41.50 10.13
CA ILE C 142 2.08 42.63 9.20
C ILE C 142 1.03 42.57 8.10
N MET C 143 0.78 41.39 7.55
CA MET C 143 -0.19 41.27 6.45
C MET C 143 -1.62 41.60 6.89
N GLU C 144 -2.03 41.15 8.07
CA GLU C 144 -3.39 41.44 8.54
C GLU C 144 -3.61 42.92 8.85
N GLU C 145 -2.58 43.60 9.34
CA GLU C 145 -2.66 45.05 9.54
C GLU C 145 -2.54 45.85 8.24
N LEU C 146 -1.75 45.38 7.28
CA LEU C 146 -1.72 45.98 5.96
C LEU C 146 -3.08 45.86 5.25
N ASP C 147 -3.75 44.73 5.41
CA ASP C 147 -5.08 44.56 4.83
C ASP C 147 -6.06 45.62 5.33
N LYS C 148 -6.00 45.96 6.62
CA LYS C 148 -6.82 47.05 7.15
C LYS C 148 -6.46 48.40 6.52
N VAL C 149 -5.18 48.68 6.36
CA VAL C 149 -4.74 49.90 5.70
C VAL C 149 -5.24 49.98 4.26
N TYR C 150 -5.14 48.88 3.51
CA TYR C 150 -5.62 48.88 2.13
C TYR C 150 -7.14 49.02 2.04
N ASN C 151 -7.89 48.31 2.87
CA ASN C 151 -9.35 48.45 2.87
C ASN C 151 -9.78 49.88 3.19
N ARG C 152 -9.09 50.54 4.11
CA ARG C 152 -9.36 51.96 4.37
C ARG C 152 -9.07 52.83 3.17
N ALA C 153 -7.93 52.60 2.51
CA ALA C 153 -7.59 53.36 1.30
C ALA C 153 -8.59 53.13 0.16
N ILE C 154 -9.07 51.90 0.00
CA ILE C 154 -10.11 51.63 -0.99
C ILE C 154 -11.39 52.40 -0.69
N LYS C 155 -11.86 52.35 0.55
CA LYS C 155 -13.07 53.07 0.93
C LYS C 155 -12.93 54.58 0.73
N ALA C 156 -11.76 55.14 1.03
CA ALA C 156 -11.51 56.55 0.74
C ALA C 156 -11.57 56.84 -0.75
N ALA C 157 -10.84 56.05 -1.56
CA ALA C 157 -10.85 56.27 -3.00
C ALA C 157 -12.24 56.04 -3.62
N LYS C 158 -12.93 54.98 -3.19
CA LYS C 158 -14.27 54.72 -3.70
C LYS C 158 -15.26 55.82 -3.31
N SER C 159 -15.08 56.41 -2.12
CA SER C 159 -15.92 57.54 -1.73
C SER C 159 -15.54 58.81 -2.49
N ALA C 160 -14.24 59.05 -2.69
CA ALA C 160 -13.81 60.28 -3.34
C ALA C 160 -13.98 60.24 -4.86
N ARG C 161 -13.97 59.05 -5.46
CA ARG C 161 -13.92 58.96 -6.93
C ARG C 161 -14.71 57.74 -7.39
N ASP C 162 -15.92 57.59 -6.87
CA ASP C 162 -16.83 56.49 -7.24
C ASP C 162 -16.16 55.13 -7.19
N PRO C 193 -0.75 53.77 11.54
CA PRO C 193 0.67 53.97 11.26
C PRO C 193 1.56 52.96 11.95
N ILE C 194 0.93 52.07 12.73
CA ILE C 194 1.68 51.11 13.56
C ILE C 194 2.58 50.24 12.69
N VAL C 195 2.11 49.89 11.48
CA VAL C 195 2.91 49.07 10.58
C VAL C 195 4.15 49.84 10.10
N GLU C 196 3.98 51.09 9.71
CA GLU C 196 5.11 51.92 9.31
C GLU C 196 6.13 52.03 10.44
N GLN C 197 5.66 52.31 11.66
CA GLN C 197 6.56 52.38 12.81
C GLN C 197 7.25 51.04 13.06
N TYR C 198 6.50 49.93 12.99
CA TYR C 198 7.07 48.62 13.25
C TYR C 198 8.09 48.21 12.18
N LEU C 199 7.74 48.39 10.91
CA LEU C 199 8.68 48.07 9.82
C LEU C 199 9.95 48.91 9.90
N LYS C 200 9.83 50.20 10.26
CA LYS C 200 11.00 51.02 10.47
C LYS C 200 11.91 50.52 11.59
N THR C 201 11.40 49.71 12.53
CA THR C 201 12.28 49.05 13.49
C THR C 201 13.12 47.96 12.85
N LYS C 202 12.60 47.29 11.81
CA LYS C 202 13.28 46.12 11.26
C LYS C 202 14.60 46.48 10.57
N LYS C 203 14.67 47.65 9.94
CA LYS C 203 15.91 48.08 9.30
C LYS C 203 17.02 48.36 10.31
N ASN C 204 16.72 48.43 11.60
CA ASN C 204 17.73 48.53 12.64
C ASN C 204 18.26 47.18 13.10
N SER C 205 17.64 46.07 12.72
CA SER C 205 17.88 44.81 13.43
C SER C 205 18.99 43.97 12.81
N SER C 206 19.01 43.83 11.48
CA SER C 206 20.00 43.01 10.75
C SER C 206 20.15 41.62 11.38
N HIS C 207 19.10 41.11 12.01
CA HIS C 207 19.13 39.79 12.63
C HIS C 207 18.98 38.67 11.61
N LEU C 208 17.87 38.68 10.86
CA LEU C 208 17.57 37.61 9.92
C LEU C 208 18.45 37.64 8.68
N ILE C 209 18.92 38.81 8.28
CA ILE C 209 19.78 38.92 7.09
C ILE C 209 21.06 38.09 7.25
N MET C 210 21.61 38.01 8.46
CA MET C 210 22.77 37.14 8.68
C MET C 210 22.40 35.67 8.55
N LYS C 211 21.27 35.26 9.12
CA LYS C 211 20.80 33.89 8.97
C LYS C 211 20.53 33.53 7.51
N TYR C 212 19.93 34.45 6.75
CA TYR C 212 19.63 34.20 5.34
C TYR C 212 20.90 34.11 4.50
N ILE C 213 21.76 35.13 4.56
CA ILE C 213 22.95 35.17 3.72
C ILE C 213 23.89 34.01 4.03
N SER C 214 24.01 33.61 5.29
CA SER C 214 24.82 32.45 5.62
C SER C 214 24.23 31.15 5.06
N CYS C 215 22.91 31.01 5.04
CA CYS C 215 22.31 29.85 4.39
C CYS C 215 22.58 29.82 2.89
N ARG C 216 22.50 30.99 2.24
CA ARG C 216 22.88 31.08 0.84
C ARG C 216 24.37 30.77 0.62
N LEU C 217 25.23 31.33 1.47
CA LEU C 217 26.68 31.17 1.32
C LEU C 217 27.12 29.72 1.51
N VAL C 218 26.57 29.01 2.49
CA VAL C 218 26.87 27.58 2.64
C VAL C 218 26.42 26.79 1.42
N THR C 219 25.24 27.08 0.89
CA THR C 219 24.77 26.40 -0.31
C THR C 219 25.71 26.62 -1.50
N PHE C 220 26.19 27.86 -1.67
CA PHE C 220 27.18 28.16 -2.70
C PHE C 220 28.47 27.34 -2.55
N VAL C 221 29.03 27.31 -1.34
CA VAL C 221 30.28 26.58 -1.10
C VAL C 221 30.13 25.09 -1.38
N VAL C 222 29.04 24.47 -0.93
CA VAL C 222 28.85 23.04 -1.14
C VAL C 222 28.67 22.72 -2.63
N ILE C 223 27.93 23.54 -3.36
CA ILE C 223 27.80 23.34 -4.80
C ILE C 223 29.15 23.48 -5.50
N LEU C 224 29.95 24.45 -5.09
CA LEU C 224 31.27 24.65 -5.70
C LEU C 224 32.20 23.47 -5.44
N LEU C 225 32.23 22.97 -4.19
CA LEU C 225 33.03 21.80 -3.87
C LEU C 225 32.56 20.55 -4.62
N ALA C 226 31.25 20.37 -4.76
CA ALA C 226 30.73 19.26 -5.56
C ALA C 226 31.15 19.35 -7.02
N CYS C 227 31.16 20.55 -7.59
CA CYS C 227 31.65 20.72 -8.96
C CYS C 227 33.13 20.34 -9.10
N ILE C 228 33.95 20.71 -8.12
CA ILE C 228 35.36 20.33 -8.14
C ILE C 228 35.54 18.81 -8.09
N TYR C 229 34.80 18.14 -7.20
CA TYR C 229 34.85 16.68 -7.14
C TYR C 229 34.37 16.03 -8.44
N LEU C 230 33.19 16.43 -8.91
CA LEU C 230 32.60 15.76 -10.08
C LEU C 230 33.45 15.94 -11.33
N SER C 231 34.06 17.11 -11.51
CA SER C 231 34.97 17.29 -12.64
C SER C 231 36.24 16.47 -12.50
N TYR C 232 36.75 16.31 -11.28
CA TYR C 232 37.86 15.37 -11.05
C TYR C 232 37.46 13.94 -11.35
N TYR C 233 36.34 13.48 -10.78
CA TYR C 233 35.92 12.10 -10.98
C TYR C 233 35.63 11.77 -12.44
N PHE C 234 35.04 12.72 -13.17
CA PHE C 234 34.87 12.55 -14.61
C PHE C 234 36.20 12.48 -15.36
N SER C 235 37.24 13.14 -14.84
CA SER C 235 38.52 13.15 -15.53
C SER C 235 39.32 11.86 -15.37
N LEU C 236 38.96 11.00 -14.41
CA LEU C 236 39.71 9.77 -14.22
C LEU C 236 39.64 8.87 -15.46
N SER C 237 40.77 8.23 -15.77
CA SER C 237 40.84 7.31 -16.89
C SER C 237 39.80 6.21 -16.77
N SER C 238 39.17 5.87 -17.89
CA SER C 238 38.14 4.84 -17.88
C SER C 238 38.67 3.47 -17.43
N LEU C 239 39.92 3.16 -17.79
CA LEU C 239 40.56 1.93 -17.35
C LEU C 239 41.00 1.95 -15.88
N SER C 240 40.78 3.03 -15.14
CA SER C 240 40.92 2.97 -13.69
C SER C 240 39.88 2.07 -13.03
N ASP C 241 38.90 1.59 -13.78
CA ASP C 241 37.97 0.57 -13.29
C ASP C 241 38.59 -0.82 -13.21
N GLU C 242 39.76 -1.03 -13.79
CA GLU C 242 40.45 -2.31 -13.72
C GLU C 242 41.60 -2.25 -12.72
N PHE C 243 41.71 -3.30 -11.90
CA PHE C 243 42.77 -3.41 -10.92
C PHE C 243 43.15 -4.88 -10.76
N LEU C 244 44.33 -5.11 -10.18
CA LEU C 244 44.82 -6.44 -9.85
C LEU C 244 44.67 -6.73 -8.37
N CYS C 245 44.10 -7.89 -8.06
CA CYS C 245 43.78 -8.31 -6.70
C CYS C 245 44.56 -9.59 -6.36
N SER C 246 44.89 -9.75 -5.08
CA SER C 246 45.51 -10.98 -4.60
C SER C 246 44.84 -11.45 -3.31
N ILE C 247 44.55 -12.75 -3.23
CA ILE C 247 43.97 -13.36 -2.04
C ILE C 247 45.01 -14.01 -1.14
N LYS C 248 46.28 -14.00 -1.54
CA LYS C 248 47.36 -14.69 -0.83
C LYS C 248 47.83 -13.96 0.42
N SER C 249 46.91 -13.65 1.33
CA SER C 249 47.24 -12.96 2.57
C SER C 249 47.71 -13.93 3.64
N GLY C 250 46.86 -14.88 4.03
CA GLY C 250 47.13 -15.69 5.20
C GLY C 250 47.59 -17.10 4.92
N VAL C 251 46.77 -18.09 5.29
CA VAL C 251 47.10 -19.50 5.03
C VAL C 251 47.25 -19.76 3.54
N LEU C 252 46.57 -18.96 2.70
CA LEU C 252 46.67 -19.10 1.25
C LEU C 252 48.01 -18.65 0.70
N LYS C 253 48.83 -17.97 1.49
CA LYS C 253 50.05 -17.33 1.00
C LYS C 253 51.01 -18.31 0.33
N ASN C 254 51.05 -19.55 0.80
CA ASN C 254 51.95 -20.55 0.25
C ASN C 254 51.32 -21.43 -0.83
N ASP C 255 50.03 -21.27 -1.12
CA ASP C 255 49.33 -22.21 -1.99
C ASP C 255 49.74 -21.93 -3.43
N SER C 256 50.45 -22.88 -4.05
CA SER C 256 50.91 -22.77 -5.42
C SER C 256 49.81 -22.93 -6.45
N THR C 257 48.64 -23.43 -6.07
CA THR C 257 47.53 -23.60 -6.99
C THR C 257 46.75 -22.32 -7.25
N ILE C 258 46.99 -21.27 -6.48
CA ILE C 258 46.29 -19.99 -6.63
C ILE C 258 47.18 -19.02 -7.39
N PRO C 259 46.69 -18.36 -8.43
CA PRO C 259 47.51 -17.37 -9.13
C PRO C 259 47.79 -16.15 -8.25
N ASP C 260 48.93 -15.53 -8.51
CA ASP C 260 49.38 -14.40 -7.68
C ASP C 260 48.52 -13.16 -7.87
N ARG C 261 47.96 -12.95 -9.07
CA ARG C 261 47.07 -11.82 -9.31
C ARG C 261 45.82 -12.27 -10.05
N PHE C 262 44.69 -11.72 -9.65
CA PHE C 262 43.43 -11.86 -10.38
C PHE C 262 43.09 -10.54 -11.05
N GLN C 263 42.72 -10.60 -12.34
CA GLN C 263 42.16 -9.45 -13.02
C GLN C 263 40.73 -9.20 -12.54
N CYS C 264 40.46 -8.01 -12.04
CA CYS C 264 39.11 -7.62 -11.64
C CYS C 264 38.70 -6.36 -12.38
N LYS C 265 37.39 -6.23 -12.62
CA LYS C 265 36.84 -5.00 -13.20
C LYS C 265 35.60 -4.55 -12.43
N LEU C 266 35.54 -3.25 -12.17
CA LEU C 266 34.36 -2.60 -11.59
C LEU C 266 33.40 -2.22 -12.71
N ILE C 267 32.26 -2.91 -12.79
CA ILE C 267 31.47 -2.94 -14.02
C ILE C 267 30.69 -1.65 -14.26
N ALA C 268 30.23 -0.97 -13.20
CA ALA C 268 29.37 0.20 -13.33
C ALA C 268 30.12 1.51 -13.53
N VAL C 269 31.45 1.52 -13.40
CA VAL C 269 32.20 2.77 -13.33
C VAL C 269 31.97 3.65 -14.56
N GLY C 270 31.83 3.04 -15.73
CA GLY C 270 31.56 3.82 -16.93
C GLY C 270 30.24 4.56 -16.91
N ILE C 271 29.25 4.01 -16.21
CA ILE C 271 27.99 4.71 -16.00
C ILE C 271 28.13 5.82 -14.96
N PHE C 272 28.86 5.58 -13.88
CA PHE C 272 29.08 6.60 -12.86
C PHE C 272 29.76 7.84 -13.42
N GLN C 273 30.80 7.66 -14.22
CA GLN C 273 31.47 8.81 -14.84
C GLN C 273 30.55 9.55 -15.80
N LEU C 274 29.76 8.82 -16.58
CA LEU C 274 28.78 9.46 -17.46
C LEU C 274 27.79 10.32 -16.68
N LEU C 275 27.16 9.75 -15.64
CA LEU C 275 26.20 10.51 -14.84
C LEU C 275 26.86 11.63 -14.04
N SER C 276 28.15 11.52 -13.74
CA SER C 276 28.86 12.63 -13.10
C SER C 276 28.95 13.86 -14.01
N LEU C 277 29.06 13.65 -15.32
CA LEU C 277 29.02 14.78 -16.25
C LEU C 277 27.69 15.51 -16.23
N ILE C 278 26.59 14.76 -16.18
CA ILE C 278 25.26 15.37 -16.08
C ILE C 278 25.14 16.21 -14.81
N ASN C 279 25.56 15.66 -13.67
CA ASN C 279 25.50 16.40 -12.41
C ASN C 279 26.38 17.65 -12.43
N LEU C 280 27.58 17.54 -12.98
CA LEU C 280 28.48 18.69 -13.10
C LEU C 280 27.88 19.81 -13.96
N ILE C 281 27.28 19.45 -15.10
CA ILE C 281 26.64 20.45 -15.97
C ILE C 281 25.56 21.24 -15.23
N VAL C 282 24.65 20.54 -14.57
CA VAL C 282 23.54 21.22 -13.88
C VAL C 282 24.03 22.08 -12.72
N TYR C 283 24.96 21.56 -11.90
CA TYR C 283 25.49 22.35 -10.79
C TYR C 283 26.24 23.59 -11.27
N ALA C 284 26.95 23.49 -12.40
CA ALA C 284 27.57 24.68 -12.97
C ALA C 284 26.54 25.71 -13.41
N LEU C 285 25.37 25.27 -13.86
CA LEU C 285 24.29 26.22 -14.18
C LEU C 285 23.61 26.79 -12.94
N LEU C 286 23.62 26.07 -11.82
CA LEU C 286 23.07 26.63 -10.58
C LEU C 286 23.94 27.72 -9.99
N ILE C 287 25.26 27.67 -10.19
CA ILE C 287 26.15 28.65 -9.55
C ILE C 287 25.77 30.09 -9.87
N PRO C 288 25.58 30.50 -11.13
CA PRO C 288 25.08 31.86 -11.39
C PRO C 288 23.78 32.22 -10.68
N VAL C 289 22.84 31.29 -10.59
CA VAL C 289 21.57 31.57 -9.91
C VAL C 289 21.77 31.80 -8.42
N VAL C 290 22.58 30.97 -7.77
CA VAL C 290 22.85 31.14 -6.35
C VAL C 290 23.53 32.47 -6.05
N VAL C 291 24.52 32.84 -6.88
CA VAL C 291 25.20 34.13 -6.69
C VAL C 291 24.23 35.29 -6.79
N TYR C 292 23.30 35.24 -7.75
CA TYR C 292 22.27 36.27 -7.87
C TYR C 292 21.44 36.41 -6.60
N THR C 293 21.22 35.33 -5.85
CA THR C 293 20.49 35.41 -4.59
C THR C 293 21.21 36.17 -3.48
N PHE C 294 22.51 36.47 -3.63
CA PHE C 294 23.15 37.39 -2.69
C PHE C 294 22.74 38.84 -2.93
N PHE C 295 22.50 39.22 -4.18
CA PHE C 295 22.25 40.61 -4.53
C PHE C 295 20.78 40.96 -4.70
N ILE C 296 19.90 39.96 -4.79
CA ILE C 296 18.45 40.17 -4.79
C ILE C 296 17.99 40.98 -3.57
N PRO C 297 18.49 40.76 -2.34
CA PRO C 297 18.05 41.66 -1.26
C PRO C 297 18.62 43.06 -1.36
N PHE C 298 19.91 43.20 -1.66
CA PHE C 298 20.57 44.51 -1.54
C PHE C 298 20.17 45.46 -2.65
N ARG C 299 19.85 44.96 -3.85
CA ARG C 299 19.66 45.84 -4.99
C ARG C 299 18.51 45.40 -5.88
N GLN C 300 18.48 44.13 -6.27
CA GLN C 300 17.78 43.74 -7.49
C GLN C 300 16.31 43.40 -7.25
N LYS C 301 15.99 42.84 -6.08
CA LYS C 301 14.66 42.30 -5.77
C LYS C 301 13.97 41.63 -6.95
N THR C 313 7.37 59.64 3.59
CA THR C 313 7.69 59.17 2.24
C THR C 313 7.59 57.66 2.15
N PHE C 314 7.10 57.02 3.22
CA PHE C 314 6.95 55.58 3.24
C PHE C 314 5.83 55.15 2.30
N ASP C 315 6.08 54.08 1.54
CA ASP C 315 5.13 53.58 0.56
C ASP C 315 4.68 52.18 0.99
N VAL C 316 3.37 52.01 1.18
CA VAL C 316 2.82 50.73 1.62
C VAL C 316 2.49 49.79 0.47
N LEU C 317 2.60 50.26 -0.78
CA LEU C 317 2.40 49.40 -1.94
C LEU C 317 3.70 48.94 -2.60
N HIS C 318 4.72 49.80 -2.63
CA HIS C 318 5.96 49.49 -3.34
C HIS C 318 7.02 49.06 -2.34
N PHE C 319 7.11 47.73 -2.15
CA PHE C 319 8.16 47.14 -1.35
C PHE C 319 9.49 47.23 -2.07
N LYS C 320 10.54 47.64 -1.35
CA LYS C 320 11.79 48.04 -1.98
C LYS C 320 12.96 47.65 -1.08
N SER C 321 14.12 47.52 -1.70
CA SER C 321 15.35 47.21 -0.99
C SER C 321 15.81 48.38 -0.13
N GLU C 322 16.37 48.04 1.04
CA GLU C 322 16.80 49.01 2.04
C GLU C 322 18.20 48.71 2.56
N GLY C 323 19.01 47.99 1.79
CA GLY C 323 20.35 47.64 2.21
C GLY C 323 20.46 46.31 2.94
N TYR C 324 21.61 46.15 3.59
CA TYR C 324 21.90 45.01 4.45
C TYR C 324 21.12 45.09 5.76
N ASN C 325 19.80 45.00 5.67
CA ASN C 325 18.90 45.22 6.79
C ASN C 325 17.73 44.28 6.67
N ASP C 326 17.19 43.84 7.82
CA ASP C 326 16.12 42.85 7.80
C ASP C 326 14.90 43.34 7.04
N LEU C 327 14.69 44.66 6.98
CA LEU C 327 13.58 45.21 6.22
C LEU C 327 13.67 44.81 4.74
N SER C 328 14.89 44.65 4.22
CA SER C 328 15.06 44.13 2.86
C SER C 328 14.54 42.71 2.72
N LEU C 329 14.74 41.86 3.73
CA LEU C 329 14.16 40.53 3.70
C LEU C 329 12.64 40.58 3.81
N TYR C 330 12.12 41.34 4.78
CA TYR C 330 10.68 41.48 4.91
C TYR C 330 10.04 42.04 3.64
N ASN C 331 10.73 42.94 2.94
CA ASN C 331 10.25 43.43 1.66
C ASN C 331 10.16 42.32 0.62
N LEU C 332 11.17 41.45 0.55
CA LEU C 332 11.12 40.30 -0.33
C LEU C 332 9.99 39.33 0.04
N PHE C 333 9.90 38.97 1.32
CA PHE C 333 8.88 38.02 1.76
C PHE C 333 7.46 38.58 1.70
N LEU C 334 7.29 39.88 1.94
CA LEU C 334 5.98 40.49 1.72
C LEU C 334 5.60 40.49 0.24
N GLU C 335 6.52 40.89 -0.63
CA GLU C 335 6.21 40.93 -2.06
C GLU C 335 5.80 39.58 -2.61
N GLU C 336 6.32 38.48 -2.04
CA GLU C 336 5.87 37.16 -2.44
C GLU C 336 4.61 36.70 -1.73
N ASN C 337 4.13 37.46 -0.73
CA ASN C 337 2.92 37.11 0.00
C ASN C 337 1.79 38.12 -0.15
N ILE C 338 2.11 39.41 -0.34
CA ILE C 338 1.09 40.45 -0.31
C ILE C 338 0.12 40.32 -1.47
N SER C 339 0.55 39.71 -2.58
CA SER C 339 -0.31 39.51 -3.74
C SER C 339 -1.51 38.61 -3.46
N GLU C 340 -1.52 37.88 -2.34
CA GLU C 340 -2.70 37.11 -1.96
C GLU C 340 -3.83 37.97 -1.41
N LEU C 341 -3.53 39.19 -0.94
CA LEU C 341 -4.57 40.05 -0.39
C LEU C 341 -5.45 40.64 -1.49
N LYS C 342 -6.76 40.43 -1.36
CA LYS C 342 -7.74 40.97 -2.30
C LYS C 342 -7.64 42.48 -2.41
N SER C 343 -7.45 43.16 -1.28
CA SER C 343 -7.38 44.62 -1.25
C SER C 343 -6.13 45.14 -1.95
N TYR C 344 -5.00 44.45 -1.80
CA TYR C 344 -3.79 44.81 -2.55
C TYR C 344 -4.02 44.72 -4.05
N LYS C 345 -4.65 43.64 -4.51
CA LYS C 345 -4.90 43.48 -5.94
C LYS C 345 -5.76 44.60 -6.50
N CYS C 346 -6.81 45.00 -5.78
CA CYS C 346 -7.64 46.12 -6.21
C CYS C 346 -6.83 47.41 -6.36
N LEU C 347 -6.01 47.73 -5.37
CA LEU C 347 -5.19 48.94 -5.44
C LEU C 347 -4.16 48.88 -6.56
N LYS C 348 -3.57 47.71 -6.79
CA LYS C 348 -2.65 47.56 -7.92
C LYS C 348 -3.35 47.64 -9.26
N VAL C 349 -4.61 47.20 -9.36
CA VAL C 349 -5.40 47.43 -10.57
C VAL C 349 -5.60 48.91 -10.81
N LEU C 350 -6.00 49.65 -9.77
CA LEU C 350 -6.16 51.10 -9.90
C LEU C 350 -4.84 51.78 -10.26
N GLU C 351 -3.73 51.34 -9.66
CA GLU C 351 -2.43 51.91 -9.99
C GLU C 351 -2.04 51.65 -11.45
N ASN C 352 -2.34 50.45 -11.96
CA ASN C 352 -2.08 50.15 -13.36
C ASN C 352 -2.94 50.99 -14.30
N ILE C 353 -4.22 51.20 -13.95
CA ILE C 353 -5.07 52.08 -14.74
C ILE C 353 -4.54 53.51 -14.71
N LYS C 354 -4.24 54.01 -13.51
CA LYS C 354 -3.67 55.36 -13.39
C LYS C 354 -2.37 55.51 -14.15
N SER C 355 -1.57 54.45 -14.22
CA SER C 355 -0.34 54.47 -15.01
C SER C 355 -0.60 54.60 -16.50
N ASN C 356 -1.78 54.18 -16.97
CA ASN C 356 -2.08 54.15 -18.39
C ASN C 356 -3.16 55.14 -18.82
N GLY C 357 -3.99 55.62 -17.91
CA GLY C 357 -5.20 56.32 -18.30
C GLY C 357 -5.80 57.20 -17.22
N GLN C 358 -7.05 56.93 -16.84
CA GLN C 358 -7.76 57.79 -15.90
C GLN C 358 -7.03 57.88 -14.57
N GLY C 359 -6.84 59.10 -14.09
CA GLY C 359 -5.99 59.38 -12.96
C GLY C 359 -6.57 59.03 -11.60
N ILE C 360 -6.97 57.77 -11.42
CA ILE C 360 -7.45 57.30 -10.13
C ILE C 360 -6.23 57.03 -9.26
N ASP C 361 -5.68 58.09 -8.66
CA ASP C 361 -4.46 57.97 -7.88
C ASP C 361 -4.64 56.96 -6.74
N PRO C 362 -3.75 55.98 -6.61
CA PRO C 362 -3.87 54.93 -5.59
C PRO C 362 -3.52 55.43 -4.19
N ALA D 2 2.18 -7.61 -16.47
CA ALA D 2 2.42 -6.26 -15.99
C ALA D 2 2.11 -5.22 -17.06
N ILE D 3 2.08 -5.68 -18.31
CA ILE D 3 1.78 -4.79 -19.44
C ILE D 3 0.42 -4.11 -19.25
N ALA D 4 -0.55 -4.85 -18.73
CA ALA D 4 -1.87 -4.28 -18.46
C ALA D 4 -1.85 -3.23 -17.36
N HIS D 5 -0.97 -3.38 -16.37
CA HIS D 5 -0.77 -2.34 -15.37
C HIS D 5 -0.14 -1.09 -15.97
N LEU D 6 0.80 -1.25 -16.89
CA LEU D 6 1.38 -0.10 -17.59
C LEU D 6 0.32 0.68 -18.36
N ALA D 7 -0.58 -0.02 -19.06
CA ALA D 7 -1.67 0.66 -19.76
C ALA D 7 -2.59 1.39 -18.79
N THR D 8 -2.90 0.76 -17.65
CA THR D 8 -3.69 1.42 -16.62
C THR D 8 -2.98 2.67 -16.07
N GLU D 9 -1.67 2.58 -15.86
CA GLU D 9 -0.91 3.68 -15.29
C GLU D 9 -0.66 4.83 -16.26
N TYR D 10 -0.36 4.52 -17.53
CA TYR D 10 0.07 5.54 -18.47
C TYR D 10 -0.95 5.91 -19.55
N VAL D 11 -2.09 5.22 -19.63
CA VAL D 11 -3.07 5.56 -20.65
C VAL D 11 -4.44 5.81 -20.03
N PHE D 12 -4.93 4.86 -19.25
CA PHE D 12 -6.29 4.92 -18.73
C PHE D 12 -6.40 5.69 -17.42
N SER D 13 -5.36 6.46 -17.04
CA SER D 13 -5.48 7.33 -15.89
C SER D 13 -4.60 8.56 -16.08
N ASP D 14 -4.98 9.65 -15.42
CA ASP D 14 -4.30 10.93 -15.56
C ASP D 14 -3.10 11.01 -14.63
N PHE D 15 -2.07 11.73 -15.09
CA PHE D 15 -0.82 11.84 -14.35
C PHE D 15 -0.16 13.17 -14.72
N LEU D 16 1.10 13.32 -14.36
CA LEU D 16 1.82 14.60 -14.52
C LEU D 16 1.09 15.72 -13.79
N GLY D 27 -10.59 24.83 -9.68
CA GLY D 27 -9.67 25.93 -9.88
C GLY D 27 -9.68 26.43 -11.32
N LEU D 28 -8.94 27.51 -11.53
CA LEU D 28 -8.78 28.04 -12.88
C LEU D 28 -7.99 27.09 -13.75
N ARG D 29 -8.29 27.10 -15.04
CA ARG D 29 -7.44 26.48 -16.06
C ARG D 29 -6.33 27.46 -16.43
N LEU D 30 -5.11 27.19 -15.95
CA LEU D 30 -3.97 28.04 -16.20
C LEU D 30 -3.08 27.51 -17.32
N GLU D 31 -3.45 26.41 -17.95
CA GLU D 31 -2.86 25.96 -19.20
C GLU D 31 -3.96 25.65 -20.20
N LEU D 32 -3.74 26.07 -21.45
CA LEU D 32 -4.71 25.78 -22.50
C LEU D 32 -4.79 24.28 -22.77
N ALA D 33 -5.99 23.82 -23.09
CA ALA D 33 -6.26 22.38 -23.21
C ALA D 33 -5.36 21.71 -24.24
N VAL D 34 -5.17 22.36 -25.40
CA VAL D 34 -4.31 21.79 -26.44
C VAL D 34 -2.86 21.70 -25.96
N ASP D 35 -2.37 22.75 -25.29
CA ASP D 35 -1.00 22.74 -24.81
C ASP D 35 -0.77 21.69 -23.74
N LYS D 36 -1.74 21.53 -22.83
CA LYS D 36 -1.67 20.46 -21.83
C LYS D 36 -1.72 19.08 -22.47
N MET D 37 -2.61 18.89 -23.45
CA MET D 37 -2.73 17.61 -24.14
C MET D 37 -1.45 17.22 -24.86
N VAL D 38 -0.87 18.16 -25.62
CA VAL D 38 0.41 17.90 -26.29
C VAL D 38 1.50 17.53 -25.28
N THR D 39 1.55 18.24 -24.16
CA THR D 39 2.54 17.92 -23.13
C THR D 39 2.36 16.51 -22.58
N CYS D 40 1.12 16.10 -22.32
CA CYS D 40 0.86 14.76 -21.80
C CYS D 40 1.30 13.67 -22.78
N ILE D 41 1.04 13.86 -24.07
CA ILE D 41 1.49 12.89 -25.06
C ILE D 41 3.02 12.91 -25.17
N ALA D 42 3.59 14.10 -25.33
CA ALA D 42 5.04 14.21 -25.58
C ALA D 42 5.87 13.66 -24.42
N VAL D 43 5.47 13.95 -23.19
CA VAL D 43 6.17 13.44 -22.01
C VAL D 43 5.77 12.01 -21.69
N GLY D 44 4.49 11.68 -21.84
CA GLY D 44 4.02 10.37 -21.40
C GLY D 44 4.45 9.21 -22.28
N LEU D 45 4.48 9.41 -23.60
CA LEU D 45 4.77 8.31 -24.51
C LEU D 45 6.15 7.68 -24.32
N PRO D 46 7.25 8.44 -24.22
CA PRO D 46 8.55 7.79 -23.93
C PRO D 46 8.55 6.93 -22.67
N LEU D 47 7.83 7.34 -21.63
CA LEU D 47 7.82 6.60 -20.39
C LEU D 47 7.10 5.26 -20.52
N LEU D 48 6.00 5.24 -21.28
CA LEU D 48 5.37 3.99 -21.66
C LEU D 48 6.29 3.10 -22.48
N LEU D 49 6.92 3.66 -23.51
CA LEU D 49 7.76 2.86 -24.39
C LEU D 49 9.00 2.30 -23.68
N ILE D 50 9.60 3.07 -22.77
CA ILE D 50 10.64 2.52 -21.91
C ILE D 50 10.10 1.33 -21.12
N SER D 51 8.94 1.50 -20.48
CA SER D 51 8.38 0.44 -19.65
C SER D 51 8.05 -0.81 -20.46
N LEU D 52 7.54 -0.64 -21.68
CA LEU D 52 7.27 -1.79 -22.54
C LEU D 52 8.54 -2.48 -23.02
N ALA D 53 9.61 -1.72 -23.26
CA ALA D 53 10.84 -2.31 -23.77
C ALA D 53 11.45 -3.33 -22.82
N PHE D 54 11.17 -3.22 -21.51
CA PHE D 54 11.70 -4.15 -20.53
C PHE D 54 10.60 -4.97 -19.83
N ALA D 55 9.40 -5.01 -20.40
CA ALA D 55 8.36 -5.86 -19.87
C ALA D 55 8.80 -7.33 -19.87
N GLN D 56 8.45 -8.04 -18.80
CA GLN D 56 8.84 -9.44 -18.65
C GLN D 56 8.21 -10.32 -19.72
N GLU D 57 7.05 -9.90 -20.24
CA GLU D 57 6.43 -10.62 -21.35
C GLU D 57 7.35 -10.68 -22.57
N ILE D 58 8.18 -9.67 -22.75
CA ILE D 58 9.02 -9.56 -23.94
C ILE D 58 10.50 -9.77 -23.62
N SER D 59 10.93 -9.50 -22.38
CA SER D 59 12.33 -9.64 -22.00
C SER D 59 12.70 -11.10 -21.79
N ILE D 60 13.94 -11.44 -22.09
CA ILE D 60 14.49 -12.76 -21.82
C ILE D 60 15.55 -12.71 -20.72
N GLY D 61 15.53 -11.67 -19.91
CA GLY D 61 16.28 -11.63 -18.66
C GLY D 61 17.68 -11.08 -18.71
N THR D 62 18.23 -10.75 -19.88
CA THR D 62 19.53 -10.11 -19.91
C THR D 62 19.67 -9.22 -21.14
N GLN D 63 20.48 -8.17 -20.98
CA GLN D 63 20.69 -7.23 -22.08
C GLN D 63 21.73 -7.71 -23.07
N ILE D 64 22.70 -8.51 -22.63
CA ILE D 64 23.82 -8.94 -23.45
C ILE D 64 24.11 -10.40 -23.18
N SER D 65 24.52 -11.13 -24.22
CA SER D 65 25.07 -12.46 -24.08
C SER D 65 26.26 -12.62 -25.01
N CYS D 66 27.32 -13.26 -24.52
CA CYS D 66 28.51 -13.54 -25.30
C CYS D 66 28.75 -15.03 -25.33
N PHE D 67 29.23 -15.54 -26.46
CA PHE D 67 29.51 -16.97 -26.62
C PHE D 67 30.90 -17.28 -26.09
N SER D 68 30.96 -17.69 -24.81
CA SER D 68 32.20 -18.16 -24.22
C SER D 68 32.50 -19.59 -24.68
N PRO D 69 33.78 -19.98 -24.70
CA PRO D 69 34.12 -21.34 -25.12
C PRO D 69 33.71 -22.37 -24.08
N SER D 70 33.64 -23.62 -24.54
CA SER D 70 33.10 -24.70 -23.72
C SER D 70 33.97 -25.01 -22.50
N SER D 71 35.27 -24.71 -22.59
CA SER D 71 36.17 -24.93 -21.46
C SER D 71 36.02 -23.91 -20.34
N PHE D 72 35.43 -22.75 -20.61
CA PHE D 72 35.24 -21.76 -19.56
C PHE D 72 34.25 -22.26 -18.52
N SER D 73 34.61 -22.05 -17.25
CA SER D 73 33.69 -22.28 -16.15
C SER D 73 32.53 -21.30 -16.19
N TRP D 74 31.51 -21.59 -15.39
CA TRP D 74 30.31 -20.76 -15.33
C TRP D 74 30.65 -19.32 -14.91
N ARG D 75 31.56 -19.17 -13.95
CA ARG D 75 31.97 -17.84 -13.51
C ARG D 75 32.87 -17.12 -14.51
N GLN D 76 33.72 -17.85 -15.24
CA GLN D 76 34.47 -17.24 -16.33
C GLN D 76 33.58 -16.70 -17.43
N ALA D 77 32.55 -17.46 -17.82
CA ALA D 77 31.59 -16.95 -18.81
C ALA D 77 30.79 -15.77 -18.28
N ALA D 78 30.42 -15.79 -17.00
CA ALA D 78 29.79 -14.63 -16.38
C ALA D 78 30.70 -13.40 -16.36
N PHE D 79 32.00 -13.59 -16.22
CA PHE D 79 32.95 -12.49 -16.33
C PHE D 79 32.96 -11.87 -17.72
N VAL D 80 32.98 -12.70 -18.76
CA VAL D 80 32.99 -12.19 -20.14
C VAL D 80 31.77 -11.32 -20.41
N ASP D 81 30.57 -11.79 -20.03
CA ASP D 81 29.38 -10.98 -20.23
C ASP D 81 29.45 -9.65 -19.48
N SER D 82 29.89 -9.68 -18.22
CA SER D 82 29.99 -8.45 -17.45
C SER D 82 31.07 -7.51 -17.98
N TYR D 83 32.22 -8.05 -18.36
CA TYR D 83 33.29 -7.22 -18.92
C TYR D 83 32.87 -6.56 -20.23
N CYS D 84 32.26 -7.32 -21.13
CA CYS D 84 31.87 -6.78 -22.43
C CYS D 84 30.73 -5.77 -22.33
N TRP D 85 29.84 -5.91 -21.34
CA TRP D 85 28.88 -4.86 -21.06
C TRP D 85 29.57 -3.55 -20.69
N ALA D 86 30.62 -3.63 -19.87
CA ALA D 86 31.43 -2.45 -19.58
C ALA D 86 32.26 -2.01 -20.79
N ALA D 87 32.79 -2.97 -21.55
CA ALA D 87 33.66 -2.65 -22.67
C ALA D 87 32.95 -1.91 -23.80
N VAL D 88 31.61 -1.97 -23.84
CA VAL D 88 30.82 -1.22 -24.81
C VAL D 88 31.21 0.26 -24.86
N GLN D 89 31.64 0.81 -23.74
CA GLN D 89 32.11 2.18 -23.68
C GLN D 89 33.58 2.36 -24.05
N GLN D 90 34.35 1.28 -24.18
CA GLN D 90 35.80 1.34 -24.10
C GLN D 90 36.43 0.96 -25.43
N LYS D 91 36.72 1.99 -26.25
CA LYS D 91 37.07 1.81 -27.65
C LYS D 91 38.24 0.86 -27.85
N SER D 92 39.17 0.81 -26.90
CA SER D 92 40.37 0.00 -27.02
C SER D 92 40.10 -1.51 -27.03
N SER D 93 38.87 -1.93 -26.72
CA SER D 93 38.58 -3.36 -26.61
C SER D 93 37.31 -3.75 -27.38
N LEU D 94 36.93 -2.97 -28.39
CA LEU D 94 35.77 -3.27 -29.21
C LEU D 94 36.16 -3.39 -30.68
N GLN D 95 35.37 -4.17 -31.41
CA GLN D 95 35.39 -4.14 -32.87
C GLN D 95 33.98 -4.44 -33.37
N SER D 96 33.63 -3.84 -34.50
CA SER D 96 32.28 -3.99 -35.04
C SER D 96 32.30 -3.71 -36.53
N GLU D 97 31.18 -4.02 -37.18
CA GLU D 97 31.01 -3.71 -38.60
C GLU D 97 30.99 -2.22 -38.88
N SER D 98 30.81 -1.39 -37.85
CA SER D 98 30.81 0.06 -37.99
C SER D 98 31.55 0.63 -36.78
N GLY D 99 31.40 1.94 -36.56
CA GLY D 99 31.99 2.56 -35.39
C GLY D 99 31.38 2.06 -34.10
N ASN D 100 31.90 2.60 -33.00
CA ASN D 100 31.39 2.23 -31.68
C ASN D 100 30.13 2.98 -31.30
N LEU D 101 29.79 4.06 -32.01
CA LEU D 101 28.62 4.87 -31.68
C LEU D 101 27.33 4.07 -31.56
N PRO D 102 26.95 3.19 -32.50
CA PRO D 102 25.72 2.40 -32.31
C PRO D 102 25.67 1.64 -31.00
N LEU D 103 26.80 1.10 -30.53
CA LEU D 103 26.81 0.31 -29.30
C LEU D 103 26.48 1.17 -28.08
N TRP D 104 26.96 2.40 -28.05
CA TRP D 104 26.57 3.34 -27.01
C TRP D 104 25.08 3.65 -27.03
N LEU D 105 24.54 3.89 -28.23
CA LEU D 105 23.12 4.18 -28.37
C LEU D 105 22.25 2.99 -27.98
N HIS D 106 22.66 1.79 -28.37
CA HIS D 106 21.95 0.58 -27.97
C HIS D 106 21.96 0.37 -26.46
N LYS D 107 23.09 0.63 -25.81
CA LYS D 107 23.13 0.54 -24.35
C LYS D 107 22.29 1.60 -23.66
N PHE D 108 22.40 2.87 -24.08
CA PHE D 108 21.78 3.98 -23.37
C PHE D 108 20.42 4.40 -23.91
N PHE D 109 19.83 3.63 -24.83
CA PHE D 109 18.48 3.88 -25.33
C PHE D 109 17.47 4.23 -24.23
N PRO D 110 17.43 3.51 -23.09
CA PRO D 110 16.50 3.90 -22.01
C PRO D 110 16.74 5.29 -21.44
N TYR D 111 18.00 5.68 -21.24
CA TYR D 111 18.30 7.02 -20.73
C TYR D 111 17.99 8.11 -21.76
N ILE D 112 18.21 7.83 -23.04
CA ILE D 112 17.93 8.81 -24.09
C ILE D 112 16.44 9.13 -24.17
N LEU D 113 15.57 8.11 -24.12
CA LEU D 113 14.14 8.37 -24.08
C LEU D 113 13.73 9.10 -22.80
N LEU D 114 14.32 8.75 -21.67
CA LEU D 114 14.07 9.48 -20.43
C LEU D 114 14.47 10.94 -20.54
N LEU D 115 15.61 11.22 -21.16
CA LEU D 115 16.06 12.59 -21.36
C LEU D 115 15.07 13.42 -22.18
N PHE D 116 14.53 12.86 -23.26
CA PHE D 116 13.49 13.56 -24.01
C PHE D 116 12.25 13.83 -23.18
N ALA D 117 11.79 12.84 -22.41
CA ALA D 117 10.64 13.04 -21.54
C ALA D 117 10.85 14.21 -20.58
N ILE D 118 12.02 14.28 -19.96
CA ILE D 118 12.33 15.38 -19.04
C ILE D 118 12.40 16.70 -19.79
N LEU D 119 13.17 16.77 -20.88
CA LEU D 119 13.33 18.04 -21.60
C LEU D 119 12.00 18.58 -22.14
N LEU D 120 11.05 17.70 -22.44
CA LEU D 120 9.72 18.14 -22.88
C LEU D 120 8.83 18.58 -21.72
N TYR D 121 9.13 18.17 -20.49
CA TYR D 121 8.37 18.61 -19.33
C TYR D 121 8.82 19.98 -18.82
N LEU D 122 10.11 20.30 -18.96
CA LEU D 122 10.63 21.56 -18.41
C LEU D 122 9.93 22.82 -18.91
N PRO D 123 9.54 22.96 -20.19
CA PRO D 123 8.74 24.14 -20.57
C PRO D 123 7.43 24.28 -19.82
N ALA D 124 6.71 23.19 -19.58
CA ALA D 124 5.48 23.27 -18.79
C ALA D 124 5.78 23.63 -17.34
N LEU D 125 6.81 23.03 -16.75
CA LEU D 125 7.22 23.37 -15.40
C LEU D 125 7.61 24.83 -15.27
N PHE D 126 8.31 25.38 -16.26
CA PHE D 126 8.65 26.80 -16.25
C PHE D 126 7.41 27.69 -16.32
N TRP D 127 6.45 27.35 -17.18
CA TRP D 127 5.20 28.12 -17.23
C TRP D 127 4.48 28.10 -15.88
N ARG D 128 4.39 26.92 -15.27
CA ARG D 128 3.79 26.80 -13.93
C ARG D 128 4.56 27.59 -12.88
N PHE D 129 5.87 27.75 -13.06
CA PHE D 129 6.69 28.49 -12.11
C PHE D 129 6.67 30.00 -12.36
N SER D 130 6.80 30.43 -13.60
CA SER D 130 7.13 31.82 -13.91
C SER D 130 5.98 32.66 -14.43
N ALA D 131 4.90 32.05 -14.88
CA ALA D 131 3.81 32.79 -15.50
C ALA D 131 2.46 32.53 -14.88
N ALA D 132 2.14 31.27 -14.57
CA ALA D 132 0.84 30.93 -14.00
C ALA D 132 0.48 31.70 -12.73
N PRO D 133 1.40 31.99 -11.79
CA PRO D 133 0.98 32.77 -10.60
C PRO D 133 0.44 34.15 -10.93
N HIS D 134 1.10 34.90 -11.80
CA HIS D 134 0.60 36.23 -12.17
C HIS D 134 -0.73 36.13 -12.91
N LEU D 135 -0.80 35.25 -13.90
CA LEU D 135 -2.04 35.04 -14.66
C LEU D 135 -3.20 34.62 -13.76
N CYS D 136 -2.95 33.74 -12.79
CA CYS D 136 -4.00 33.32 -11.86
C CYS D 136 -4.59 34.49 -11.08
N SER D 137 -3.72 35.35 -10.53
CA SER D 137 -4.20 36.51 -9.78
C SER D 137 -5.03 37.46 -10.65
N ASP D 138 -4.66 37.60 -11.92
CA ASP D 138 -5.45 38.44 -12.83
C ASP D 138 -6.79 37.80 -13.20
N LEU D 139 -6.78 36.52 -13.58
CA LEU D 139 -8.02 35.86 -13.96
C LEU D 139 -9.02 35.79 -12.81
N LYS D 140 -8.53 35.57 -11.58
CA LYS D 140 -9.41 35.65 -10.41
C LYS D 140 -10.10 37.00 -10.30
N PHE D 141 -9.36 38.09 -10.51
CA PHE D 141 -9.96 39.42 -10.48
C PHE D 141 -10.91 39.64 -11.65
N ILE D 142 -10.43 39.43 -12.88
CA ILE D 142 -11.21 39.78 -14.07
C ILE D 142 -12.53 39.03 -14.13
N MET D 143 -12.52 37.73 -13.81
CA MET D 143 -13.75 36.94 -13.88
C MET D 143 -14.80 37.38 -12.87
N GLU D 144 -14.39 37.69 -11.65
CA GLU D 144 -15.36 38.12 -10.64
C GLU D 144 -15.98 39.48 -10.95
N GLU D 145 -15.22 40.38 -11.56
CA GLU D 145 -15.78 41.66 -12.02
C GLU D 145 -16.61 41.53 -13.30
N LEU D 146 -16.22 40.63 -14.20
CA LEU D 146 -17.08 40.32 -15.36
C LEU D 146 -18.41 39.73 -14.94
N ASP D 147 -18.42 38.88 -13.92
CA ASP D 147 -19.67 38.32 -13.40
C ASP D 147 -20.63 39.41 -12.96
N LYS D 148 -20.13 40.45 -12.29
CA LYS D 148 -20.97 41.60 -11.93
C LYS D 148 -21.51 42.32 -13.15
N VAL D 149 -20.69 42.52 -14.17
CA VAL D 149 -21.15 43.14 -15.41
C VAL D 149 -22.25 42.32 -16.08
N TYR D 150 -22.07 40.99 -16.15
CA TYR D 150 -23.09 40.15 -16.76
C TYR D 150 -24.39 40.12 -15.96
N ASN D 151 -24.31 39.99 -14.64
CA ASN D 151 -25.51 40.02 -13.81
C ASN D 151 -26.28 41.33 -13.97
N ARG D 152 -25.58 42.46 -14.07
CA ARG D 152 -26.23 43.73 -14.36
C ARG D 152 -26.91 43.73 -15.73
N ALA D 153 -26.23 43.22 -16.76
CA ALA D 153 -26.82 43.13 -18.09
C ALA D 153 -28.05 42.22 -18.12
N ILE D 154 -28.02 41.10 -17.38
CA ILE D 154 -29.19 40.23 -17.28
C ILE D 154 -30.37 40.96 -16.64
N LYS D 155 -30.14 41.63 -15.51
CA LYS D 155 -31.21 42.36 -14.84
C LYS D 155 -31.80 43.46 -15.73
N ALA D 156 -30.95 44.15 -16.49
CA ALA D 156 -31.45 45.13 -17.46
C ALA D 156 -32.32 44.46 -18.54
N ALA D 157 -31.81 43.40 -19.15
CA ALA D 157 -32.57 42.72 -20.19
C ALA D 157 -33.85 42.09 -19.65
N LYS D 158 -33.78 41.44 -18.48
CA LYS D 158 -34.97 40.87 -17.88
C LYS D 158 -36.01 41.92 -17.50
N SER D 159 -35.56 43.11 -17.09
CA SER D 159 -36.49 44.20 -16.83
C SER D 159 -37.05 44.79 -18.12
N ALA D 160 -36.22 44.94 -19.15
CA ALA D 160 -36.68 45.56 -20.38
C ALA D 160 -37.50 44.61 -21.25
N ARG D 161 -37.30 43.31 -21.14
CA ARG D 161 -37.90 42.37 -22.09
C ARG D 161 -38.24 41.06 -21.36
N ASP D 162 -38.90 41.18 -20.21
CA ASP D 162 -39.35 40.03 -19.42
C ASP D 162 -38.25 39.00 -19.19
N PRO D 193 -16.84 49.95 -15.73
CA PRO D 193 -15.93 50.02 -16.88
C PRO D 193 -14.49 49.68 -16.51
N ILE D 194 -14.27 49.39 -15.23
CA ILE D 194 -12.92 49.15 -14.72
C ILE D 194 -12.26 47.99 -15.45
N VAL D 195 -13.04 46.96 -15.80
CA VAL D 195 -12.51 45.81 -16.53
C VAL D 195 -12.06 46.22 -17.92
N GLU D 196 -12.89 46.99 -18.63
CA GLU D 196 -12.50 47.48 -19.96
C GLU D 196 -11.22 48.30 -19.89
N GLN D 197 -11.14 49.22 -18.93
CA GLN D 197 -9.92 50.01 -18.76
C GLN D 197 -8.72 49.13 -18.42
N TYR D 198 -8.90 48.16 -17.52
CA TYR D 198 -7.81 47.28 -17.12
C TYR D 198 -7.34 46.39 -18.26
N LEU D 199 -8.27 45.75 -18.97
CA LEU D 199 -7.90 44.91 -20.10
C LEU D 199 -7.21 45.70 -21.21
N LYS D 200 -7.66 46.93 -21.46
CA LYS D 200 -6.95 47.80 -22.41
C LYS D 200 -5.52 48.11 -22.00
N THR D 201 -5.17 47.99 -20.72
CA THR D 201 -3.76 48.08 -20.34
C THR D 201 -2.96 46.87 -20.79
N LYS D 202 -3.57 45.69 -20.85
CA LYS D 202 -2.83 44.46 -21.12
C LYS D 202 -2.26 44.42 -22.53
N LYS D 203 -2.96 45.00 -23.51
CA LYS D 203 -2.45 45.03 -24.88
C LYS D 203 -1.21 45.92 -25.02
N ASN D 204 -0.89 46.72 -24.02
CA ASN D 204 0.36 47.48 -24.00
C ASN D 204 1.54 46.71 -23.43
N SER D 205 1.32 45.55 -22.81
CA SER D 205 2.33 44.97 -21.93
C SER D 205 3.26 43.99 -22.64
N SER D 206 2.71 43.09 -23.46
CA SER D 206 3.49 42.06 -24.17
C SER D 206 4.46 41.33 -23.25
N HIS D 207 4.13 41.24 -21.97
CA HIS D 207 4.97 40.55 -21.00
C HIS D 207 4.82 39.03 -21.08
N LEU D 208 3.60 38.53 -20.90
CA LEU D 208 3.36 37.09 -20.85
C LEU D 208 3.47 36.43 -22.22
N ILE D 209 3.18 37.16 -23.30
CA ILE D 209 3.26 36.59 -24.64
C ILE D 209 4.67 36.10 -24.95
N MET D 210 5.71 36.78 -24.46
CA MET D 210 7.06 36.29 -24.64
C MET D 210 7.31 35.00 -23.85
N LYS D 211 6.85 34.95 -22.60
CA LYS D 211 6.96 33.73 -21.81
C LYS D 211 6.20 32.56 -22.45
N TYR D 212 5.01 32.82 -22.98
CA TYR D 212 4.22 31.77 -23.62
C TYR D 212 4.87 31.25 -24.90
N ILE D 213 5.17 32.16 -25.84
CA ILE D 213 5.71 31.76 -27.14
C ILE D 213 7.05 31.07 -27.00
N SER D 214 7.89 31.52 -26.06
CA SER D 214 9.15 30.82 -25.83
C SER D 214 8.96 29.41 -25.26
N CYS D 215 7.96 29.22 -24.40
CA CYS D 215 7.65 27.85 -23.95
C CYS D 215 7.17 26.96 -25.09
N ARG D 216 6.35 27.50 -25.98
CA ARG D 216 5.95 26.77 -27.19
C ARG D 216 7.15 26.48 -28.09
N LEU D 217 7.99 27.48 -28.30
CA LEU D 217 9.14 27.35 -29.22
C LEU D 217 10.16 26.32 -28.73
N VAL D 218 10.46 26.30 -27.44
CA VAL D 218 11.35 25.27 -26.89
C VAL D 218 10.74 23.87 -27.07
N THR D 219 9.44 23.73 -26.82
CA THR D 219 8.79 22.44 -27.02
C THR D 219 8.90 21.97 -28.47
N PHE D 220 8.70 22.89 -29.43
CA PHE D 220 8.88 22.57 -30.84
C PHE D 220 10.29 22.08 -31.17
N VAL D 221 11.30 22.80 -30.70
CA VAL D 221 12.69 22.43 -30.99
C VAL D 221 13.05 21.07 -30.42
N VAL D 222 12.65 20.79 -29.18
CA VAL D 222 12.97 19.48 -28.57
C VAL D 222 12.27 18.34 -29.30
N ILE D 223 11.01 18.52 -29.69
CA ILE D 223 10.32 17.49 -30.46
C ILE D 223 11.00 17.26 -31.81
N LEU D 224 11.43 18.34 -32.47
CA LEU D 224 12.12 18.21 -33.76
C LEU D 224 13.45 17.48 -33.63
N LEU D 225 14.24 17.82 -32.61
CA LEU D 225 15.50 17.11 -32.37
C LEU D 225 15.29 15.64 -32.03
N ALA D 226 14.26 15.33 -31.24
CA ALA D 226 13.92 13.94 -30.95
C ALA D 226 13.54 13.16 -32.21
N CYS D 227 12.79 13.79 -33.12
CA CYS D 227 12.49 13.14 -34.39
C CYS D 227 13.73 12.85 -35.22
N ILE D 228 14.69 13.77 -35.24
CA ILE D 228 15.94 13.53 -35.95
C ILE D 228 16.71 12.36 -35.35
N TYR D 229 16.82 12.31 -34.03
CA TYR D 229 17.47 11.17 -33.37
C TYR D 229 16.75 9.85 -33.64
N LEU D 230 15.44 9.81 -33.40
CA LEU D 230 14.70 8.56 -33.51
C LEU D 230 14.72 8.01 -34.94
N SER D 231 14.65 8.87 -35.94
CA SER D 231 14.76 8.41 -37.32
C SER D 231 16.17 7.89 -37.64
N TYR D 232 17.21 8.53 -37.09
CA TYR D 232 18.55 7.98 -37.20
C TYR D 232 18.68 6.62 -36.51
N TYR D 233 18.25 6.53 -35.26
CA TYR D 233 18.38 5.27 -34.52
C TYR D 233 17.60 4.14 -35.16
N PHE D 234 16.41 4.42 -35.70
CA PHE D 234 15.68 3.41 -36.46
C PHE D 234 16.40 3.00 -37.73
N SER D 235 17.20 3.89 -38.32
CA SER D 235 17.88 3.57 -39.57
C SER D 235 19.11 2.68 -39.38
N LEU D 236 19.62 2.53 -38.15
CA LEU D 236 20.80 1.70 -37.93
C LEU D 236 20.53 0.25 -38.30
N SER D 237 21.53 -0.39 -38.92
CA SER D 237 21.44 -1.80 -39.29
C SER D 237 21.12 -2.66 -38.09
N SER D 238 20.24 -3.64 -38.28
CA SER D 238 19.84 -4.51 -37.19
C SER D 238 21.01 -5.31 -36.62
N LEU D 239 21.95 -5.71 -37.48
CA LEU D 239 23.17 -6.39 -37.04
C LEU D 239 24.19 -5.49 -36.36
N SER D 240 23.93 -4.19 -36.22
CA SER D 240 24.74 -3.37 -35.32
C SER D 240 24.58 -3.75 -33.85
N ASP D 241 23.65 -4.65 -33.53
CA ASP D 241 23.56 -5.22 -32.19
C ASP D 241 24.64 -6.25 -31.90
N GLU D 242 25.38 -6.70 -32.91
CA GLU D 242 26.47 -7.65 -32.72
C GLU D 242 27.81 -6.94 -32.78
N PHE D 243 28.70 -7.27 -31.86
CA PHE D 243 30.04 -6.73 -31.82
C PHE D 243 31.01 -7.79 -31.29
N LEU D 244 32.30 -7.56 -31.54
CA LEU D 244 33.37 -8.40 -31.03
C LEU D 244 34.05 -7.76 -29.83
N CYS D 245 34.22 -8.54 -28.77
CA CYS D 245 34.77 -8.09 -27.51
C CYS D 245 36.05 -8.86 -27.19
N SER D 246 36.98 -8.21 -26.48
CA SER D 246 38.17 -8.88 -25.99
C SER D 246 38.45 -8.52 -24.54
N ILE D 247 38.78 -9.54 -23.73
CA ILE D 247 39.11 -9.36 -22.32
C ILE D 247 40.61 -9.28 -22.08
N LYS D 248 41.43 -9.44 -23.13
CA LYS D 248 42.88 -9.51 -23.02
C LYS D 248 43.55 -8.14 -22.81
N SER D 249 43.11 -7.41 -21.78
CA SER D 249 43.67 -6.10 -21.48
C SER D 249 44.94 -6.21 -20.63
N GLY D 250 44.83 -6.79 -19.44
CA GLY D 250 45.92 -6.73 -18.47
C GLY D 250 46.71 -8.00 -18.32
N VAL D 251 46.64 -8.62 -17.14
CA VAL D 251 47.33 -9.88 -16.89
C VAL D 251 46.86 -10.97 -17.84
N LEU D 252 45.62 -10.88 -18.33
CA LEU D 252 45.09 -11.85 -19.28
C LEU D 252 45.70 -11.73 -20.66
N LYS D 253 46.45 -10.66 -20.94
CA LYS D 253 46.91 -10.37 -22.29
C LYS D 253 47.76 -11.49 -22.88
N ASN D 254 48.51 -12.21 -22.05
CA ASN D 254 49.37 -13.29 -22.52
C ASN D 254 48.73 -14.68 -22.46
N ASP D 255 47.51 -14.80 -21.93
CA ASP D 255 46.93 -16.11 -21.66
C ASP D 255 46.46 -16.72 -22.98
N SER D 256 47.12 -17.81 -23.39
CA SER D 256 46.80 -18.51 -24.64
C SER D 256 45.51 -19.31 -24.57
N THR D 257 44.97 -19.55 -23.37
CA THR D 257 43.73 -20.30 -23.22
C THR D 257 42.48 -19.47 -23.48
N ILE D 258 42.61 -18.15 -23.59
CA ILE D 258 41.47 -17.26 -23.81
C ILE D 258 41.44 -16.89 -25.29
N PRO D 259 40.30 -17.00 -25.96
CA PRO D 259 40.23 -16.57 -27.36
C PRO D 259 40.36 -15.06 -27.50
N ASP D 260 40.89 -14.65 -28.65
CA ASP D 260 41.17 -13.23 -28.87
C ASP D 260 39.91 -12.39 -29.02
N ARG D 261 38.83 -12.96 -29.56
CA ARG D 261 37.56 -12.26 -29.68
C ARG D 261 36.41 -13.14 -29.19
N PHE D 262 35.48 -12.52 -28.47
CA PHE D 262 34.21 -13.14 -28.13
C PHE D 262 33.10 -12.50 -28.95
N GLN D 263 32.24 -13.34 -29.53
CA GLN D 263 31.01 -12.84 -30.15
C GLN D 263 30.01 -12.46 -29.07
N CYS D 264 29.55 -11.21 -29.09
CA CYS D 264 28.52 -10.74 -28.18
C CYS D 264 27.33 -10.20 -28.97
N LYS D 265 26.13 -10.31 -28.39
CA LYS D 265 24.94 -9.71 -28.98
C LYS D 265 24.14 -8.96 -27.91
N LEU D 266 23.69 -7.75 -28.28
CA LEU D 266 22.77 -6.97 -27.47
C LEU D 266 21.34 -7.38 -27.78
N ILE D 267 20.67 -8.05 -26.84
CA ILE D 267 19.50 -8.85 -27.15
C ILE D 267 18.25 -7.99 -27.40
N ALA D 268 18.11 -6.86 -26.72
CA ALA D 268 16.90 -6.04 -26.80
C ALA D 268 16.87 -5.06 -27.97
N VAL D 269 17.97 -4.90 -28.70
CA VAL D 269 18.10 -3.82 -29.67
C VAL D 269 16.99 -3.85 -30.72
N GLY D 270 16.58 -5.05 -31.14
CA GLY D 270 15.50 -5.16 -32.10
C GLY D 270 14.17 -4.62 -31.60
N ILE D 271 13.94 -4.71 -30.29
CA ILE D 271 12.76 -4.09 -29.69
C ILE D 271 12.90 -2.57 -29.60
N PHE D 272 14.08 -2.09 -29.22
CA PHE D 272 14.32 -0.65 -29.13
C PHE D 272 14.09 0.06 -30.46
N GLN D 273 14.61 -0.51 -31.56
CA GLN D 273 14.38 0.08 -32.87
C GLN D 273 12.92 0.06 -33.27
N LEU D 274 12.22 -1.04 -32.98
CA LEU D 274 10.79 -1.11 -33.23
C LEU D 274 10.02 -0.01 -32.49
N LEU D 275 10.25 0.12 -31.18
CA LEU D 275 9.56 1.14 -30.41
C LEU D 275 9.99 2.55 -30.77
N SER D 276 11.21 2.72 -31.32
CA SER D 276 11.61 4.03 -31.83
C SER D 276 10.77 4.48 -33.01
N LEU D 277 10.32 3.55 -33.86
CA LEU D 277 9.41 3.89 -34.94
C LEU D 277 8.07 4.41 -34.43
N ILE D 278 7.53 3.77 -33.39
CA ILE D 278 6.28 4.25 -32.79
C ILE D 278 6.43 5.67 -32.26
N ASN D 279 7.51 5.93 -31.52
CA ASN D 279 7.77 7.27 -30.98
C ASN D 279 7.93 8.31 -32.08
N LEU D 280 8.67 7.96 -33.14
CA LEU D 280 8.86 8.87 -34.27
C LEU D 280 7.55 9.22 -34.96
N ILE D 281 6.69 8.23 -35.18
CA ILE D 281 5.39 8.47 -35.81
C ILE D 281 4.56 9.48 -35.01
N VAL D 282 4.42 9.26 -33.70
CA VAL D 282 3.60 10.14 -32.88
C VAL D 282 4.18 11.55 -32.80
N TYR D 283 5.49 11.67 -32.60
CA TYR D 283 6.11 13.01 -32.54
C TYR D 283 5.99 13.75 -33.87
N ALA D 284 6.06 13.04 -35.00
CA ALA D 284 5.81 13.69 -36.27
C ALA D 284 4.37 14.21 -36.40
N LEU D 285 3.41 13.51 -35.78
CA LEU D 285 2.04 14.02 -35.74
C LEU D 285 1.84 15.17 -34.77
N LEU D 286 2.66 15.26 -33.72
CA LEU D 286 2.58 16.41 -32.82
C LEU D 286 3.11 17.71 -33.44
N ILE D 287 4.07 17.62 -34.36
CA ILE D 287 4.68 18.83 -34.92
C ILE D 287 3.65 19.78 -35.53
N PRO D 288 2.75 19.34 -36.42
CA PRO D 288 1.69 20.25 -36.89
C PRO D 288 0.86 20.89 -35.79
N VAL D 289 0.52 20.14 -34.74
CA VAL D 289 -0.27 20.69 -33.66
C VAL D 289 0.48 21.77 -32.90
N VAL D 290 1.76 21.54 -32.60
CA VAL D 290 2.56 22.54 -31.89
C VAL D 290 2.71 23.82 -32.71
N VAL D 291 2.95 23.69 -34.01
CA VAL D 291 3.06 24.87 -34.87
C VAL D 291 1.77 25.69 -34.87
N TYR D 292 0.61 25.02 -34.91
CA TYR D 292 -0.66 25.72 -34.80
C TYR D 292 -0.79 26.55 -33.53
N THR D 293 -0.17 26.11 -32.44
CA THR D 293 -0.20 26.88 -31.19
C THR D 293 0.58 28.18 -31.24
N PHE D 294 1.42 28.41 -32.26
CA PHE D 294 1.98 29.75 -32.44
C PHE D 294 0.97 30.74 -33.00
N PHE D 295 0.03 30.28 -33.83
CA PHE D 295 -0.88 31.18 -34.52
C PHE D 295 -2.26 31.27 -33.89
N ILE D 296 -2.58 30.36 -32.97
CA ILE D 296 -3.81 30.46 -32.18
C ILE D 296 -3.93 31.80 -31.46
N PRO D 297 -2.87 32.39 -30.86
CA PRO D 297 -3.09 33.72 -30.28
C PRO D 297 -3.25 34.82 -31.31
N PHE D 298 -2.42 34.83 -32.36
CA PHE D 298 -2.38 35.98 -33.25
C PHE D 298 -3.60 36.07 -34.17
N ARG D 299 -4.20 34.94 -34.53
CA ARG D 299 -5.23 34.95 -35.56
C ARG D 299 -6.38 34.00 -35.24
N GLN D 300 -6.07 32.74 -34.92
CA GLN D 300 -7.04 31.66 -35.11
C GLN D 300 -7.94 31.45 -33.91
N LYS D 301 -7.44 31.67 -32.70
CA LYS D 301 -8.12 31.36 -31.44
C LYS D 301 -8.94 30.07 -31.50
N THR D 313 -16.49 50.39 -28.51
CA THR D 313 -16.67 49.25 -29.37
C THR D 313 -16.19 47.96 -28.71
N PHE D 314 -15.81 48.07 -27.44
CA PHE D 314 -15.34 46.91 -26.69
C PHE D 314 -16.49 45.94 -26.43
N ASP D 315 -16.23 44.66 -26.60
CA ASP D 315 -17.23 43.61 -26.44
C ASP D 315 -16.81 42.72 -25.28
N VAL D 316 -17.69 42.62 -24.27
CA VAL D 316 -17.41 41.82 -23.09
C VAL D 316 -17.83 40.37 -23.22
N LEU D 317 -18.51 39.99 -24.31
CA LEU D 317 -18.86 38.61 -24.57
C LEU D 317 -17.96 37.94 -25.59
N HIS D 318 -17.51 38.66 -26.62
CA HIS D 318 -16.74 38.06 -27.71
C HIS D 318 -15.27 38.37 -27.50
N PHE D 319 -14.58 37.43 -26.85
CA PHE D 319 -13.13 37.48 -26.70
C PHE D 319 -12.46 37.21 -28.04
N LYS D 320 -11.46 38.02 -28.38
CA LYS D 320 -10.92 38.06 -29.73
C LYS D 320 -9.43 38.34 -29.69
N SER D 321 -8.75 37.93 -30.76
CA SER D 321 -7.32 38.18 -30.90
C SER D 321 -7.02 39.65 -31.14
N GLU D 322 -5.90 40.11 -30.56
CA GLU D 322 -5.49 41.50 -30.59
C GLU D 322 -4.03 41.66 -30.98
N GLY D 323 -3.46 40.66 -31.66
CA GLY D 323 -2.07 40.72 -32.04
C GLY D 323 -1.11 40.09 -31.04
N TYR D 324 0.17 40.41 -31.26
CA TYR D 324 1.26 40.02 -30.36
C TYR D 324 1.22 40.82 -29.06
N ASN D 325 0.17 40.62 -28.28
CA ASN D 325 -0.11 41.42 -27.09
C ASN D 325 -0.71 40.51 -26.04
N ASP D 326 -0.43 40.82 -24.77
CA ASP D 326 -0.88 39.95 -23.68
C ASP D 326 -2.39 39.83 -23.64
N LEU D 327 -3.11 40.83 -24.14
CA LEU D 327 -4.56 40.76 -24.21
C LEU D 327 -5.03 39.56 -25.04
N SER D 328 -4.24 39.19 -26.07
CA SER D 328 -4.52 37.98 -26.83
C SER D 328 -4.42 36.72 -25.97
N LEU D 329 -3.45 36.66 -25.07
CA LEU D 329 -3.39 35.54 -24.14
C LEU D 329 -4.56 35.55 -23.16
N TYR D 330 -4.84 36.71 -22.55
CA TYR D 330 -5.97 36.82 -21.64
C TYR D 330 -7.28 36.46 -22.33
N ASN D 331 -7.42 36.82 -23.61
CA ASN D 331 -8.60 36.42 -24.36
C ASN D 331 -8.70 34.91 -24.50
N LEU D 332 -7.59 34.23 -24.79
CA LEU D 332 -7.59 32.77 -24.82
C LEU D 332 -7.90 32.16 -23.46
N PHE D 333 -7.23 32.62 -22.41
CA PHE D 333 -7.45 32.06 -21.07
C PHE D 333 -8.83 32.39 -20.50
N LEU D 334 -9.37 33.58 -20.81
CA LEU D 334 -10.76 33.85 -20.42
C LEU D 334 -11.75 32.95 -21.15
N GLU D 335 -11.59 32.81 -22.47
CA GLU D 335 -12.51 31.98 -23.24
C GLU D 335 -12.55 30.54 -22.75
N GLU D 336 -11.43 30.03 -22.21
CA GLU D 336 -11.44 28.70 -21.62
C GLU D 336 -11.92 28.69 -20.17
N ASN D 337 -12.14 29.85 -19.56
CA ASN D 337 -12.61 29.94 -18.18
C ASN D 337 -13.97 30.60 -18.04
N ILE D 338 -14.33 31.54 -18.92
CA ILE D 338 -15.54 32.34 -18.75
C ILE D 338 -16.79 31.48 -18.86
N SER D 339 -16.72 30.35 -19.58
CA SER D 339 -17.86 29.45 -19.72
C SER D 339 -18.32 28.82 -18.41
N GLU D 340 -17.51 28.89 -17.34
CA GLU D 340 -17.97 28.45 -16.03
C GLU D 340 -18.94 29.41 -15.36
N LEU D 341 -18.98 30.67 -15.77
CA LEU D 341 -19.88 31.64 -15.17
C LEU D 341 -21.33 31.41 -15.61
N LYS D 342 -22.21 31.23 -14.62
CA LYS D 342 -23.64 31.05 -14.88
C LYS D 342 -24.22 32.21 -15.67
N SER D 343 -23.82 33.43 -15.35
CA SER D 343 -24.33 34.62 -16.03
C SER D 343 -23.88 34.71 -17.48
N TYR D 344 -22.65 34.30 -17.76
CA TYR D 344 -22.19 34.21 -19.15
C TYR D 344 -23.03 33.23 -19.95
N LYS D 345 -23.30 32.05 -19.40
CA LYS D 345 -24.10 31.05 -20.11
C LYS D 345 -25.49 31.58 -20.45
N CYS D 346 -26.15 32.26 -19.51
CA CYS D 346 -27.45 32.86 -19.78
C CYS D 346 -27.40 33.85 -20.94
N LEU D 347 -26.42 34.75 -20.94
CA LEU D 347 -26.29 35.73 -22.02
C LEU D 347 -25.98 35.07 -23.36
N LYS D 348 -25.14 34.03 -23.35
CA LYS D 348 -24.88 33.28 -24.58
C LYS D 348 -26.10 32.51 -25.08
N VAL D 349 -26.95 32.04 -24.17
CA VAL D 349 -28.23 31.45 -24.59
C VAL D 349 -29.11 32.48 -25.27
N LEU D 350 -29.24 33.67 -24.68
CA LEU D 350 -30.00 34.75 -25.31
C LEU D 350 -29.40 35.15 -26.65
N GLU D 351 -28.07 35.22 -26.74
CA GLU D 351 -27.42 35.56 -28.01
C GLU D 351 -27.69 34.50 -29.08
N ASN D 352 -27.68 33.22 -28.70
CA ASN D 352 -28.01 32.16 -29.66
C ASN D 352 -29.46 32.23 -30.11
N ILE D 353 -30.38 32.53 -29.20
CA ILE D 353 -31.79 32.72 -29.58
C ILE D 353 -31.93 33.91 -30.52
N LYS D 354 -31.34 35.05 -30.14
CA LYS D 354 -31.37 36.23 -30.99
C LYS D 354 -30.75 35.97 -32.37
N SER D 355 -29.72 35.13 -32.43
CA SER D 355 -29.13 34.75 -33.72
C SER D 355 -30.09 33.94 -34.58
N ASN D 356 -31.07 33.26 -33.99
CA ASN D 356 -31.96 32.38 -34.73
C ASN D 356 -33.41 32.86 -34.78
N GLY D 357 -33.83 33.74 -33.88
CA GLY D 357 -35.25 33.99 -33.70
C GLY D 357 -35.57 35.31 -33.03
N GLN D 358 -36.27 35.24 -31.89
CA GLN D 358 -36.74 36.45 -31.22
C GLN D 358 -35.58 37.35 -30.83
N GLY D 359 -35.70 38.64 -31.18
CA GLY D 359 -34.61 39.59 -31.08
C GLY D 359 -34.31 40.06 -29.68
N ILE D 360 -34.02 39.14 -28.77
CA ILE D 360 -33.61 39.51 -27.41
C ILE D 360 -32.13 39.87 -27.46
N ASP D 361 -31.85 41.11 -27.87
CA ASP D 361 -30.48 41.56 -28.05
C ASP D 361 -29.69 41.42 -26.76
N PRO D 362 -28.52 40.75 -26.77
CA PRO D 362 -27.72 40.51 -25.58
C PRO D 362 -27.00 41.78 -25.09
N ALA E 2 -2.88 -15.78 -8.78
CA ALA E 2 -3.00 -14.39 -9.21
C ALA E 2 -4.16 -14.22 -10.18
N ILE E 3 -4.59 -15.33 -10.78
CA ILE E 3 -5.70 -15.30 -11.73
C ILE E 3 -6.94 -14.73 -11.08
N ALA E 4 -7.18 -15.06 -9.81
CA ALA E 4 -8.33 -14.53 -9.08
C ALA E 4 -8.22 -13.04 -8.84
N HIS E 5 -7.01 -12.52 -8.66
CA HIS E 5 -6.80 -11.07 -8.58
C HIS E 5 -7.09 -10.39 -9.92
N LEU E 6 -6.71 -11.01 -11.02
CA LEU E 6 -7.04 -10.47 -12.33
C LEU E 6 -8.55 -10.37 -12.54
N ALA E 7 -9.31 -11.40 -12.14
CA ALA E 7 -10.76 -11.33 -12.24
C ALA E 7 -11.34 -10.22 -11.36
N THR E 8 -10.80 -10.06 -10.15
CA THR E 8 -11.20 -8.96 -9.28
C THR E 8 -10.89 -7.60 -9.90
N GLU E 9 -9.72 -7.47 -10.52
CA GLU E 9 -9.30 -6.21 -11.11
C GLU E 9 -10.02 -5.85 -12.40
N TYR E 10 -10.25 -6.83 -13.28
CA TYR E 10 -10.75 -6.56 -14.61
C TYR E 10 -12.20 -6.95 -14.86
N VAL E 11 -12.87 -7.62 -13.91
CA VAL E 11 -14.25 -8.01 -14.13
C VAL E 11 -15.14 -7.53 -12.99
N PHE E 12 -14.79 -7.85 -11.76
CA PHE E 12 -15.64 -7.57 -10.61
C PHE E 12 -15.43 -6.18 -10.03
N SER E 13 -14.76 -5.28 -10.75
CA SER E 13 -14.65 -3.90 -10.31
C SER E 13 -14.55 -2.99 -11.52
N ASP E 14 -14.98 -1.74 -11.33
CA ASP E 14 -15.02 -0.76 -12.40
C ASP E 14 -13.67 -0.07 -12.57
N PHE E 15 -13.35 0.30 -13.81
CA PHE E 15 -12.08 0.91 -14.14
C PHE E 15 -12.27 1.78 -15.38
N LEU E 16 -11.16 2.20 -16.00
CA LEU E 16 -11.19 3.16 -17.10
C LEU E 16 -11.87 4.46 -16.66
N GLY E 27 -22.84 13.52 -10.84
CA GLY E 27 -22.65 14.33 -12.02
C GLY E 27 -23.52 13.89 -13.17
N LEU E 28 -23.48 14.67 -14.25
CA LEU E 28 -24.20 14.30 -15.46
C LEU E 28 -23.59 13.06 -16.10
N ARG E 29 -24.44 12.29 -16.77
CA ARG E 29 -23.99 11.24 -17.69
C ARG E 29 -23.67 11.87 -19.05
N LEU E 30 -22.38 12.02 -19.34
CA LEU E 30 -21.94 12.61 -20.59
C LEU E 30 -21.54 11.58 -21.63
N GLU E 31 -21.69 10.29 -21.33
CA GLU E 31 -21.61 9.23 -22.32
C GLU E 31 -22.82 8.31 -22.17
N LEU E 32 -23.40 7.91 -23.30
CA LEU E 32 -24.54 7.01 -23.27
C LEU E 32 -24.12 5.64 -22.74
N ALA E 33 -25.04 5.01 -22.00
CA ALA E 33 -24.72 3.78 -21.28
C ALA E 33 -24.23 2.68 -22.22
N VAL E 34 -24.87 2.52 -23.38
CA VAL E 34 -24.44 1.50 -24.34
C VAL E 34 -23.05 1.79 -24.87
N ASP E 35 -22.77 3.06 -25.19
CA ASP E 35 -21.46 3.41 -25.72
C ASP E 35 -20.36 3.22 -24.68
N LYS E 36 -20.63 3.58 -23.43
CA LYS E 36 -19.69 3.32 -22.34
C LYS E 36 -19.48 1.82 -22.11
N MET E 37 -20.56 1.05 -22.13
CA MET E 37 -20.46 -0.40 -21.95
C MET E 37 -19.62 -1.06 -23.04
N VAL E 38 -19.89 -0.74 -24.30
CA VAL E 38 -19.09 -1.26 -25.40
C VAL E 38 -17.62 -0.89 -25.25
N THR E 39 -17.33 0.34 -24.87
CA THR E 39 -15.95 0.76 -24.65
C THR E 39 -15.27 -0.05 -23.55
N CYS E 40 -15.97 -0.30 -22.44
CA CYS E 40 -15.38 -1.09 -21.35
C CYS E 40 -15.06 -2.51 -21.78
N ILE E 41 -15.94 -3.14 -22.55
CA ILE E 41 -15.65 -4.49 -23.05
C ILE E 41 -14.51 -4.46 -24.06
N ALA E 42 -14.59 -3.55 -25.05
CA ALA E 42 -13.63 -3.53 -26.14
C ALA E 42 -12.22 -3.23 -25.65
N VAL E 43 -12.07 -2.28 -24.72
CA VAL E 43 -10.77 -1.96 -24.16
C VAL E 43 -10.36 -2.94 -23.07
N GLY E 44 -11.30 -3.37 -22.24
CA GLY E 44 -10.95 -4.18 -21.08
C GLY E 44 -10.54 -5.61 -21.41
N LEU E 45 -11.22 -6.22 -22.38
CA LEU E 45 -10.97 -7.65 -22.67
C LEU E 45 -9.54 -7.95 -23.11
N PRO E 46 -8.92 -7.22 -24.05
CA PRO E 46 -7.51 -7.49 -24.37
C PRO E 46 -6.58 -7.43 -23.18
N LEU E 47 -6.83 -6.53 -22.23
CA LEU E 47 -5.95 -6.38 -21.08
C LEU E 47 -6.06 -7.57 -20.14
N LEU E 48 -7.26 -8.11 -19.96
CA LEU E 48 -7.44 -9.37 -19.26
C LEU E 48 -6.73 -10.52 -19.97
N LEU E 49 -6.94 -10.65 -21.27
CA LEU E 49 -6.36 -11.77 -22.02
C LEU E 49 -4.83 -11.72 -22.06
N ILE E 50 -4.24 -10.52 -22.17
CA ILE E 50 -2.80 -10.40 -22.00
C ILE E 50 -2.37 -10.90 -20.63
N SER E 51 -3.06 -10.47 -19.57
CA SER E 51 -2.70 -10.85 -18.22
C SER E 51 -2.83 -12.35 -17.99
N LEU E 52 -3.86 -12.98 -18.56
CA LEU E 52 -4.02 -14.43 -18.46
C LEU E 52 -2.96 -15.19 -19.24
N ALA E 53 -2.54 -14.65 -20.38
CA ALA E 53 -1.56 -15.36 -21.22
C ALA E 53 -0.23 -15.57 -20.51
N PHE E 54 0.11 -14.73 -19.53
CA PHE E 54 1.36 -14.86 -18.78
C PHE E 54 1.15 -15.16 -17.31
N ALA E 55 -0.05 -15.61 -16.93
CA ALA E 55 -0.28 -16.04 -15.56
C ALA E 55 0.66 -17.19 -15.19
N GLN E 56 1.16 -17.13 -13.95
CA GLN E 56 2.11 -18.15 -13.48
C GLN E 56 1.46 -19.52 -13.39
N GLU E 57 0.14 -19.57 -13.22
CA GLU E 57 -0.58 -20.84 -13.25
C GLU E 57 -0.39 -21.56 -14.58
N ILE E 58 -0.23 -20.81 -15.67
CA ILE E 58 -0.16 -21.38 -17.00
C ILE E 58 1.24 -21.27 -17.61
N SER E 59 2.04 -20.30 -17.18
CA SER E 59 3.38 -20.10 -17.72
C SER E 59 4.35 -21.12 -17.15
N ILE E 60 5.33 -21.50 -17.97
CA ILE E 60 6.43 -22.37 -17.55
C ILE E 60 7.75 -21.62 -17.49
N GLY E 61 7.70 -20.29 -17.41
CA GLY E 61 8.84 -19.48 -17.07
C GLY E 61 9.72 -18.98 -18.20
N THR E 62 9.47 -19.39 -19.45
CA THR E 62 10.23 -18.80 -20.55
C THR E 62 9.41 -18.82 -21.83
N GLN E 63 9.68 -17.84 -22.69
CA GLN E 63 8.97 -17.72 -23.95
C GLN E 63 9.53 -18.64 -25.04
N ILE E 64 10.81 -18.96 -24.97
CA ILE E 64 11.49 -19.72 -26.01
C ILE E 64 12.44 -20.72 -25.37
N SER E 65 12.56 -21.90 -25.98
CA SER E 65 13.61 -22.85 -25.63
C SER E 65 14.18 -23.46 -26.90
N CYS E 66 15.49 -23.61 -26.94
CA CYS E 66 16.18 -24.23 -28.07
C CYS E 66 16.97 -25.44 -27.56
N PHE E 67 17.02 -26.49 -28.38
CA PHE E 67 17.74 -27.72 -28.02
C PHE E 67 19.21 -27.57 -28.38
N SER E 68 20.01 -27.12 -27.42
CA SER E 68 21.46 -27.09 -27.57
C SER E 68 22.06 -28.49 -27.42
N PRO E 69 23.20 -28.73 -28.05
CA PRO E 69 23.83 -30.05 -27.93
C PRO E 69 24.40 -30.29 -26.54
N SER E 70 24.64 -31.57 -26.25
CA SER E 70 25.03 -31.99 -24.90
C SER E 70 26.40 -31.46 -24.50
N SER E 71 27.27 -31.18 -25.48
CA SER E 71 28.59 -30.65 -25.19
C SER E 71 28.59 -29.17 -24.83
N PHE E 72 27.52 -28.43 -25.15
CA PHE E 72 27.47 -27.03 -24.78
C PHE E 72 27.37 -26.86 -23.27
N SER E 73 28.16 -25.92 -22.75
CA SER E 73 28.04 -25.51 -21.36
C SER E 73 26.71 -24.81 -21.11
N TRP E 74 26.39 -24.63 -19.83
CA TRP E 74 25.14 -24.00 -19.44
C TRP E 74 25.03 -22.58 -19.99
N ARG E 75 26.13 -21.82 -20.00
CA ARG E 75 26.12 -20.47 -20.54
C ARG E 75 26.08 -20.43 -22.06
N GLN E 76 26.70 -21.41 -22.73
CA GLN E 76 26.54 -21.52 -24.18
C GLN E 76 25.11 -21.80 -24.59
N ALA E 77 24.42 -22.69 -23.89
CA ALA E 77 23.01 -22.94 -24.18
C ALA E 77 22.14 -21.71 -23.86
N ALA E 78 22.46 -20.99 -22.79
CA ALA E 78 21.77 -19.72 -22.51
C ALA E 78 22.00 -18.68 -23.59
N PHE E 79 23.18 -18.68 -24.22
CA PHE E 79 23.43 -17.79 -25.36
C PHE E 79 22.53 -18.13 -26.55
N VAL E 80 22.40 -19.41 -26.87
CA VAL E 80 21.57 -19.82 -28.00
C VAL E 80 20.12 -19.36 -27.82
N ASP E 81 19.55 -19.57 -26.64
CA ASP E 81 18.18 -19.12 -26.40
C ASP E 81 18.07 -17.61 -26.54
N SER E 82 19.00 -16.85 -25.96
CA SER E 82 18.95 -15.39 -26.06
C SER E 82 19.18 -14.90 -27.48
N TYR E 83 20.13 -15.49 -28.20
CA TYR E 83 20.37 -15.10 -29.59
C TYR E 83 19.16 -15.37 -30.48
N CYS E 84 18.58 -16.55 -30.36
CA CYS E 84 17.45 -16.91 -31.21
C CYS E 84 16.19 -16.11 -30.90
N TRP E 85 16.01 -15.69 -29.65
CA TRP E 85 14.95 -14.74 -29.35
C TRP E 85 15.14 -13.42 -30.09
N ALA E 86 16.39 -12.94 -30.17
CA ALA E 86 16.68 -11.77 -30.99
C ALA E 86 16.60 -12.08 -32.48
N ALA E 87 17.05 -13.28 -32.89
CA ALA E 87 17.09 -13.64 -34.30
C ALA E 87 15.70 -13.76 -34.93
N VAL E 88 14.66 -13.90 -34.11
CA VAL E 88 13.27 -13.93 -34.60
C VAL E 88 12.97 -12.76 -35.52
N GLN E 89 13.61 -11.61 -35.29
CA GLN E 89 13.45 -10.45 -36.15
C GLN E 89 14.37 -10.44 -37.36
N GLN E 90 15.34 -11.35 -37.44
CA GLN E 90 16.51 -11.16 -38.30
C GLN E 90 16.54 -12.22 -39.40
N LYS E 91 15.98 -11.86 -40.56
CA LYS E 91 15.66 -12.83 -41.62
C LYS E 91 16.89 -13.63 -42.04
N SER E 92 18.08 -13.05 -41.97
CA SER E 92 19.30 -13.71 -42.42
C SER E 92 19.67 -14.94 -41.60
N SER E 93 19.02 -15.17 -40.46
CA SER E 93 19.42 -16.26 -39.57
C SER E 93 18.23 -17.11 -39.14
N LEU E 94 17.14 -17.10 -39.91
CA LEU E 94 15.96 -17.90 -39.61
C LEU E 94 15.63 -18.84 -40.76
N GLN E 95 14.99 -19.96 -40.42
CA GLN E 95 14.32 -20.79 -41.40
C GLN E 95 13.09 -21.41 -40.73
N SER E 96 12.05 -21.64 -41.52
CA SER E 96 10.79 -22.15 -40.98
C SER E 96 10.00 -22.80 -42.10
N GLU E 97 8.95 -23.51 -41.71
CA GLU E 97 8.03 -24.12 -42.67
C GLU E 97 7.27 -23.08 -43.49
N SER E 98 7.28 -21.82 -43.07
CA SER E 98 6.64 -20.73 -43.80
C SER E 98 7.55 -19.51 -43.71
N GLY E 99 7.01 -18.35 -44.05
CA GLY E 99 7.76 -17.12 -43.94
C GLY E 99 8.08 -16.79 -42.48
N ASN E 100 8.78 -15.67 -42.32
CA ASN E 100 9.15 -15.22 -40.98
C ASN E 100 8.02 -14.46 -40.29
N LEU E 101 6.99 -14.03 -41.02
CA LEU E 101 5.89 -13.26 -40.45
C LEU E 101 5.26 -13.90 -39.22
N PRO E 102 4.88 -15.18 -39.23
CA PRO E 102 4.31 -15.79 -38.00
C PRO E 102 5.19 -15.62 -36.76
N LEU E 103 6.51 -15.71 -36.92
CA LEU E 103 7.41 -15.61 -35.76
C LEU E 103 7.37 -14.22 -35.14
N TRP E 104 7.26 -13.18 -35.97
CA TRP E 104 7.07 -11.83 -35.45
C TRP E 104 5.76 -11.69 -34.69
N LEU E 105 4.68 -12.22 -35.26
CA LEU E 105 3.37 -12.17 -34.60
C LEU E 105 3.35 -12.95 -33.29
N HIS E 106 3.98 -14.12 -33.28
CA HIS E 106 4.09 -14.89 -32.05
C HIS E 106 4.88 -14.16 -30.97
N LYS E 107 5.97 -13.48 -31.34
CA LYS E 107 6.72 -12.70 -30.37
C LYS E 107 5.94 -11.48 -29.87
N PHE E 108 5.34 -10.72 -30.77
CA PHE E 108 4.72 -9.45 -30.41
C PHE E 108 3.22 -9.50 -30.12
N PHE E 109 2.65 -10.70 -30.02
CA PHE E 109 1.25 -10.87 -29.64
C PHE E 109 0.82 -10.00 -28.45
N PRO E 110 1.62 -9.90 -27.37
CA PRO E 110 1.22 -9.00 -26.27
C PRO E 110 1.11 -7.53 -26.65
N TYR E 111 2.04 -7.03 -27.46
CA TYR E 111 1.98 -5.64 -27.90
C TYR E 111 0.82 -5.39 -28.87
N ILE E 112 0.51 -6.36 -29.72
CA ILE E 112 -0.59 -6.21 -30.66
C ILE E 112 -1.94 -6.09 -29.95
N LEU E 113 -2.18 -6.93 -28.94
CA LEU E 113 -3.40 -6.78 -28.15
C LEU E 113 -3.43 -5.46 -27.38
N LEU E 114 -2.28 -5.04 -26.84
CA LEU E 114 -2.21 -3.73 -26.19
C LEU E 114 -2.53 -2.60 -27.16
N LEU E 115 -2.03 -2.68 -28.39
CA LEU E 115 -2.32 -1.67 -29.40
C LEU E 115 -3.81 -1.55 -29.69
N PHE E 116 -4.52 -2.67 -29.82
CA PHE E 116 -5.96 -2.62 -30.01
C PHE E 116 -6.68 -1.99 -28.81
N ALA E 117 -6.28 -2.34 -27.60
CA ALA E 117 -6.86 -1.73 -26.41
C ALA E 117 -6.71 -0.22 -26.41
N ILE E 118 -5.53 0.27 -26.76
CA ILE E 118 -5.30 1.71 -26.83
C ILE E 118 -6.13 2.35 -27.95
N LEU E 119 -6.06 1.80 -29.16
CA LEU E 119 -6.78 2.39 -30.28
C LEU E 119 -8.29 2.43 -30.07
N LEU E 120 -8.83 1.49 -29.31
CA LEU E 120 -10.26 1.51 -28.97
C LEU E 120 -10.61 2.49 -27.86
N TYR E 121 -9.62 2.91 -27.06
CA TYR E 121 -9.87 3.91 -26.02
C TYR E 121 -9.82 5.34 -26.58
N LEU E 122 -9.00 5.59 -27.59
CA LEU E 122 -8.84 6.95 -28.11
C LEU E 122 -10.13 7.63 -28.56
N PRO E 123 -11.08 6.96 -29.22
CA PRO E 123 -12.37 7.63 -29.51
C PRO E 123 -13.12 8.11 -28.28
N ALA E 124 -13.14 7.34 -27.19
CA ALA E 124 -13.76 7.80 -25.96
C ALA E 124 -13.01 8.97 -25.35
N LEU E 125 -11.68 8.90 -25.32
CA LEU E 125 -10.86 10.01 -24.84
C LEU E 125 -11.07 11.28 -25.64
N PHE E 126 -11.20 11.16 -26.96
CA PHE E 126 -11.50 12.33 -27.79
C PHE E 126 -12.87 12.93 -27.48
N TRP E 127 -13.89 12.09 -27.29
CA TRP E 127 -15.21 12.60 -26.91
C TRP E 127 -15.14 13.34 -25.57
N ARG E 128 -14.46 12.75 -24.59
CA ARG E 128 -14.26 13.42 -23.31
C ARG E 128 -13.48 14.72 -23.43
N PHE E 129 -12.60 14.82 -24.42
CA PHE E 129 -11.81 16.04 -24.63
C PHE E 129 -12.54 17.09 -25.44
N SER E 130 -13.20 16.70 -26.53
CA SER E 130 -13.63 17.66 -27.54
C SER E 130 -15.12 17.96 -27.55
N ALA E 131 -15.94 17.13 -26.92
CA ALA E 131 -17.39 17.29 -27.00
C ALA E 131 -18.06 17.38 -25.64
N ALA E 132 -17.66 16.53 -24.69
CA ALA E 132 -18.28 16.52 -23.37
C ALA E 132 -18.29 17.87 -22.65
N PRO E 133 -17.24 18.72 -22.73
CA PRO E 133 -17.33 20.02 -22.03
C PRO E 133 -18.47 20.90 -22.52
N HIS E 134 -18.65 21.03 -23.84
CA HIS E 134 -19.75 21.83 -24.36
C HIS E 134 -21.11 21.24 -23.98
N LEU E 135 -21.27 19.94 -24.21
CA LEU E 135 -22.51 19.25 -23.85
C LEU E 135 -22.84 19.38 -22.36
N CYS E 136 -21.84 19.27 -21.49
CA CYS E 136 -22.07 19.42 -20.06
C CYS E 136 -22.64 20.79 -19.70
N SER E 137 -22.05 21.86 -20.25
CA SER E 137 -22.54 23.21 -19.98
C SER E 137 -23.98 23.41 -20.46
N ASP E 138 -24.35 22.78 -21.58
CA ASP E 138 -25.72 22.87 -22.07
C ASP E 138 -26.69 22.06 -21.21
N LEU E 139 -26.35 20.80 -20.89
CA LEU E 139 -27.23 19.97 -20.09
C LEU E 139 -27.46 20.55 -18.70
N LYS E 140 -26.42 21.13 -18.09
CA LYS E 140 -26.59 21.83 -16.82
C LYS E 140 -27.63 22.94 -16.92
N PHE E 141 -27.59 23.74 -17.99
CA PHE E 141 -28.58 24.78 -18.20
C PHE E 141 -29.97 24.21 -18.48
N ILE E 142 -30.07 23.33 -19.48
CA ILE E 142 -31.39 22.87 -19.94
C ILE E 142 -32.15 22.15 -18.85
N MET E 143 -31.47 21.30 -18.07
CA MET E 143 -32.15 20.54 -17.02
C MET E 143 -32.69 21.44 -15.91
N GLU E 144 -31.92 22.45 -15.48
CA GLU E 144 -32.40 23.33 -14.42
C GLU E 144 -33.57 24.20 -14.85
N GLU E 145 -33.61 24.60 -16.12
CA GLU E 145 -34.78 25.31 -16.64
C GLU E 145 -35.98 24.41 -16.90
N LEU E 146 -35.74 23.18 -17.34
CA LEU E 146 -36.83 22.19 -17.44
C LEU E 146 -37.45 21.89 -16.09
N ASP E 147 -36.63 21.81 -15.03
CA ASP E 147 -37.16 21.60 -13.69
C ASP E 147 -38.15 22.68 -13.28
N LYS E 148 -37.86 23.94 -13.62
CA LYS E 148 -38.81 25.02 -13.36
C LYS E 148 -40.11 24.85 -14.16
N VAL E 149 -40.01 24.45 -15.43
CA VAL E 149 -41.19 24.18 -16.23
C VAL E 149 -42.04 23.06 -15.65
N TYR E 150 -41.40 21.97 -15.21
CA TYR E 150 -42.16 20.86 -14.61
C TYR E 150 -42.79 21.24 -13.27
N ASN E 151 -42.06 21.93 -12.40
CA ASN E 151 -42.64 22.38 -11.14
C ASN E 151 -43.85 23.29 -11.34
N ARG E 152 -43.79 24.17 -12.34
CA ARG E 152 -44.95 24.98 -12.69
C ARG E 152 -46.13 24.13 -13.17
N ALA E 153 -45.86 23.15 -14.03
CA ALA E 153 -46.92 22.24 -14.50
C ALA E 153 -47.53 21.42 -13.38
N ILE E 154 -46.71 20.97 -12.42
CA ILE E 154 -47.24 20.27 -11.25
C ILE E 154 -48.17 21.16 -10.43
N LYS E 155 -47.73 22.38 -10.14
CA LYS E 155 -48.56 23.30 -9.36
C LYS E 155 -49.87 23.62 -10.06
N ALA E 156 -49.84 23.78 -11.39
CA ALA E 156 -51.08 23.95 -12.15
C ALA E 156 -52.00 22.73 -12.04
N ALA E 157 -51.45 21.53 -12.29
CA ALA E 157 -52.26 20.32 -12.19
C ALA E 157 -52.77 20.07 -10.78
N LYS E 158 -51.91 20.25 -9.78
CA LYS E 158 -52.33 20.08 -8.39
C LYS E 158 -53.40 21.08 -7.98
N SER E 159 -53.33 22.30 -8.51
CA SER E 159 -54.38 23.29 -8.25
C SER E 159 -55.66 22.96 -9.00
N ALA E 160 -55.54 22.52 -10.26
CA ALA E 160 -56.73 22.25 -11.07
C ALA E 160 -57.40 20.93 -10.72
N ARG E 161 -56.67 19.96 -10.19
CA ARG E 161 -57.20 18.60 -10.02
C ARG E 161 -56.62 17.97 -8.76
N ASP E 162 -56.64 18.71 -7.66
CA ASP E 162 -56.17 18.23 -6.36
C ASP E 162 -54.78 17.61 -6.43
N PRO E 193 -40.68 29.71 -22.09
CA PRO E 193 -40.53 29.13 -23.42
C PRO E 193 -39.09 29.16 -23.91
N ILE E 194 -38.20 29.70 -23.08
CA ILE E 194 -36.80 29.90 -23.47
C ILE E 194 -36.15 28.57 -23.83
N VAL E 195 -36.52 27.49 -23.14
CA VAL E 195 -35.98 26.17 -23.43
C VAL E 195 -36.43 25.69 -24.80
N GLU E 196 -37.73 25.84 -25.10
CA GLU E 196 -38.23 25.46 -26.42
C GLU E 196 -37.52 26.24 -27.52
N GLN E 197 -37.38 27.55 -27.34
CA GLN E 197 -36.66 28.36 -28.32
C GLN E 197 -35.21 27.92 -28.46
N TYR E 198 -34.53 27.67 -27.33
CA TYR E 198 -33.13 27.27 -27.34
C TYR E 198 -32.93 25.91 -27.99
N LEU E 199 -33.74 24.92 -27.59
CA LEU E 199 -33.64 23.58 -28.20
C LEU E 199 -33.93 23.60 -29.69
N LYS E 200 -34.89 24.41 -30.13
CA LYS E 200 -35.12 24.59 -31.56
C LYS E 200 -33.92 25.16 -32.32
N THR E 201 -33.01 25.85 -31.63
CA THR E 201 -31.75 26.23 -32.28
C THR E 201 -30.84 25.05 -32.54
N LYS E 202 -30.89 24.02 -31.68
CA LYS E 202 -29.93 22.92 -31.77
C LYS E 202 -30.11 22.09 -33.03
N LYS E 203 -31.35 21.92 -33.49
CA LYS E 203 -31.60 21.17 -34.72
C LYS E 203 -31.05 21.86 -35.96
N ASN E 204 -30.65 23.12 -35.86
CA ASN E 204 -29.96 23.82 -36.94
C ASN E 204 -28.45 23.61 -36.94
N SER E 205 -27.87 23.03 -35.89
CA SER E 205 -26.43 23.15 -35.68
C SER E 205 -25.63 22.00 -36.28
N SER E 206 -26.10 20.76 -36.09
CA SER E 206 -25.39 19.55 -36.58
C SER E 206 -23.91 19.57 -36.25
N HIS E 207 -23.54 20.24 -35.15
CA HIS E 207 -22.14 20.31 -34.73
C HIS E 207 -21.68 19.04 -34.02
N LEU E 208 -22.37 18.67 -32.93
CA LEU E 208 -21.96 17.53 -32.12
C LEU E 208 -22.24 16.19 -32.79
N ILE E 209 -23.26 16.12 -33.64
CA ILE E 209 -23.60 14.88 -34.34
C ILE E 209 -22.43 14.37 -35.17
N MET E 210 -21.66 15.28 -35.78
CA MET E 210 -20.47 14.85 -36.52
C MET E 210 -19.40 14.31 -35.58
N LYS E 211 -19.16 14.98 -34.46
CA LYS E 211 -18.21 14.48 -33.47
C LYS E 211 -18.63 13.12 -32.90
N TYR E 212 -19.93 12.94 -32.64
CA TYR E 212 -20.42 11.67 -32.12
C TYR E 212 -20.31 10.53 -33.13
N ILE E 213 -20.86 10.73 -34.33
CA ILE E 213 -20.88 9.66 -35.33
C ILE E 213 -19.47 9.27 -35.75
N SER E 214 -18.56 10.23 -35.85
CA SER E 214 -17.17 9.89 -36.16
C SER E 214 -16.50 9.09 -35.05
N CYS E 215 -16.82 9.37 -33.79
CA CYS E 215 -16.30 8.54 -32.70
C CYS E 215 -16.84 7.11 -32.76
N ARG E 216 -18.13 6.97 -33.08
CA ARG E 216 -18.70 5.64 -33.31
C ARG E 216 -18.06 4.94 -34.50
N LEU E 217 -17.90 5.67 -35.61
CA LEU E 217 -17.36 5.08 -36.83
C LEU E 217 -15.92 4.61 -36.69
N VAL E 218 -15.07 5.39 -36.03
CA VAL E 218 -13.70 4.93 -35.74
C VAL E 218 -13.71 3.67 -34.87
N THR E 219 -14.56 3.63 -33.85
CA THR E 219 -14.65 2.43 -33.02
C THR E 219 -15.05 1.20 -33.83
N PHE E 220 -16.02 1.36 -34.74
CA PHE E 220 -16.40 0.28 -35.63
C PHE E 220 -15.25 -0.23 -36.50
N VAL E 221 -14.52 0.69 -37.14
CA VAL E 221 -13.41 0.30 -38.01
C VAL E 221 -12.31 -0.44 -37.25
N VAL E 222 -11.94 0.04 -36.07
CA VAL E 222 -10.88 -0.61 -35.30
C VAL E 222 -11.31 -2.00 -34.83
N ILE E 223 -12.55 -2.17 -34.39
CA ILE E 223 -13.04 -3.49 -34.03
C ILE E 223 -13.04 -4.43 -35.23
N LEU E 224 -13.44 -3.94 -36.40
CA LEU E 224 -13.45 -4.76 -37.61
C LEU E 224 -12.05 -5.20 -38.02
N LEU E 225 -11.08 -4.28 -37.98
CA LEU E 225 -9.69 -4.62 -38.28
C LEU E 225 -9.11 -5.60 -37.28
N ALA E 226 -9.43 -5.45 -35.99
CA ALA E 226 -9.00 -6.41 -34.98
C ALA E 226 -9.58 -7.81 -35.23
N CYS E 227 -10.84 -7.90 -35.65
CA CYS E 227 -11.42 -9.18 -36.01
C CYS E 227 -10.69 -9.84 -37.18
N ILE E 228 -10.33 -9.06 -38.20
CA ILE E 228 -9.57 -9.59 -39.32
C ILE E 228 -8.21 -10.14 -38.89
N TYR E 229 -7.49 -9.38 -38.06
CA TYR E 229 -6.22 -9.86 -37.53
C TYR E 229 -6.38 -11.12 -36.68
N LEU E 230 -7.29 -11.09 -35.70
CA LEU E 230 -7.41 -12.21 -34.77
C LEU E 230 -7.84 -13.49 -35.47
N SER E 231 -8.72 -13.41 -36.46
CA SER E 231 -9.07 -14.60 -37.23
C SER E 231 -7.91 -15.11 -38.07
N TYR E 232 -7.09 -14.22 -38.62
CA TYR E 232 -5.86 -14.65 -39.28
C TYR E 232 -4.89 -15.31 -38.32
N TYR E 233 -4.61 -14.67 -37.19
CA TYR E 233 -3.66 -15.22 -36.23
C TYR E 233 -4.11 -16.57 -35.66
N PHE E 234 -5.42 -16.72 -35.42
CA PHE E 234 -5.94 -18.02 -35.03
C PHE E 234 -5.79 -19.08 -36.12
N SER E 235 -5.80 -18.66 -37.38
CA SER E 235 -5.70 -19.62 -38.48
C SER E 235 -4.29 -20.16 -38.71
N LEU E 236 -3.27 -19.51 -38.16
CA LEU E 236 -1.90 -19.98 -38.36
C LEU E 236 -1.69 -21.38 -37.80
N SER E 237 -0.94 -22.20 -38.54
CA SER E 237 -0.62 -23.55 -38.11
C SER E 237 0.04 -23.54 -36.73
N SER E 238 -0.36 -24.50 -35.89
CA SER E 238 0.19 -24.59 -34.54
C SER E 238 1.70 -24.81 -34.54
N LEU E 239 2.20 -25.58 -35.50
CA LEU E 239 3.64 -25.80 -35.65
C LEU E 239 4.39 -24.61 -36.23
N SER E 240 3.73 -23.50 -36.55
CA SER E 240 4.45 -22.26 -36.82
C SER E 240 5.17 -21.70 -35.59
N ASP E 241 4.95 -22.28 -34.42
CA ASP E 241 5.72 -21.95 -33.23
C ASP E 241 7.14 -22.54 -33.24
N GLU E 242 7.42 -23.46 -34.15
CA GLU E 242 8.76 -24.04 -34.28
C GLU E 242 9.50 -23.43 -35.47
N PHE E 243 10.77 -23.10 -35.24
CA PHE E 243 11.62 -22.56 -36.28
C PHE E 243 13.06 -23.03 -36.07
N LEU E 244 13.86 -22.92 -37.12
CA LEU E 244 15.29 -23.24 -37.06
C LEU E 244 16.13 -21.97 -36.99
N CYS E 245 17.06 -21.95 -36.04
CA CYS E 245 17.91 -20.80 -35.74
C CYS E 245 19.37 -21.16 -35.98
N SER E 246 20.17 -20.16 -36.37
CA SER E 246 21.61 -20.34 -36.49
C SER E 246 22.36 -19.17 -35.86
N ILE E 247 23.40 -19.49 -35.08
CA ILE E 247 24.24 -18.49 -34.44
C ILE E 247 25.51 -18.19 -35.24
N LYS E 248 25.73 -18.89 -36.35
CA LYS E 248 26.97 -18.79 -37.14
C LYS E 248 27.03 -17.54 -38.01
N SER E 249 26.87 -16.38 -37.39
CA SER E 249 26.92 -15.11 -38.11
C SER E 249 28.37 -14.61 -38.28
N GLY E 250 29.07 -14.38 -37.18
CA GLY E 250 30.34 -13.69 -37.23
C GLY E 250 31.56 -14.58 -37.06
N VAL E 251 32.30 -14.38 -35.96
CA VAL E 251 33.47 -15.20 -35.67
C VAL E 251 33.09 -16.67 -35.52
N LEU E 252 31.85 -16.96 -35.13
CA LEU E 252 31.38 -18.32 -35.00
C LEU E 252 31.17 -19.03 -36.33
N LYS E 253 31.20 -18.28 -37.45
CA LYS E 253 30.82 -18.82 -38.74
C LYS E 253 31.67 -20.03 -39.15
N ASN E 254 32.94 -20.07 -38.75
CA ASN E 254 33.83 -21.16 -39.11
C ASN E 254 33.91 -22.28 -38.06
N ASP E 255 33.24 -22.13 -36.92
CA ASP E 255 33.43 -23.06 -35.81
C ASP E 255 32.70 -24.35 -36.11
N SER E 256 33.46 -25.43 -36.31
CA SER E 256 32.92 -26.75 -36.62
C SER E 256 32.26 -27.43 -35.43
N THR E 257 32.48 -26.94 -34.22
CA THR E 257 31.88 -27.53 -33.02
C THR E 257 30.44 -27.09 -32.80
N ILE E 258 29.97 -26.09 -33.53
CA ILE E 258 28.60 -25.58 -33.37
C ILE E 258 27.73 -26.16 -34.48
N PRO E 259 26.56 -26.71 -34.18
CA PRO E 259 25.68 -27.20 -35.24
C PRO E 259 25.12 -26.07 -36.09
N ASP E 260 24.84 -26.38 -37.35
CA ASP E 260 24.40 -25.37 -38.29
C ASP E 260 22.98 -24.85 -37.98
N ARG E 261 22.11 -25.70 -37.42
CA ARG E 261 20.77 -25.28 -37.04
C ARG E 261 20.45 -25.76 -35.63
N PHE E 262 19.80 -24.90 -34.86
CA PHE E 262 19.21 -25.26 -33.58
C PHE E 262 17.69 -25.30 -33.71
N GLN E 263 17.07 -26.37 -33.21
CA GLN E 263 15.63 -26.42 -33.08
C GLN E 263 15.17 -25.52 -31.93
N CYS E 264 14.31 -24.56 -32.22
CA CYS E 264 13.72 -23.70 -31.20
C CYS E 264 12.21 -23.81 -31.23
N LYS E 265 11.57 -23.62 -30.07
CA LYS E 265 10.12 -23.55 -29.99
C LYS E 265 9.67 -22.37 -29.13
N LEU E 266 8.67 -21.66 -29.62
CA LEU E 266 8.01 -20.58 -28.87
C LEU E 266 6.89 -21.19 -28.02
N ILE E 267 7.08 -21.21 -26.71
CA ILE E 267 6.32 -22.11 -25.84
C ILE E 267 4.88 -21.64 -25.61
N ALA E 268 4.63 -20.33 -25.58
CA ALA E 268 3.32 -19.79 -25.26
C ALA E 268 2.36 -19.70 -26.43
N VAL E 269 2.82 -19.95 -27.66
CA VAL E 269 2.03 -19.65 -28.86
C VAL E 269 0.69 -20.36 -28.85
N GLY E 270 0.64 -21.60 -28.35
CA GLY E 270 -0.62 -22.32 -28.27
C GLY E 270 -1.65 -21.68 -27.36
N ILE E 271 -1.19 -20.97 -26.32
CA ILE E 271 -2.09 -20.19 -25.48
C ILE E 271 -2.54 -18.92 -26.17
N PHE E 272 -1.63 -18.24 -26.87
CA PHE E 272 -1.98 -17.01 -27.59
C PHE E 272 -3.06 -17.25 -28.64
N GLN E 273 -2.93 -18.32 -29.41
CA GLN E 273 -3.95 -18.64 -30.41
C GLN E 273 -5.29 -18.99 -29.76
N LEU E 274 -5.26 -19.74 -28.66
CA LEU E 274 -6.48 -20.03 -27.92
C LEU E 274 -7.19 -18.75 -27.45
N LEU E 275 -6.45 -17.85 -26.78
CA LEU E 275 -7.04 -16.60 -26.31
C LEU E 275 -7.44 -15.68 -27.44
N SER E 276 -6.81 -15.79 -28.61
CA SER E 276 -7.25 -15.03 -29.77
C SER E 276 -8.65 -15.41 -30.23
N LEU E 277 -9.01 -16.69 -30.10
CA LEU E 277 -10.38 -17.11 -30.41
C LEU E 277 -11.40 -16.47 -29.48
N ILE E 278 -11.10 -16.40 -28.18
CA ILE E 278 -11.99 -15.72 -27.24
C ILE E 278 -12.19 -14.26 -27.61
N ASN E 279 -11.10 -13.55 -27.90
CA ASN E 279 -11.20 -12.14 -28.29
C ASN E 279 -11.99 -11.96 -29.58
N LEU E 280 -11.75 -12.82 -30.57
CA LEU E 280 -12.50 -12.75 -31.83
C LEU E 280 -14.00 -12.96 -31.63
N ILE E 281 -14.38 -13.94 -30.82
CA ILE E 281 -15.80 -14.19 -30.53
C ILE E 281 -16.48 -12.96 -29.95
N VAL E 282 -15.90 -12.36 -28.92
CA VAL E 282 -16.52 -11.21 -28.26
C VAL E 282 -16.59 -10.01 -29.18
N TYR E 283 -15.51 -9.71 -29.90
CA TYR E 283 -15.53 -8.58 -30.84
C TYR E 283 -16.55 -8.76 -31.96
N ALA E 284 -16.73 -10.00 -32.44
CA ALA E 284 -17.79 -10.26 -33.41
C ALA E 284 -19.17 -10.00 -32.83
N LEU E 285 -19.37 -10.24 -31.53
CA LEU E 285 -20.63 -9.91 -30.89
C LEU E 285 -20.80 -8.40 -30.64
N LEU E 286 -19.70 -7.65 -30.50
CA LEU E 286 -19.81 -6.21 -30.36
C LEU E 286 -20.20 -5.51 -31.67
N ILE E 287 -19.83 -6.07 -32.82
CA ILE E 287 -20.11 -5.40 -34.10
C ILE E 287 -21.58 -5.06 -34.29
N PRO E 288 -22.53 -6.00 -34.12
CA PRO E 288 -23.96 -5.61 -34.19
C PRO E 288 -24.36 -4.49 -33.23
N VAL E 289 -23.83 -4.48 -32.02
CA VAL E 289 -24.18 -3.45 -31.05
C VAL E 289 -23.66 -2.08 -31.49
N VAL E 290 -22.42 -2.01 -31.99
CA VAL E 290 -21.87 -0.74 -32.45
C VAL E 290 -22.64 -0.19 -33.63
N VAL E 291 -23.01 -1.06 -34.59
CA VAL E 291 -23.80 -0.62 -35.74
C VAL E 291 -25.13 -0.04 -35.32
N TYR E 292 -25.80 -0.67 -34.34
CA TYR E 292 -27.04 -0.12 -33.80
C TYR E 292 -26.87 1.29 -33.25
N THR E 293 -25.70 1.64 -32.71
CA THR E 293 -25.45 2.99 -32.22
C THR E 293 -25.39 4.05 -33.31
N PHE E 294 -25.30 3.67 -34.59
CA PHE E 294 -25.48 4.66 -35.65
C PHE E 294 -26.93 5.08 -35.82
N PHE E 295 -27.87 4.17 -35.60
CA PHE E 295 -29.28 4.41 -35.89
C PHE E 295 -30.10 4.79 -34.67
N ILE E 296 -29.58 4.58 -33.47
CA ILE E 296 -30.21 5.05 -32.24
C ILE E 296 -30.50 6.56 -32.28
N PRO E 297 -29.64 7.44 -32.80
CA PRO E 297 -30.07 8.85 -32.88
C PRO E 297 -31.11 9.11 -33.95
N PHE E 298 -30.95 8.54 -35.13
CA PHE E 298 -31.80 8.94 -36.27
C PHE E 298 -33.21 8.39 -36.16
N ARG E 299 -33.40 7.23 -35.52
CA ARG E 299 -34.70 6.57 -35.57
C ARG E 299 -35.08 5.93 -34.24
N GLN E 300 -34.19 5.13 -33.66
CA GLN E 300 -34.61 4.09 -32.72
C GLN E 300 -34.68 4.59 -31.29
N LYS E 301 -33.80 5.52 -30.90
CA LYS E 301 -33.62 5.96 -29.52
C LYS E 301 -33.79 4.85 -28.48
N THR E 313 -46.52 22.49 -30.88
CA THR E 313 -46.61 21.03 -30.83
C THR E 313 -45.40 20.44 -30.12
N PHE E 314 -44.55 21.30 -29.56
CA PHE E 314 -43.37 20.84 -28.86
C PHE E 314 -43.77 20.15 -27.55
N ASP E 315 -43.11 19.03 -27.26
CA ASP E 315 -43.42 18.23 -26.08
C ASP E 315 -42.20 18.23 -25.17
N VAL E 316 -42.38 18.69 -23.93
CA VAL E 316 -41.28 18.78 -22.97
C VAL E 316 -41.09 17.50 -22.16
N LEU E 317 -41.99 16.53 -22.30
CA LEU E 317 -41.82 15.24 -21.64
C LEU E 317 -41.31 14.14 -22.57
N HIS E 318 -41.72 14.14 -23.83
CA HIS E 318 -41.39 13.05 -24.75
C HIS E 318 -40.25 13.51 -25.65
N PHE E 319 -39.03 13.17 -25.24
CA PHE E 319 -37.84 13.40 -26.04
C PHE E 319 -37.82 12.43 -27.21
N LYS E 320 -37.52 12.94 -28.41
CA LYS E 320 -37.74 12.18 -29.64
C LYS E 320 -36.65 12.53 -30.65
N SER E 321 -36.45 11.61 -31.59
CA SER E 321 -35.49 11.80 -32.66
C SER E 321 -35.96 12.86 -33.65
N GLU E 322 -34.99 13.64 -34.16
CA GLU E 322 -35.24 14.76 -35.05
C GLU E 322 -34.33 14.74 -36.27
N GLY E 323 -33.79 13.58 -36.62
CA GLY E 323 -32.89 13.47 -37.75
C GLY E 323 -31.42 13.62 -37.40
N TYR E 324 -30.65 13.82 -38.47
CA TYR E 324 -29.22 14.10 -38.38
C TYR E 324 -28.96 15.52 -37.85
N ASN E 325 -29.34 15.76 -36.60
CA ASN E 325 -29.33 17.09 -36.01
C ASN E 325 -28.95 16.95 -34.54
N ASP E 326 -28.27 17.98 -34.02
CA ASP E 326 -27.77 17.90 -32.65
C ASP E 326 -28.89 17.73 -31.64
N LEU E 327 -30.09 18.20 -31.97
CA LEU E 327 -31.24 18.01 -31.09
C LEU E 327 -31.52 16.53 -30.84
N SER E 328 -31.22 15.67 -31.82
CA SER E 328 -31.31 14.23 -31.61
C SER E 328 -30.33 13.73 -30.56
N LEU E 329 -29.12 14.28 -30.53
CA LEU E 329 -28.18 13.93 -29.45
C LEU E 329 -28.66 14.46 -28.11
N TYR E 330 -29.05 15.74 -28.05
CA TYR E 330 -29.56 16.30 -26.81
C TYR E 330 -30.78 15.53 -26.31
N ASN E 331 -31.63 15.05 -27.22
CA ASN E 331 -32.75 14.20 -26.82
C ASN E 331 -32.29 12.90 -26.17
N LEU E 332 -31.26 12.26 -26.74
CA LEU E 332 -30.70 11.07 -26.13
C LEU E 332 -30.07 11.36 -24.76
N PHE E 333 -29.24 12.40 -24.69
CA PHE E 333 -28.56 12.74 -23.44
C PHE E 333 -29.52 13.26 -22.36
N LEU E 334 -30.57 14.00 -22.74
CA LEU E 334 -31.59 14.37 -21.77
C LEU E 334 -32.35 13.14 -21.25
N GLU E 335 -32.78 12.26 -22.15
CA GLU E 335 -33.52 11.08 -21.73
C GLU E 335 -32.75 10.22 -20.74
N GLU E 336 -31.42 10.19 -20.85
CA GLU E 336 -30.61 9.48 -19.86
C GLU E 336 -30.31 10.30 -18.62
N ASN E 337 -30.67 11.59 -18.60
CA ASN E 337 -30.44 12.44 -17.44
C ASN E 337 -31.72 12.98 -16.81
N ILE E 338 -32.78 13.19 -17.58
CA ILE E 338 -33.97 13.86 -17.08
C ILE E 338 -34.67 13.03 -16.01
N SER E 339 -34.50 11.71 -16.02
CA SER E 339 -35.10 10.83 -15.02
C SER E 339 -34.60 11.09 -13.61
N GLU E 340 -33.50 11.82 -13.43
CA GLU E 340 -33.06 12.21 -12.10
C GLU E 340 -33.90 13.32 -11.49
N LEU E 341 -34.64 14.09 -12.29
CA LEU E 341 -35.45 15.17 -11.76
C LEU E 341 -36.70 14.64 -11.06
N LYS E 342 -36.88 15.04 -9.80
CA LYS E 342 -38.05 14.65 -9.01
C LYS E 342 -39.35 15.07 -9.69
N SER E 343 -39.37 16.27 -10.27
CA SER E 343 -40.57 16.79 -10.92
C SER E 343 -40.92 16.02 -12.19
N TYR E 344 -39.91 15.60 -12.96
CA TYR E 344 -40.16 14.73 -14.10
C TYR E 344 -40.80 13.42 -13.69
N LYS E 345 -40.29 12.79 -12.63
CA LYS E 345 -40.85 11.52 -12.17
C LYS E 345 -42.32 11.66 -11.77
N CYS E 346 -42.67 12.73 -11.06
CA CYS E 346 -44.07 12.96 -10.70
C CYS E 346 -44.96 13.08 -11.93
N LEU E 347 -44.55 13.86 -12.92
CA LEU E 347 -45.34 14.00 -14.14
C LEU E 347 -45.45 12.70 -14.93
N LYS E 348 -44.37 11.91 -14.97
CA LYS E 348 -44.44 10.60 -15.62
C LYS E 348 -45.32 9.62 -14.85
N VAL E 349 -45.38 9.72 -13.53
CA VAL E 349 -46.34 8.93 -12.75
C VAL E 349 -47.77 9.30 -13.13
N LEU E 350 -48.07 10.60 -13.18
CA LEU E 350 -49.40 11.04 -13.61
C LEU E 350 -49.72 10.61 -15.03
N GLU E 351 -48.74 10.69 -15.94
CA GLU E 351 -48.95 10.24 -17.31
C GLU E 351 -49.23 8.74 -17.39
N ASN E 352 -48.54 7.94 -16.58
CA ASN E 352 -48.81 6.50 -16.53
C ASN E 352 -50.20 6.20 -15.97
N ILE E 353 -50.62 6.93 -14.94
CA ILE E 353 -51.97 6.76 -14.42
C ILE E 353 -53.00 7.16 -15.47
N LYS E 354 -52.82 8.34 -16.10
CA LYS E 354 -53.73 8.77 -17.15
C LYS E 354 -53.77 7.78 -18.31
N SER E 355 -52.64 7.13 -18.62
CA SER E 355 -52.62 6.09 -19.65
C SER E 355 -53.46 4.88 -19.28
N ASN E 356 -53.68 4.64 -17.99
CA ASN E 356 -54.37 3.43 -17.54
C ASN E 356 -55.73 3.70 -16.90
N GLY E 357 -56.00 4.92 -16.44
CA GLY E 357 -57.14 5.14 -15.57
C GLY E 357 -57.61 6.58 -15.51
N GLN E 358 -57.60 7.16 -14.31
CA GLN E 358 -58.15 8.50 -14.12
C GLN E 358 -57.42 9.52 -14.96
N GLY E 359 -58.19 10.33 -15.68
CA GLY E 359 -57.67 11.22 -16.70
C GLY E 359 -56.97 12.46 -16.19
N ILE E 360 -55.95 12.28 -15.35
CA ILE E 360 -55.14 13.40 -14.88
C ILE E 360 -54.15 13.75 -15.98
N ASP E 361 -54.62 14.52 -16.96
CA ASP E 361 -53.79 14.84 -18.12
C ASP E 361 -52.51 15.55 -17.69
N PRO E 362 -51.33 15.08 -18.11
CA PRO E 362 -50.04 15.65 -17.72
C PRO E 362 -49.76 16.99 -18.40
N ALA F 2 -0.01 -18.04 2.97
CA ALA F 2 -0.86 -17.17 2.15
C ALA F 2 -2.29 -17.70 2.14
N ILE F 3 -2.46 -18.97 2.51
CA ILE F 3 -3.79 -19.57 2.56
C ILE F 3 -4.71 -18.79 3.48
N ALA F 4 -4.16 -18.33 4.61
CA ALA F 4 -4.94 -17.54 5.56
C ALA F 4 -5.36 -16.18 4.98
N HIS F 5 -4.52 -15.59 4.13
CA HIS F 5 -4.90 -14.37 3.41
C HIS F 5 -6.02 -14.63 2.41
N LEU F 6 -5.98 -15.77 1.73
CA LEU F 6 -7.08 -16.14 0.84
C LEU F 6 -8.40 -16.27 1.59
N ALA F 7 -8.40 -16.89 2.76
CA ALA F 7 -9.62 -16.98 3.56
C ALA F 7 -10.11 -15.61 4.00
N THR F 8 -9.19 -14.73 4.39
CA THR F 8 -9.54 -13.36 4.72
C THR F 8 -10.14 -12.62 3.52
N GLU F 9 -9.56 -12.82 2.34
CA GLU F 9 -10.00 -12.12 1.14
C GLU F 9 -11.31 -12.65 0.58
N TYR F 10 -11.50 -13.96 0.57
CA TYR F 10 -12.63 -14.57 -0.12
C TYR F 10 -13.73 -15.11 0.79
N VAL F 11 -13.55 -15.13 2.11
CA VAL F 11 -14.59 -15.66 2.99
C VAL F 11 -14.95 -14.64 4.06
N PHE F 12 -13.97 -14.15 4.79
CA PHE F 12 -14.22 -13.29 5.94
C PHE F 12 -14.35 -11.82 5.58
N SER F 13 -14.51 -11.48 4.30
CA SER F 13 -14.78 -10.11 3.92
C SER F 13 -15.62 -10.09 2.65
N ASP F 14 -16.38 -9.00 2.49
CA ASP F 14 -17.31 -8.86 1.38
C ASP F 14 -16.59 -8.32 0.14
N PHE F 15 -17.08 -8.75 -1.02
CA PHE F 15 -16.46 -8.38 -2.30
C PHE F 15 -17.54 -8.43 -3.38
N LEU F 16 -17.12 -8.40 -4.64
CA LEU F 16 -18.04 -8.28 -5.78
C LEU F 16 -18.90 -7.02 -5.65
N GLY F 27 -28.49 3.06 0.88
CA GLY F 27 -29.22 3.02 -0.37
C GLY F 27 -30.26 1.93 -0.40
N LEU F 28 -31.04 1.92 -1.47
CA LEU F 28 -32.02 0.87 -1.67
C LEU F 28 -31.34 -0.48 -1.91
N ARG F 29 -32.02 -1.55 -1.49
CA ARG F 29 -31.66 -2.90 -1.91
C ARG F 29 -32.29 -3.19 -3.26
N LEU F 30 -31.48 -3.18 -4.31
CA LEU F 30 -31.94 -3.40 -5.67
C LEU F 30 -31.71 -4.84 -6.14
N GLU F 31 -31.16 -5.70 -5.27
CA GLU F 31 -31.13 -7.14 -5.51
C GLU F 31 -31.65 -7.84 -4.27
N LEU F 32 -32.47 -8.87 -4.47
CA LEU F 32 -32.99 -9.65 -3.35
C LEU F 32 -31.86 -10.41 -2.66
N ALA F 33 -32.00 -10.53 -1.34
CA ALA F 33 -30.92 -11.07 -0.52
C ALA F 33 -30.52 -12.48 -0.95
N VAL F 34 -31.50 -13.34 -1.25
CA VAL F 34 -31.19 -14.69 -1.67
C VAL F 34 -30.46 -14.70 -3.01
N ASP F 35 -30.90 -13.86 -3.95
CA ASP F 35 -30.25 -13.81 -5.26
C ASP F 35 -28.83 -13.29 -5.17
N LYS F 36 -28.60 -12.26 -4.34
CA LYS F 36 -27.25 -11.77 -4.08
C LYS F 36 -26.37 -12.82 -3.41
N MET F 37 -26.92 -13.52 -2.40
CA MET F 37 -26.17 -14.56 -1.71
C MET F 37 -25.75 -15.69 -2.64
N VAL F 38 -26.69 -16.20 -3.45
CA VAL F 38 -26.37 -17.23 -4.44
C VAL F 38 -25.27 -16.77 -5.39
N THR F 39 -25.36 -15.52 -5.86
CA THR F 39 -24.34 -14.98 -6.75
C THR F 39 -22.96 -14.94 -6.09
N CYS F 40 -22.91 -14.52 -4.82
CA CYS F 40 -21.62 -14.47 -4.12
C CYS F 40 -21.00 -15.84 -3.97
N ILE F 41 -21.79 -16.86 -3.65
CA ILE F 41 -21.25 -18.22 -3.58
C ILE F 41 -20.83 -18.73 -4.95
N ALA F 42 -21.73 -18.60 -5.94
CA ALA F 42 -21.48 -19.16 -7.26
C ALA F 42 -20.26 -18.56 -7.92
N VAL F 43 -20.10 -17.24 -7.83
CA VAL F 43 -18.93 -16.57 -8.41
C VAL F 43 -17.71 -16.67 -7.50
N GLY F 44 -17.89 -16.59 -6.19
CA GLY F 44 -16.75 -16.53 -5.29
C GLY F 44 -16.01 -17.84 -5.13
N LEU F 45 -16.74 -18.95 -5.07
CA LEU F 45 -16.11 -20.24 -4.79
C LEU F 45 -15.07 -20.66 -5.82
N PRO F 46 -15.32 -20.61 -7.14
CA PRO F 46 -14.24 -20.94 -8.09
C PRO F 46 -12.97 -20.12 -7.90
N LEU F 47 -13.10 -18.85 -7.53
CA LEU F 47 -11.92 -18.00 -7.37
C LEU F 47 -11.09 -18.40 -6.16
N LEU F 48 -11.74 -18.80 -5.07
CA LEU F 48 -11.05 -19.40 -3.94
C LEU F 48 -10.35 -20.69 -4.34
N LEU F 49 -11.08 -21.60 -5.01
CA LEU F 49 -10.52 -22.90 -5.36
C LEU F 49 -9.35 -22.79 -6.34
N ILE F 50 -9.42 -21.86 -7.30
CA ILE F 50 -8.25 -21.57 -8.13
C ILE F 50 -7.06 -21.14 -7.26
N SER F 51 -7.31 -20.21 -6.35
CA SER F 51 -6.23 -19.69 -5.51
C SER F 51 -5.62 -20.77 -4.62
N LEU F 52 -6.45 -21.66 -4.09
CA LEU F 52 -5.94 -22.77 -3.27
C LEU F 52 -5.16 -23.79 -4.10
N ALA F 53 -5.58 -24.01 -5.36
CA ALA F 53 -4.91 -25.02 -6.18
C ALA F 53 -3.44 -24.69 -6.44
N PHE F 54 -3.06 -23.41 -6.38
CA PHE F 54 -1.68 -23.00 -6.59
C PHE F 54 -1.04 -22.39 -5.36
N ALA F 55 -1.63 -22.58 -4.19
CA ALA F 55 -1.00 -22.13 -2.95
C ALA F 55 0.37 -22.77 -2.78
N GLN F 56 1.32 -21.96 -2.30
CA GLN F 56 2.70 -22.44 -2.12
C GLN F 56 2.77 -23.53 -1.06
N GLU F 57 1.84 -23.55 -0.12
CA GLU F 57 1.77 -24.62 0.87
C GLU F 57 1.59 -25.98 0.20
N ILE F 58 0.90 -26.02 -0.95
CA ILE F 58 0.58 -27.26 -1.61
C ILE F 58 1.35 -27.45 -2.91
N SER F 59 1.80 -26.37 -3.56
CA SER F 59 2.52 -26.45 -4.82
C SER F 59 3.96 -26.88 -4.59
N ILE F 60 4.50 -27.61 -5.56
CA ILE F 60 5.91 -28.00 -5.56
C ILE F 60 6.68 -27.27 -6.67
N GLY F 61 6.14 -26.17 -7.17
CA GLY F 61 6.88 -25.25 -8.00
C GLY F 61 6.84 -25.47 -9.50
N THR F 62 6.23 -26.55 -9.99
CA THR F 62 6.09 -26.70 -11.43
C THR F 62 4.84 -27.50 -11.76
N GLN F 63 4.27 -27.22 -12.93
CA GLN F 63 3.07 -27.93 -13.37
C GLN F 63 3.38 -29.27 -14.02
N ILE F 64 4.55 -29.41 -14.62
CA ILE F 64 4.90 -30.61 -15.38
C ILE F 64 6.36 -30.96 -15.11
N SER F 65 6.64 -32.27 -15.05
CA SER F 65 8.02 -32.77 -15.04
C SER F 65 8.12 -33.98 -15.95
N CYS F 66 9.20 -34.05 -16.72
CA CYS F 66 9.47 -35.17 -17.60
C CYS F 66 10.81 -35.79 -17.23
N PHE F 67 10.89 -37.12 -17.32
CA PHE F 67 12.12 -37.85 -16.98
C PHE F 67 13.05 -37.86 -18.19
N SER F 68 13.96 -36.87 -18.24
CA SER F 68 15.02 -36.85 -19.24
C SER F 68 16.12 -37.86 -18.90
N PRO F 69 16.83 -38.36 -19.90
CA PRO F 69 17.91 -39.30 -19.63
C PRO F 69 19.10 -38.63 -18.96
N SER F 70 19.94 -39.48 -18.34
CA SER F 70 21.04 -38.99 -17.51
C SER F 70 22.10 -38.24 -18.33
N SER F 71 22.22 -38.55 -19.62
CA SER F 71 23.18 -37.88 -20.48
C SER F 71 22.75 -36.47 -20.89
N PHE F 72 21.46 -36.14 -20.78
CA PHE F 72 21.02 -34.80 -21.12
C PHE F 72 21.59 -33.77 -20.14
N SER F 73 22.07 -32.66 -20.70
CA SER F 73 22.46 -31.51 -19.90
C SER F 73 21.23 -30.89 -19.23
N TRP F 74 21.52 -29.99 -18.27
CA TRP F 74 20.45 -29.32 -17.53
C TRP F 74 19.54 -28.52 -18.45
N ARG F 75 20.10 -27.86 -19.46
CA ARG F 75 19.29 -27.09 -20.41
C ARG F 75 18.54 -27.98 -21.39
N GLN F 76 19.11 -29.12 -21.79
CA GLN F 76 18.36 -30.08 -22.60
C GLN F 76 17.14 -30.63 -21.86
N ALA F 77 17.29 -30.97 -20.58
CA ALA F 77 16.13 -31.41 -19.80
C ALA F 77 15.11 -30.30 -19.61
N ALA F 78 15.57 -29.06 -19.41
CA ALA F 78 14.66 -27.92 -19.37
C ALA F 78 13.91 -27.71 -20.69
N PHE F 79 14.55 -28.02 -21.82
CA PHE F 79 13.85 -27.98 -23.11
C PHE F 79 12.74 -29.00 -23.19
N VAL F 80 13.00 -30.23 -22.77
CA VAL F 80 11.98 -31.28 -22.81
C VAL F 80 10.74 -30.88 -22.01
N ASP F 81 10.92 -30.39 -20.80
CA ASP F 81 9.77 -29.96 -20.00
C ASP F 81 9.00 -28.84 -20.68
N SER F 82 9.70 -27.84 -21.21
CA SER F 82 9.03 -26.72 -21.89
C SER F 82 8.35 -27.16 -23.19
N TYR F 83 9.00 -28.01 -23.97
CA TYR F 83 8.40 -28.50 -25.20
C TYR F 83 7.14 -29.32 -24.93
N CYS F 84 7.20 -30.24 -23.98
CA CYS F 84 6.06 -31.10 -23.69
C CYS F 84 4.89 -30.34 -23.06
N TRP F 85 5.17 -29.27 -22.32
CA TRP F 85 4.09 -28.39 -21.88
C TRP F 85 3.36 -27.77 -23.07
N ALA F 86 4.12 -27.36 -24.10
CA ALA F 86 3.50 -26.89 -25.34
C ALA F 86 2.86 -28.03 -26.13
N ALA F 87 3.52 -29.21 -26.15
CA ALA F 87 3.02 -30.33 -26.94
C ALA F 87 1.69 -30.89 -26.44
N VAL F 88 1.30 -30.57 -25.20
CA VAL F 88 0.00 -30.97 -24.67
C VAL F 88 -1.14 -30.59 -25.60
N GLN F 89 -0.99 -29.49 -26.35
CA GLN F 89 -1.98 -29.09 -27.33
C GLN F 89 -1.83 -29.75 -28.69
N GLN F 90 -0.73 -30.46 -28.95
CA GLN F 90 -0.28 -30.75 -30.31
C GLN F 90 -0.34 -32.26 -30.56
N LYS F 91 -1.47 -32.69 -31.14
CA LYS F 91 -1.82 -34.11 -31.23
C LYS F 91 -0.73 -34.94 -31.88
N SER F 92 0.02 -34.36 -32.82
CA SER F 92 1.02 -35.08 -33.58
C SER F 92 2.20 -35.56 -32.73
N SER F 93 2.31 -35.11 -31.48
CA SER F 93 3.48 -35.44 -30.66
C SER F 93 3.08 -35.92 -29.27
N LEU F 94 1.86 -36.45 -29.11
CA LEU F 94 1.39 -36.97 -27.85
C LEU F 94 0.97 -38.43 -27.98
N GLN F 95 1.07 -39.16 -26.87
CA GLN F 95 0.43 -40.45 -26.73
C GLN F 95 0.02 -40.61 -25.27
N SER F 96 -1.08 -41.33 -25.05
CA SER F 96 -1.62 -41.49 -23.70
C SER F 96 -2.51 -42.73 -23.66
N GLU F 97 -2.86 -43.13 -22.44
CA GLU F 97 -3.79 -44.24 -22.24
C GLU F 97 -5.19 -43.94 -22.78
N SER F 98 -5.50 -42.68 -23.07
CA SER F 98 -6.78 -42.28 -23.63
C SER F 98 -6.51 -41.20 -24.68
N GLY F 99 -7.56 -40.49 -25.08
CA GLY F 99 -7.40 -39.39 -26.01
C GLY F 99 -6.61 -38.25 -25.41
N ASN F 100 -6.43 -37.21 -26.21
CA ASN F 100 -5.70 -36.03 -25.77
C ASN F 100 -6.57 -35.08 -24.95
N LEU F 101 -7.89 -35.24 -25.00
CA LEU F 101 -8.81 -34.34 -24.29
C LEU F 101 -8.49 -34.17 -22.81
N PRO F 102 -8.28 -35.22 -22.01
CA PRO F 102 -7.89 -35.00 -20.60
C PRO F 102 -6.71 -34.08 -20.40
N LEU F 103 -5.70 -34.16 -21.27
CA LEU F 103 -4.50 -33.35 -21.10
C LEU F 103 -4.79 -31.87 -21.29
N TRP F 104 -5.68 -31.53 -22.23
CA TRP F 104 -6.14 -30.15 -22.37
C TRP F 104 -6.88 -29.66 -21.12
N LEU F 105 -7.78 -30.49 -20.59
CA LEU F 105 -8.52 -30.13 -19.39
C LEU F 105 -7.62 -29.98 -18.17
N HIS F 106 -6.64 -30.87 -18.04
CA HIS F 106 -5.67 -30.75 -16.95
C HIS F 106 -4.84 -29.47 -17.05
N LYS F 107 -4.43 -29.10 -18.26
CA LYS F 107 -3.70 -27.84 -18.43
C LYS F 107 -4.57 -26.62 -18.15
N PHE F 108 -5.78 -26.58 -18.72
CA PHE F 108 -6.61 -25.38 -18.68
C PHE F 108 -7.62 -25.35 -17.54
N PHE F 109 -7.56 -26.27 -16.59
CA PHE F 109 -8.41 -26.26 -15.41
C PHE F 109 -8.55 -24.88 -14.76
N PRO F 110 -7.46 -24.12 -14.57
CA PRO F 110 -7.62 -22.76 -14.00
C PRO F 110 -8.47 -21.82 -14.84
N TYR F 111 -8.32 -21.84 -16.17
CA TYR F 111 -9.14 -20.99 -17.03
C TYR F 111 -10.60 -21.44 -17.06
N ILE F 112 -10.85 -22.74 -17.00
CA ILE F 112 -12.22 -23.24 -17.01
C ILE F 112 -13.00 -22.81 -15.77
N LEU F 113 -12.38 -22.89 -14.59
CA LEU F 113 -13.03 -22.37 -13.39
C LEU F 113 -13.23 -20.86 -13.45
N LEU F 114 -12.25 -20.13 -13.99
CA LEU F 114 -12.41 -18.69 -14.19
C LEU F 114 -13.57 -18.38 -15.13
N LEU F 115 -13.72 -19.15 -16.20
CA LEU F 115 -14.82 -18.95 -17.14
C LEU F 115 -16.18 -19.12 -16.47
N PHE F 116 -16.34 -20.13 -15.63
CA PHE F 116 -17.60 -20.29 -14.89
C PHE F 116 -17.85 -19.11 -13.95
N ALA F 117 -16.83 -18.65 -13.24
CA ALA F 117 -16.99 -17.49 -12.36
C ALA F 117 -17.49 -16.27 -13.13
N ILE F 118 -16.91 -16.02 -14.30
CA ILE F 118 -17.34 -14.89 -15.13
C ILE F 118 -18.77 -15.09 -15.63
N LEU F 119 -19.06 -16.25 -16.23
CA LEU F 119 -20.38 -16.48 -16.79
C LEU F 119 -21.49 -16.41 -15.74
N LEU F 120 -21.18 -16.74 -14.48
CA LEU F 120 -22.16 -16.61 -13.41
C LEU F 120 -22.32 -15.19 -12.90
N TYR F 121 -21.33 -14.32 -13.15
CA TYR F 121 -21.44 -12.91 -12.78
C TYR F 121 -22.25 -12.09 -13.79
N LEU F 122 -22.18 -12.45 -15.08
CA LEU F 122 -22.83 -11.66 -16.12
C LEU F 122 -24.33 -11.46 -15.92
N PRO F 123 -25.13 -12.45 -15.47
CA PRO F 123 -26.54 -12.15 -15.16
C PRO F 123 -26.75 -11.07 -14.12
N ALA F 124 -25.95 -11.05 -13.05
CA ALA F 124 -26.06 -9.99 -12.06
C ALA F 124 -25.65 -8.64 -12.65
N LEU F 125 -24.56 -8.61 -13.41
CA LEU F 125 -24.13 -7.38 -14.07
C LEU F 125 -25.19 -6.85 -15.04
N PHE F 126 -25.86 -7.73 -15.78
CA PHE F 126 -26.95 -7.31 -16.65
C PHE F 126 -28.12 -6.72 -15.87
N TRP F 127 -28.50 -7.35 -14.76
CA TRP F 127 -29.57 -6.78 -13.92
C TRP F 127 -29.20 -5.39 -13.42
N ARG F 128 -27.96 -5.24 -12.93
CA ARG F 128 -27.48 -3.92 -12.50
C ARG F 128 -27.45 -2.92 -13.63
N PHE F 129 -27.25 -3.37 -14.87
CA PHE F 129 -27.20 -2.47 -16.02
C PHE F 129 -28.59 -2.15 -16.57
N SER F 130 -29.46 -3.16 -16.72
CA SER F 130 -30.66 -3.01 -17.54
C SER F 130 -31.96 -2.87 -16.76
N ALA F 131 -31.97 -3.20 -15.49
CA ALA F 131 -33.22 -3.20 -14.73
C ALA F 131 -33.14 -2.36 -13.46
N ALA F 132 -32.05 -2.46 -12.71
CA ALA F 132 -31.93 -1.71 -11.45
C ALA F 132 -32.14 -0.20 -11.58
N PRO F 133 -31.69 0.49 -12.64
CA PRO F 133 -31.96 1.94 -12.70
C PRO F 133 -33.44 2.29 -12.72
N HIS F 134 -34.25 1.60 -13.53
CA HIS F 134 -35.68 1.88 -13.55
C HIS F 134 -36.33 1.55 -12.22
N LEU F 135 -36.05 0.35 -11.68
CA LEU F 135 -36.58 -0.05 -10.39
C LEU F 135 -36.21 0.90 -9.27
N CYS F 136 -34.97 1.39 -9.26
CA CYS F 136 -34.54 2.36 -8.25
C CYS F 136 -35.38 3.63 -8.27
N SER F 137 -35.60 4.20 -9.46
CA SER F 137 -36.40 5.41 -9.58
C SER F 137 -37.84 5.20 -9.10
N ASP F 138 -38.39 4.01 -9.34
CA ASP F 138 -39.74 3.72 -8.85
C ASP F 138 -39.78 3.52 -7.34
N LEU F 139 -38.86 2.72 -6.80
CA LEU F 139 -38.85 2.48 -5.35
C LEU F 139 -38.61 3.76 -4.55
N LYS F 140 -37.75 4.64 -5.05
CA LYS F 140 -37.58 5.95 -4.43
C LYS F 140 -38.89 6.72 -4.34
N PHE F 141 -39.67 6.73 -5.42
CA PHE F 141 -40.97 7.38 -5.42
C PHE F 141 -41.97 6.68 -4.50
N ILE F 142 -42.16 5.37 -4.71
CA ILE F 142 -43.23 4.64 -4.00
C ILE F 142 -43.03 4.68 -2.48
N MET F 143 -41.79 4.49 -2.03
CA MET F 143 -41.53 4.48 -0.59
C MET F 143 -41.80 5.82 0.08
N GLU F 144 -41.40 6.93 -0.56
CA GLU F 144 -41.64 8.24 0.04
C GLU F 144 -43.12 8.62 0.09
N GLU F 145 -43.90 8.18 -0.89
CA GLU F 145 -45.35 8.37 -0.83
C GLU F 145 -46.06 7.42 0.12
N LEU F 146 -45.58 6.18 0.24
CA LEU F 146 -46.09 5.27 1.27
C LEU F 146 -45.82 5.79 2.67
N ASP F 147 -44.67 6.41 2.90
CA ASP F 147 -44.36 7.00 4.20
C ASP F 147 -45.40 8.05 4.59
N LYS F 148 -45.82 8.88 3.64
CA LYS F 148 -46.89 9.85 3.91
C LYS F 148 -48.21 9.16 4.26
N VAL F 149 -48.57 8.10 3.54
CA VAL F 149 -49.77 7.32 3.85
C VAL F 149 -49.70 6.73 5.26
N TYR F 150 -48.56 6.16 5.64
CA TYR F 150 -48.43 5.58 6.98
C TYR F 150 -48.47 6.64 8.08
N ASN F 151 -47.77 7.76 7.89
CA ASN F 151 -47.81 8.83 8.88
C ASN F 151 -49.22 9.36 9.08
N ARG F 152 -50.00 9.48 8.00
CA ARG F 152 -51.41 9.86 8.13
C ARG F 152 -52.21 8.81 8.91
N ALA F 153 -52.01 7.54 8.62
CA ALA F 153 -52.70 6.47 9.34
C ALA F 153 -52.33 6.44 10.83
N ILE F 154 -51.05 6.70 11.15
CA ILE F 154 -50.64 6.80 12.55
C ILE F 154 -51.36 7.95 13.26
N LYS F 155 -51.35 9.13 12.65
CA LYS F 155 -52.02 10.28 13.26
C LYS F 155 -53.52 10.04 13.46
N ALA F 156 -54.17 9.38 12.50
CA ALA F 156 -55.56 8.99 12.69
C ALA F 156 -55.75 8.03 13.85
N ALA F 157 -54.96 6.96 13.89
CA ALA F 157 -55.07 5.99 14.98
C ALA F 157 -54.71 6.60 16.33
N LYS F 158 -53.64 7.39 16.39
CA LYS F 158 -53.26 8.05 17.63
C LYS F 158 -54.31 9.04 18.11
N SER F 159 -55.00 9.71 17.18
CA SER F 159 -56.10 10.59 17.57
C SER F 159 -57.34 9.80 17.99
N ALA F 160 -57.64 8.71 17.29
CA ALA F 160 -58.84 7.95 17.61
C ALA F 160 -58.68 7.05 18.82
N ARG F 161 -57.46 6.64 19.16
CA ARG F 161 -57.26 5.62 20.18
C ARG F 161 -55.96 5.88 20.94
N ASP F 162 -55.77 7.14 21.36
CA ASP F 162 -54.60 7.56 22.12
C ASP F 162 -53.28 7.10 21.51
N PRO F 193 -54.30 8.31 -2.74
CA PRO F 193 -54.58 7.06 -3.45
C PRO F 193 -53.68 6.88 -4.67
N ILE F 194 -52.80 7.86 -4.91
CA ILE F 194 -51.96 7.87 -6.10
C ILE F 194 -51.09 6.62 -6.15
N VAL F 195 -50.62 6.15 -4.99
CA VAL F 195 -49.79 4.95 -4.94
C VAL F 195 -50.59 3.72 -5.35
N GLU F 196 -51.81 3.58 -4.81
CA GLU F 196 -52.68 2.48 -5.20
C GLU F 196 -52.94 2.48 -6.70
N GLN F 197 -53.28 3.65 -7.26
CA GLN F 197 -53.49 3.76 -8.70
C GLN F 197 -52.22 3.41 -9.48
N TYR F 198 -51.07 3.92 -9.05
CA TYR F 198 -49.81 3.67 -9.73
C TYR F 198 -49.40 2.20 -9.67
N LEU F 199 -49.46 1.60 -8.48
CA LEU F 199 -49.13 0.18 -8.35
C LEU F 199 -50.05 -0.71 -9.16
N LYS F 200 -51.35 -0.38 -9.22
CA LYS F 200 -52.27 -1.11 -10.09
C LYS F 200 -51.90 -1.02 -11.57
N THR F 201 -51.13 0.00 -11.99
CA THR F 201 -50.60 -0.02 -13.35
C THR F 201 -49.52 -1.07 -13.56
N LYS F 202 -48.75 -1.38 -12.51
CA LYS F 202 -47.59 -2.26 -12.67
C LYS F 202 -47.98 -3.69 -13.01
N LYS F 203 -49.11 -4.18 -12.48
CA LYS F 203 -49.57 -5.52 -12.81
C LYS F 203 -50.00 -5.67 -14.26
N ASN F 204 -50.14 -4.57 -15.00
CA ASN F 204 -50.38 -4.62 -16.43
C ASN F 204 -49.11 -4.70 -17.27
N SER F 205 -47.93 -4.50 -16.68
CA SER F 205 -46.75 -4.20 -17.48
C SER F 205 -45.93 -5.43 -17.84
N SER F 206 -45.70 -6.35 -16.89
CA SER F 206 -44.89 -7.55 -17.11
C SER F 206 -43.57 -7.26 -17.82
N HIS F 207 -43.04 -6.06 -17.62
CA HIS F 207 -41.77 -5.66 -18.22
C HIS F 207 -40.57 -6.23 -17.48
N LEU F 208 -40.46 -5.92 -16.17
CA LEU F 208 -39.30 -6.33 -15.39
C LEU F 208 -39.30 -7.82 -15.07
N ILE F 209 -40.47 -8.43 -14.98
CA ILE F 209 -40.55 -9.86 -14.67
C ILE F 209 -39.82 -10.70 -15.72
N MET F 210 -39.86 -10.30 -16.99
CA MET F 210 -39.09 -11.01 -18.00
C MET F 210 -37.59 -10.82 -17.81
N LYS F 211 -37.15 -9.60 -17.51
CA LYS F 211 -35.74 -9.36 -17.22
C LYS F 211 -35.26 -10.14 -16.00
N TYR F 212 -36.09 -10.21 -14.96
CA TYR F 212 -35.72 -10.93 -13.75
C TYR F 212 -35.65 -12.44 -13.98
N ILE F 213 -36.72 -13.03 -14.50
CA ILE F 213 -36.78 -14.48 -14.68
C ILE F 213 -35.70 -14.96 -15.64
N SER F 214 -35.41 -14.20 -16.70
CA SER F 214 -34.33 -14.57 -17.59
C SER F 214 -32.96 -14.52 -16.92
N CYS F 215 -32.73 -13.56 -16.02
CA CYS F 215 -31.48 -13.54 -15.26
C CYS F 215 -31.37 -14.76 -14.34
N ARG F 216 -32.47 -15.14 -13.70
CA ARG F 216 -32.50 -16.37 -12.91
C ARG F 216 -32.27 -17.61 -13.78
N LEU F 217 -32.94 -17.68 -14.92
CA LEU F 217 -32.86 -18.84 -15.80
C LEU F 217 -31.47 -19.05 -16.38
N VAL F 218 -30.80 -17.98 -16.80
CA VAL F 218 -29.41 -18.10 -17.25
C VAL F 218 -28.50 -18.60 -16.13
N THR F 219 -28.67 -18.07 -14.91
CA THR F 219 -27.88 -18.54 -13.78
C THR F 219 -28.08 -20.03 -13.53
N PHE F 220 -29.32 -20.50 -13.60
CA PHE F 220 -29.61 -21.93 -13.47
C PHE F 220 -28.90 -22.78 -14.52
N VAL F 221 -28.99 -22.38 -15.79
CA VAL F 221 -28.36 -23.14 -16.87
C VAL F 221 -26.85 -23.22 -16.72
N VAL F 222 -26.20 -22.11 -16.39
CA VAL F 222 -24.74 -22.11 -16.23
C VAL F 222 -24.30 -22.97 -15.05
N ILE F 223 -25.01 -22.92 -13.93
CA ILE F 223 -24.70 -23.79 -12.81
C ILE F 223 -24.87 -25.26 -13.17
N LEU F 224 -25.93 -25.58 -13.92
CA LEU F 224 -26.17 -26.96 -14.35
C LEU F 224 -25.07 -27.48 -15.28
N LEU F 225 -24.67 -26.66 -16.25
CA LEU F 225 -23.57 -27.03 -17.14
C LEU F 225 -22.24 -27.20 -16.41
N ALA F 226 -21.97 -26.32 -15.44
CA ALA F 226 -20.78 -26.47 -14.61
C ALA F 226 -20.79 -27.77 -13.81
N CYS F 227 -21.95 -28.16 -13.27
CA CYS F 227 -22.05 -29.44 -12.58
C CYS F 227 -21.75 -30.63 -13.51
N ILE F 228 -22.25 -30.57 -14.75
CA ILE F 228 -21.96 -31.64 -15.71
C ILE F 228 -20.47 -31.73 -16.01
N TYR F 229 -19.82 -30.59 -16.24
CA TYR F 229 -18.38 -30.58 -16.46
C TYR F 229 -17.61 -31.10 -15.25
N LEU F 230 -17.88 -30.55 -14.07
CA LEU F 230 -17.09 -30.89 -12.88
C LEU F 230 -17.23 -32.37 -12.52
N SER F 231 -18.43 -32.94 -12.67
CA SER F 231 -18.59 -34.37 -12.43
C SER F 231 -17.86 -35.21 -13.47
N TYR F 232 -17.83 -34.78 -14.73
CA TYR F 232 -16.98 -35.44 -15.72
C TYR F 232 -15.50 -35.35 -15.39
N TYR F 233 -15.02 -34.13 -15.09
CA TYR F 233 -13.60 -33.95 -14.80
C TYR F 233 -13.15 -34.72 -13.56
N PHE F 234 -14.01 -34.79 -12.54
CA PHE F 234 -13.72 -35.62 -11.38
C PHE F 234 -13.68 -37.11 -11.73
N SER F 235 -14.44 -37.53 -12.73
CA SER F 235 -14.49 -38.94 -13.09
C SER F 235 -13.27 -39.43 -13.86
N LEU F 236 -12.46 -38.53 -14.42
CA LEU F 236 -11.29 -38.95 -15.18
C LEU F 236 -10.30 -39.72 -14.32
N SER F 237 -9.72 -40.77 -14.91
CA SER F 237 -8.73 -41.57 -14.22
C SER F 237 -7.57 -40.72 -13.71
N SER F 238 -7.11 -41.01 -12.50
CA SER F 238 -6.02 -40.24 -11.91
C SER F 238 -4.73 -40.34 -12.73
N LEU F 239 -4.47 -41.49 -13.34
CA LEU F 239 -3.32 -41.68 -14.22
C LEU F 239 -3.47 -41.02 -15.59
N SER F 240 -4.59 -40.35 -15.88
CA SER F 240 -4.64 -39.48 -17.05
C SER F 240 -3.74 -38.27 -16.93
N ASP F 241 -3.13 -38.03 -15.76
CA ASP F 241 -2.10 -37.02 -15.60
C ASP F 241 -0.75 -37.42 -16.22
N GLU F 242 -0.57 -38.69 -16.59
CA GLU F 242 0.65 -39.15 -17.23
C GLU F 242 0.44 -39.31 -18.73
N PHE F 243 1.41 -38.85 -19.51
CA PHE F 243 1.38 -38.98 -20.95
C PHE F 243 2.81 -39.15 -21.47
N LEU F 244 2.91 -39.64 -22.70
CA LEU F 244 4.19 -39.78 -23.40
C LEU F 244 4.38 -38.66 -24.43
N CYS F 245 5.54 -38.03 -24.39
CA CYS F 245 5.88 -36.89 -25.22
C CYS F 245 7.07 -37.22 -26.11
N SER F 246 7.11 -36.62 -27.30
CA SER F 246 8.27 -36.74 -28.17
C SER F 246 8.69 -35.38 -28.73
N ILE F 247 10.00 -35.12 -28.71
CA ILE F 247 10.56 -33.88 -29.26
C ILE F 247 11.06 -34.05 -30.69
N LYS F 248 11.01 -35.26 -31.24
CA LYS F 248 11.57 -35.58 -32.56
C LYS F 248 10.72 -35.09 -33.72
N SER F 249 10.41 -33.79 -33.74
CA SER F 249 9.61 -33.20 -34.80
C SER F 249 10.47 -32.83 -36.01
N GLY F 250 11.44 -31.94 -35.82
CA GLY F 250 12.14 -31.34 -36.94
C GLY F 250 13.54 -31.88 -37.18
N VAL F 251 14.55 -31.02 -37.00
CA VAL F 251 15.94 -31.43 -37.16
C VAL F 251 16.30 -32.55 -36.19
N LEU F 252 15.62 -32.61 -35.05
CA LEU F 252 15.86 -33.67 -34.06
C LEU F 252 15.36 -35.03 -34.50
N LYS F 253 14.57 -35.10 -35.58
CA LYS F 253 13.88 -36.33 -35.96
C LYS F 253 14.85 -37.49 -36.21
N ASN F 254 16.05 -37.21 -36.70
CA ASN F 254 17.03 -38.24 -37.00
C ASN F 254 18.02 -38.51 -35.88
N ASP F 255 17.97 -37.75 -34.77
CA ASP F 255 19.02 -37.82 -33.76
C ASP F 255 18.81 -39.09 -32.94
N SER F 256 19.75 -40.02 -33.05
CA SER F 256 19.71 -41.29 -32.34
C SER F 256 20.01 -41.18 -30.86
N THR F 257 20.56 -40.04 -30.41
CA THR F 257 20.88 -39.84 -29.00
C THR F 257 19.67 -39.44 -28.17
N ILE F 258 18.56 -39.10 -28.79
CA ILE F 258 17.34 -38.67 -28.09
C ILE F 258 16.37 -39.86 -28.04
N PRO F 259 15.82 -40.18 -26.87
CA PRO F 259 14.83 -41.26 -26.81
C PRO F 259 13.55 -40.88 -27.53
N ASP F 260 12.86 -41.91 -28.04
CA ASP F 260 11.65 -41.68 -28.84
C ASP F 260 10.49 -41.17 -28.00
N ARG F 261 10.39 -41.56 -26.72
CA ARG F 261 9.35 -41.07 -25.84
C ARG F 261 9.93 -40.64 -24.51
N PHE F 262 9.43 -39.54 -23.98
CA PHE F 262 9.71 -39.10 -22.62
C PHE F 262 8.46 -39.30 -21.75
N GLN F 263 8.64 -39.89 -20.58
CA GLN F 263 7.58 -39.94 -19.59
C GLN F 263 7.40 -38.56 -18.96
N CYS F 264 6.19 -38.02 -19.03
CA CYS F 264 5.86 -36.75 -18.39
C CYS F 264 4.69 -36.95 -17.44
N LYS F 265 4.66 -36.14 -16.37
CA LYS F 265 3.52 -36.12 -15.46
C LYS F 265 3.09 -34.69 -15.14
N LEU F 266 1.79 -34.47 -15.17
CA LEU F 266 1.18 -33.20 -14.74
C LEU F 266 0.94 -33.25 -13.23
N ILE F 267 1.71 -32.47 -12.49
CA ILE F 267 1.88 -32.71 -11.06
C ILE F 267 0.65 -32.30 -10.23
N ALA F 268 -0.06 -31.24 -10.63
CA ALA F 268 -1.16 -30.69 -9.85
C ALA F 268 -2.50 -31.37 -10.08
N VAL F 269 -2.60 -32.28 -11.05
CA VAL F 269 -3.90 -32.79 -11.49
C VAL F 269 -4.67 -33.44 -10.35
N GLY F 270 -3.98 -34.13 -9.45
CA GLY F 270 -4.65 -34.74 -8.31
C GLY F 270 -5.29 -33.74 -7.37
N ILE F 271 -4.73 -32.53 -7.27
CA ILE F 271 -5.36 -31.46 -6.52
C ILE F 271 -6.55 -30.88 -7.26
N PHE F 272 -6.43 -30.69 -8.58
CA PHE F 272 -7.54 -30.15 -9.38
C PHE F 272 -8.78 -31.04 -9.29
N GLN F 273 -8.62 -32.35 -9.41
CA GLN F 273 -9.75 -33.26 -9.29
C GLN F 273 -10.37 -33.23 -7.90
N LEU F 274 -9.53 -33.17 -6.87
CA LEU F 274 -10.03 -33.03 -5.51
C LEU F 274 -10.89 -31.78 -5.34
N LEU F 275 -10.35 -30.63 -5.74
CA LEU F 275 -11.10 -29.37 -5.61
C LEU F 275 -12.31 -29.32 -6.53
N SER F 276 -12.31 -30.06 -7.63
CA SER F 276 -13.50 -30.17 -8.46
C SER F 276 -14.67 -30.84 -7.74
N LEU F 277 -14.38 -31.81 -6.86
CA LEU F 277 -15.44 -32.41 -6.05
C LEU F 277 -16.07 -31.40 -5.09
N ILE F 278 -15.25 -30.55 -4.46
CA ILE F 278 -15.78 -29.51 -3.59
C ILE F 278 -16.71 -28.57 -4.36
N ASN F 279 -16.27 -28.10 -5.53
CA ASN F 279 -17.09 -27.21 -6.34
C ASN F 279 -18.39 -27.88 -6.79
N LEU F 280 -18.33 -29.15 -7.21
CA LEU F 280 -19.52 -29.88 -7.61
C LEU F 280 -20.53 -30.02 -6.46
N ILE F 281 -20.05 -30.33 -5.27
CA ILE F 281 -20.94 -30.46 -4.10
C ILE F 281 -21.70 -29.16 -3.85
N VAL F 282 -21.00 -28.03 -3.79
CA VAL F 282 -21.65 -26.76 -3.49
C VAL F 282 -22.63 -26.35 -4.59
N TYR F 283 -22.23 -26.47 -5.85
CA TYR F 283 -23.13 -26.12 -6.94
C TYR F 283 -24.37 -27.00 -6.98
N ALA F 284 -24.24 -28.28 -6.63
CA ALA F 284 -25.42 -29.13 -6.51
C ALA F 284 -26.36 -28.67 -5.39
N LEU F 285 -25.81 -28.09 -4.32
CA LEU F 285 -26.65 -27.52 -3.27
C LEU F 285 -27.27 -26.17 -3.67
N LEU F 286 -26.63 -25.43 -4.58
CA LEU F 286 -27.25 -24.19 -5.06
C LEU F 286 -28.44 -24.43 -5.98
N ILE F 287 -28.46 -25.54 -6.72
CA ILE F 287 -29.53 -25.77 -7.69
C ILE F 287 -30.92 -25.71 -7.06
N PRO F 288 -31.22 -26.42 -5.96
CA PRO F 288 -32.53 -26.22 -5.30
C PRO F 288 -32.86 -24.78 -4.92
N VAL F 289 -31.87 -24.02 -4.45
CA VAL F 289 -32.11 -22.63 -4.06
C VAL F 289 -32.47 -21.78 -5.27
N VAL F 290 -31.74 -21.94 -6.38
CA VAL F 290 -32.03 -21.17 -7.59
C VAL F 290 -33.42 -21.48 -8.14
N VAL F 291 -33.80 -22.76 -8.16
CA VAL F 291 -35.12 -23.15 -8.62
C VAL F 291 -36.22 -22.50 -7.78
N TYR F 292 -36.03 -22.47 -6.46
CA TYR F 292 -36.99 -21.77 -5.58
C TYR F 292 -37.17 -20.30 -5.96
N THR F 293 -36.13 -19.65 -6.46
CA THR F 293 -36.25 -18.25 -6.89
C THR F 293 -37.13 -18.05 -8.11
N PHE F 294 -37.51 -19.10 -8.84
CA PHE F 294 -38.53 -18.94 -9.87
C PHE F 294 -39.93 -18.80 -9.27
N PHE F 295 -40.20 -19.46 -8.16
CA PHE F 295 -41.55 -19.52 -7.60
C PHE F 295 -41.78 -18.54 -6.46
N ILE F 296 -40.73 -17.96 -5.90
CA ILE F 296 -40.85 -16.88 -4.90
C ILE F 296 -41.70 -15.72 -5.42
N PRO F 297 -41.61 -15.26 -6.68
CA PRO F 297 -42.55 -14.21 -7.10
C PRO F 297 -43.99 -14.70 -7.26
N PHE F 298 -44.18 -15.85 -7.89
CA PHE F 298 -45.52 -16.26 -8.30
C PHE F 298 -46.37 -16.71 -7.12
N ARG F 299 -45.76 -17.28 -6.08
CA ARG F 299 -46.55 -17.91 -5.01
C ARG F 299 -45.97 -17.66 -3.63
N GLN F 300 -44.67 -17.91 -3.44
CA GLN F 300 -44.16 -18.20 -2.12
C GLN F 300 -43.73 -16.95 -1.35
N LYS F 301 -43.24 -15.93 -2.04
CA LYS F 301 -42.64 -14.73 -1.43
C LYS F 301 -41.83 -15.02 -0.16
N THR F 313 -60.10 -3.05 -1.74
CA THR F 313 -59.55 -4.19 -1.01
C THR F 313 -58.03 -4.19 -1.03
N PHE F 314 -57.46 -3.11 -1.56
CA PHE F 314 -56.01 -2.98 -1.61
C PHE F 314 -55.44 -2.79 -0.21
N ASP F 315 -54.34 -3.47 0.08
CA ASP F 315 -53.70 -3.42 1.39
C ASP F 315 -52.31 -2.82 1.24
N VAL F 316 -52.07 -1.72 1.95
CA VAL F 316 -50.79 -1.01 1.88
C VAL F 316 -49.75 -1.54 2.85
N LEU F 317 -50.13 -2.46 3.74
CA LEU F 317 -49.17 -3.10 4.64
C LEU F 317 -48.77 -4.50 4.22
N HIS F 318 -49.68 -5.28 3.64
CA HIS F 318 -49.41 -6.67 3.31
C HIS F 318 -49.10 -6.77 1.81
N PHE F 319 -47.82 -6.72 1.50
CA PHE F 319 -47.35 -6.95 0.13
C PHE F 319 -47.48 -8.43 -0.22
N LYS F 320 -48.01 -8.71 -1.41
CA LYS F 320 -48.44 -10.06 -1.75
C LYS F 320 -48.19 -10.32 -3.22
N SER F 321 -48.09 -11.61 -3.56
CA SER F 321 -47.92 -12.03 -4.94
C SER F 321 -49.17 -11.80 -5.77
N GLU F 322 -48.96 -11.42 -7.04
CA GLU F 322 -50.02 -11.06 -7.96
C GLU F 322 -49.86 -11.75 -9.31
N GLY F 323 -49.13 -12.86 -9.36
CA GLY F 323 -48.90 -13.57 -10.60
C GLY F 323 -47.64 -13.16 -11.34
N TYR F 324 -47.60 -13.58 -12.61
CA TYR F 324 -46.55 -13.22 -13.54
C TYR F 324 -46.68 -11.76 -13.98
N ASN F 325 -46.49 -10.85 -13.04
CA ASN F 325 -46.74 -9.42 -13.24
C ASN F 325 -45.71 -8.63 -12.45
N ASP F 326 -45.33 -7.47 -12.98
CA ASP F 326 -44.27 -6.68 -12.35
C ASP F 326 -44.62 -6.29 -10.92
N LEU F 327 -45.92 -6.17 -10.61
CA LEU F 327 -46.34 -5.87 -9.25
C LEU F 327 -45.84 -6.93 -8.27
N SER F 328 -45.72 -8.18 -8.71
CA SER F 328 -45.12 -9.22 -7.88
C SER F 328 -43.66 -8.93 -7.57
N LEU F 329 -42.90 -8.40 -8.54
CA LEU F 329 -41.53 -7.99 -8.25
C LEU F 329 -41.48 -6.79 -7.31
N TYR F 330 -42.29 -5.76 -7.59
CA TYR F 330 -42.34 -4.61 -6.71
C TYR F 330 -42.75 -4.98 -5.30
N ASN F 331 -43.65 -5.96 -5.16
CA ASN F 331 -44.01 -6.47 -3.84
C ASN F 331 -42.83 -7.10 -3.13
N LEU F 332 -42.02 -7.89 -3.84
CA LEU F 332 -40.80 -8.45 -3.26
C LEU F 332 -39.80 -7.37 -2.88
N PHE F 333 -39.53 -6.44 -3.80
CA PHE F 333 -38.55 -5.39 -3.53
C PHE F 333 -39.01 -4.39 -2.48
N LEU F 334 -40.31 -4.09 -2.41
CA LEU F 334 -40.82 -3.27 -1.31
C LEU F 334 -40.68 -3.98 0.03
N GLU F 335 -41.08 -5.25 0.09
CA GLU F 335 -41.00 -5.99 1.35
C GLU F 335 -39.58 -6.05 1.90
N GLU F 336 -38.57 -6.06 1.04
CA GLU F 336 -37.19 -6.00 1.50
C GLU F 336 -36.71 -4.58 1.77
N ASN F 337 -37.50 -3.56 1.44
CA ASN F 337 -37.13 -2.17 1.67
C ASN F 337 -38.05 -1.43 2.63
N ILE F 338 -39.34 -1.79 2.68
CA ILE F 338 -40.32 -1.03 3.44
C ILE F 338 -40.04 -1.09 4.94
N SER F 339 -39.37 -2.15 5.41
CA SER F 339 -39.02 -2.30 6.82
C SER F 339 -38.08 -1.22 7.33
N GLU F 340 -37.43 -0.46 6.45
CA GLU F 340 -36.61 0.67 6.89
C GLU F 340 -37.44 1.88 7.30
N LEU F 341 -38.70 1.97 6.90
CA LEU F 341 -39.53 3.11 7.26
C LEU F 341 -39.98 3.02 8.72
N LYS F 342 -39.70 4.07 9.48
CA LYS F 342 -40.10 4.17 10.88
C LYS F 342 -41.60 4.02 11.05
N SER F 343 -42.37 4.64 10.15
CA SER F 343 -43.84 4.61 10.23
C SER F 343 -44.38 3.21 9.94
N TYR F 344 -43.78 2.48 9.01
CA TYR F 344 -44.16 1.08 8.80
C TYR F 344 -43.94 0.24 10.04
N LYS F 345 -42.79 0.40 10.70
CA LYS F 345 -42.51 -0.38 11.90
C LYS F 345 -43.55 -0.12 13.01
N CYS F 346 -43.92 1.14 13.22
CA CYS F 346 -44.95 1.46 14.20
C CYS F 346 -46.27 0.76 13.89
N LEU F 347 -46.72 0.82 12.64
CA LEU F 347 -47.97 0.17 12.26
C LEU F 347 -47.89 -1.35 12.39
N LYS F 348 -46.75 -1.94 12.05
CA LYS F 348 -46.57 -3.37 12.25
C LYS F 348 -46.52 -3.76 13.72
N VAL F 349 -45.99 -2.89 14.59
CA VAL F 349 -46.08 -3.13 16.03
C VAL F 349 -47.53 -3.14 16.49
N LEU F 350 -48.31 -2.15 16.07
CA LEU F 350 -49.73 -2.13 16.40
C LEU F 350 -50.48 -3.34 15.86
N GLU F 351 -50.15 -3.75 14.63
CA GLU F 351 -50.77 -4.94 14.06
C GLU F 351 -50.44 -6.21 14.84
N ASN F 352 -49.19 -6.33 15.30
CA ASN F 352 -48.81 -7.47 16.13
C ASN F 352 -49.52 -7.46 17.48
N ILE F 353 -49.66 -6.29 18.10
CA ILE F 353 -50.42 -6.19 19.34
C ILE F 353 -51.88 -6.55 19.10
N LYS F 354 -52.50 -5.97 18.06
CA LYS F 354 -53.88 -6.30 17.73
C LYS F 354 -54.05 -7.79 17.43
N SER F 355 -53.05 -8.43 16.83
CA SER F 355 -53.09 -9.87 16.59
C SER F 355 -53.09 -10.68 17.89
N ASN F 356 -52.57 -10.12 18.98
CA ASN F 356 -52.43 -10.85 20.23
C ASN F 356 -53.31 -10.34 21.37
N GLY F 357 -53.79 -9.11 21.30
CA GLY F 357 -54.37 -8.48 22.46
C GLY F 357 -55.29 -7.31 22.15
N GLN F 358 -54.97 -6.13 22.68
CA GLN F 358 -55.85 -4.97 22.56
C GLN F 358 -56.07 -4.62 21.09
N GLY F 359 -57.35 -4.43 20.74
CA GLY F 359 -57.76 -4.31 19.35
C GLY F 359 -57.48 -2.96 18.71
N ILE F 360 -56.21 -2.56 18.72
CA ILE F 360 -55.80 -1.33 18.05
C ILE F 360 -55.67 -1.64 16.56
N ASP F 361 -56.80 -1.64 15.85
CA ASP F 361 -56.83 -2.01 14.46
C ASP F 361 -55.90 -1.12 13.64
N PRO F 362 -54.98 -1.68 12.85
CA PRO F 362 -54.01 -0.92 12.07
C PRO F 362 -54.64 -0.23 10.86
N ALA G 2 8.62 -12.70 9.92
CA ALA G 2 7.23 -12.54 9.54
C ALA G 2 6.30 -13.04 10.64
N ILE G 3 6.85 -13.87 11.54
CA ILE G 3 6.06 -14.40 12.65
C ILE G 3 5.47 -13.27 13.48
N ALA G 4 6.22 -12.19 13.68
CA ALA G 4 5.73 -11.04 14.43
C ALA G 4 4.60 -10.32 13.70
N HIS G 5 4.63 -10.31 12.37
CA HIS G 5 3.50 -9.78 11.60
C HIS G 5 2.25 -10.64 11.75
N LEU G 6 2.42 -11.97 11.77
CA LEU G 6 1.29 -12.85 12.02
C LEU G 6 0.64 -12.59 13.38
N ALA G 7 1.45 -12.40 14.42
CA ALA G 7 0.89 -12.06 15.73
C ALA G 7 0.16 -10.72 15.71
N THR G 8 0.72 -9.74 15.01
CA THR G 8 0.03 -8.46 14.84
C THR G 8 -1.29 -8.61 14.10
N GLU G 9 -1.30 -9.44 13.06
CA GLU G 9 -2.48 -9.62 12.22
C GLU G 9 -3.58 -10.45 12.89
N TYR G 10 -3.20 -11.52 13.60
CA TYR G 10 -4.17 -12.49 14.11
C TYR G 10 -4.39 -12.45 15.60
N VAL G 11 -3.63 -11.67 16.36
CA VAL G 11 -3.82 -11.63 17.81
C VAL G 11 -4.03 -10.20 18.28
N PHE G 12 -3.11 -9.31 17.95
CA PHE G 12 -3.11 -7.95 18.48
C PHE G 12 -3.98 -6.99 17.67
N SER G 13 -4.83 -7.50 16.78
CA SER G 13 -5.78 -6.64 16.08
C SER G 13 -7.04 -7.42 15.76
N ASP G 14 -8.14 -6.70 15.64
CA ASP G 14 -9.45 -7.28 15.41
C ASP G 14 -9.68 -7.56 13.92
N PHE G 15 -10.42 -8.63 13.65
CA PHE G 15 -10.69 -9.05 12.28
C PHE G 15 -12.02 -9.79 12.25
N LEU G 16 -12.29 -10.50 11.14
CA LEU G 16 -13.58 -11.12 10.91
C LEU G 16 -14.71 -10.09 10.96
N GLY G 27 -23.30 1.31 16.65
CA GLY G 27 -24.44 0.50 16.29
C GLY G 27 -24.84 -0.46 17.40
N LEU G 28 -25.95 -1.15 17.17
CA LEU G 28 -26.39 -2.17 18.11
C LEU G 28 -25.42 -3.34 18.13
N ARG G 29 -25.33 -3.99 19.29
CA ARG G 29 -24.70 -5.31 19.40
C ARG G 29 -25.71 -6.39 19.03
N LEU G 30 -25.56 -6.95 17.83
CA LEU G 30 -26.47 -7.97 17.33
C LEU G 30 -25.92 -9.38 17.51
N GLU G 31 -24.74 -9.52 18.12
CA GLU G 31 -24.26 -10.81 18.59
C GLU G 31 -23.80 -10.67 20.03
N LEU G 32 -24.14 -11.66 20.85
CA LEU G 32 -23.71 -11.66 22.24
C LEU G 32 -22.19 -11.78 22.35
N ALA G 33 -21.63 -11.11 23.35
CA ALA G 33 -20.18 -10.99 23.46
C ALA G 33 -19.50 -12.35 23.57
N VAL G 34 -20.07 -13.27 24.35
CA VAL G 34 -19.49 -14.61 24.48
C VAL G 34 -19.52 -15.35 23.15
N ASP G 35 -20.65 -15.27 22.43
CA ASP G 35 -20.77 -15.96 21.16
C ASP G 35 -19.80 -15.40 20.11
N LYS G 36 -19.65 -14.09 20.07
CA LYS G 36 -18.66 -13.46 19.20
C LYS G 36 -17.24 -13.85 19.57
N MET G 37 -16.92 -13.85 20.87
CA MET G 37 -15.59 -14.23 21.32
C MET G 37 -15.24 -15.66 20.96
N VAL G 38 -16.15 -16.60 21.22
CA VAL G 38 -15.94 -18.00 20.83
C VAL G 38 -15.71 -18.12 19.33
N THR G 39 -16.50 -17.41 18.53
CA THR G 39 -16.33 -17.45 17.08
C THR G 39 -14.95 -16.94 16.66
N CYS G 40 -14.48 -15.85 17.26
CA CYS G 40 -13.16 -15.31 16.92
C CYS G 40 -12.03 -16.29 17.24
N ILE G 41 -12.10 -16.97 18.39
CA ILE G 41 -11.10 -17.98 18.71
C ILE G 41 -11.21 -19.17 17.78
N ALA G 42 -12.43 -19.71 17.62
CA ALA G 42 -12.62 -20.94 16.85
C ALA G 42 -12.21 -20.78 15.39
N VAL G 43 -12.56 -19.65 14.78
CA VAL G 43 -12.18 -19.39 13.39
C VAL G 43 -10.75 -18.87 13.28
N GLY G 44 -10.32 -18.02 14.22
CA GLY G 44 -9.03 -17.37 14.08
C GLY G 44 -7.84 -18.29 14.33
N LEU G 45 -7.95 -19.19 15.29
CA LEU G 45 -6.80 -20.02 15.66
C LEU G 45 -6.28 -20.91 14.53
N PRO G 46 -7.12 -21.66 13.80
CA PRO G 46 -6.58 -22.43 12.66
C PRO G 46 -5.81 -21.59 11.65
N LEU G 47 -6.25 -20.35 11.40
CA LEU G 47 -5.60 -19.52 10.41
C LEU G 47 -4.21 -19.06 10.87
N LEU G 48 -4.07 -18.77 12.16
CA LEU G 48 -2.75 -18.55 12.75
C LEU G 48 -1.86 -19.78 12.64
N LEU G 49 -2.38 -20.94 13.04
CA LEU G 49 -1.58 -22.17 13.04
C LEU G 49 -1.17 -22.59 11.64
N ILE G 50 -2.04 -22.42 10.64
CA ILE G 50 -1.61 -22.62 9.25
C ILE G 50 -0.45 -21.69 8.91
N SER G 51 -0.59 -20.40 9.25
CA SER G 51 0.44 -19.42 8.91
C SER G 51 1.77 -19.73 9.59
N LEU G 52 1.72 -20.17 10.85
CA LEU G 52 2.94 -20.55 11.56
C LEU G 52 3.58 -21.81 10.99
N ALA G 53 2.77 -22.77 10.52
CA ALA G 53 3.32 -24.02 10.01
C ALA G 53 4.22 -23.82 8.80
N PHE G 54 4.03 -22.74 8.04
CA PHE G 54 4.86 -22.47 6.88
C PHE G 54 5.69 -21.20 7.01
N ALA G 55 5.85 -20.69 8.24
CA ALA G 55 6.74 -19.56 8.46
C ALA G 55 8.16 -19.88 8.03
N GLN G 56 8.81 -18.90 7.40
CA GLN G 56 10.17 -19.10 6.89
C GLN G 56 11.16 -19.33 8.01
N GLU G 57 10.87 -18.84 9.22
CA GLU G 57 11.70 -19.13 10.37
C GLU G 57 11.78 -20.62 10.65
N ILE G 58 10.73 -21.36 10.33
CA ILE G 58 10.67 -22.78 10.65
C ILE G 58 10.75 -23.66 9.39
N SER G 59 10.37 -23.16 8.23
CA SER G 59 10.38 -23.92 7.00
C SER G 59 11.80 -24.05 6.45
N ILE G 60 12.07 -25.18 5.80
CA ILE G 60 13.33 -25.41 5.11
C ILE G 60 13.15 -25.44 3.60
N GLY G 61 12.03 -24.88 3.11
CA GLY G 61 11.86 -24.60 1.70
C GLY G 61 11.23 -25.68 0.85
N THR G 62 10.96 -26.86 1.38
CA THR G 62 10.23 -27.85 0.58
C THR G 62 9.42 -28.76 1.48
N GLN G 63 8.31 -29.27 0.94
CA GLN G 63 7.43 -30.16 1.70
C GLN G 63 7.92 -31.60 1.68
N ILE G 64 8.62 -32.02 0.63
CA ILE G 64 9.03 -33.40 0.44
C ILE G 64 10.45 -33.44 -0.10
N SER G 65 11.22 -34.44 0.32
CA SER G 65 12.51 -34.74 -0.28
C SER G 65 12.65 -36.25 -0.41
N CYS G 66 13.19 -36.70 -1.54
CA CYS G 66 13.43 -38.11 -1.79
C CYS G 66 14.92 -38.32 -2.08
N PHE G 67 15.47 -39.44 -1.62
CA PHE G 67 16.88 -39.74 -1.83
C PHE G 67 17.07 -40.42 -3.18
N SER G 68 17.37 -39.60 -4.20
CA SER G 68 17.72 -40.11 -5.51
C SER G 68 19.15 -40.64 -5.52
N PRO G 69 19.46 -41.61 -6.39
CA PRO G 69 20.82 -42.14 -6.44
C PRO G 69 21.80 -41.14 -7.03
N SER G 70 23.09 -41.40 -6.78
CA SER G 70 24.14 -40.44 -7.12
C SER G 70 24.30 -40.27 -8.63
N SER G 71 23.91 -41.28 -9.41
CA SER G 71 24.00 -41.20 -10.86
C SER G 71 22.90 -40.34 -11.49
N PHE G 72 21.81 -40.08 -10.77
CA PHE G 72 20.76 -39.23 -11.32
C PHE G 72 21.25 -37.80 -11.48
N SER G 73 20.93 -37.21 -12.64
CA SER G 73 21.14 -35.79 -12.86
C SER G 73 20.24 -34.96 -11.94
N TRP G 74 20.55 -33.66 -11.88
CA TRP G 74 19.78 -32.74 -11.05
C TRP G 74 18.31 -32.70 -11.44
N ARG G 75 18.02 -32.73 -12.74
CA ARG G 75 16.63 -32.74 -13.21
C ARG G 75 15.93 -34.07 -13.01
N GLN G 76 16.66 -35.19 -13.11
CA GLN G 76 16.08 -36.48 -12.76
C GLN G 76 15.69 -36.56 -11.28
N ALA G 77 16.53 -36.06 -10.38
CA ALA G 77 16.16 -36.02 -8.97
C ALA G 77 15.00 -35.08 -8.70
N ALA G 78 14.95 -33.94 -9.40
CA ALA G 78 13.79 -33.06 -9.32
C ALA G 78 12.50 -33.71 -9.83
N PHE G 79 12.61 -34.59 -10.82
CA PHE G 79 11.45 -35.36 -11.26
C PHE G 79 10.94 -36.30 -10.18
N VAL G 80 11.84 -37.02 -9.51
CA VAL G 80 11.43 -37.95 -8.46
C VAL G 80 10.66 -37.23 -7.35
N ASP G 81 11.17 -36.10 -6.88
CA ASP G 81 10.47 -35.34 -5.85
C ASP G 81 9.08 -34.90 -6.32
N SER G 82 9.00 -34.36 -7.54
CA SER G 82 7.70 -33.92 -8.07
C SER G 82 6.74 -35.07 -8.31
N TYR G 83 7.23 -36.19 -8.84
CA TYR G 83 6.38 -37.35 -9.07
C TYR G 83 5.83 -37.92 -7.76
N CYS G 84 6.70 -38.08 -6.76
CA CYS G 84 6.28 -38.67 -5.50
C CYS G 84 5.34 -37.76 -4.71
N TRP G 85 5.48 -36.43 -4.85
CA TRP G 85 4.47 -35.54 -4.30
C TRP G 85 3.09 -35.79 -4.92
N ALA G 86 3.04 -36.02 -6.23
CA ALA G 86 1.80 -36.43 -6.87
C ALA G 86 1.39 -37.85 -6.50
N ALA G 87 2.37 -38.76 -6.39
CA ALA G 87 2.07 -40.16 -6.12
C ALA G 87 1.47 -40.39 -4.73
N VAL G 88 1.60 -39.43 -3.82
CA VAL G 88 0.99 -39.50 -2.49
C VAL G 88 -0.50 -39.81 -2.58
N GLN G 89 -1.16 -39.38 -3.64
CA GLN G 89 -2.57 -39.69 -3.86
C GLN G 89 -2.81 -41.02 -4.56
N GLN G 90 -1.78 -41.68 -5.07
CA GLN G 90 -1.93 -42.70 -6.11
C GLN G 90 -1.50 -44.06 -5.58
N LYS G 91 -2.49 -44.82 -5.08
CA LYS G 91 -2.23 -46.03 -4.29
C LYS G 91 -1.34 -47.02 -5.03
N SER G 92 -1.42 -47.07 -6.36
CA SER G 92 -0.69 -48.04 -7.15
C SER G 92 0.82 -47.84 -7.10
N SER G 93 1.31 -46.73 -6.55
CA SER G 93 2.74 -46.44 -6.57
C SER G 93 3.27 -46.02 -5.20
N LEU G 94 2.59 -46.42 -4.12
CA LEU G 94 3.03 -46.12 -2.77
C LEU G 94 3.22 -47.39 -1.97
N GLN G 95 4.10 -47.31 -0.97
CA GLN G 95 4.17 -48.30 0.09
C GLN G 95 4.60 -47.59 1.36
N SER G 96 4.12 -48.09 2.50
CA SER G 96 4.40 -47.46 3.78
C SER G 96 4.21 -48.48 4.89
N GLU G 97 4.65 -48.09 6.10
CA GLU G 97 4.46 -48.91 7.29
C GLU G 97 2.99 -49.09 7.65
N SER G 98 2.10 -48.26 7.09
CA SER G 98 0.67 -48.35 7.34
C SER G 98 -0.03 -48.09 6.01
N GLY G 99 -1.34 -47.83 6.07
CA GLY G 99 -2.09 -47.49 4.88
C GLY G 99 -1.64 -46.16 4.28
N ASN G 100 -2.29 -45.80 3.18
CA ASN G 100 -1.99 -44.54 2.52
C ASN G 100 -2.67 -43.35 3.16
N LEU G 101 -3.68 -43.58 4.00
CA LEU G 101 -4.43 -42.50 4.64
C LEU G 101 -3.56 -41.46 5.33
N PRO G 102 -2.60 -41.81 6.19
CA PRO G 102 -1.74 -40.78 6.79
C PRO G 102 -1.06 -39.85 5.79
N LEU G 103 -0.64 -40.37 4.64
CA LEU G 103 0.05 -39.55 3.65
C LEU G 103 -0.86 -38.49 3.06
N TRP G 104 -2.13 -38.82 2.83
CA TRP G 104 -3.11 -37.83 2.42
C TRP G 104 -3.31 -36.75 3.46
N LEU G 105 -3.44 -37.15 4.73
CA LEU G 105 -3.62 -36.19 5.82
C LEU G 105 -2.40 -35.29 5.99
N HIS G 106 -1.20 -35.86 5.88
CA HIS G 106 0.01 -35.06 5.95
C HIS G 106 0.11 -34.06 4.81
N LYS G 107 -0.28 -34.45 3.60
CA LYS G 107 -0.29 -33.50 2.48
C LYS G 107 -1.34 -32.41 2.65
N PHE G 108 -2.57 -32.77 3.00
CA PHE G 108 -3.69 -31.83 3.01
C PHE G 108 -3.98 -31.19 4.36
N PHE G 109 -3.11 -31.37 5.35
CA PHE G 109 -3.24 -30.71 6.65
C PHE G 109 -3.59 -29.23 6.55
N PRO G 110 -2.96 -28.44 5.67
CA PRO G 110 -3.36 -27.02 5.54
C PRO G 110 -4.81 -26.81 5.09
N TYR G 111 -5.29 -27.61 4.14
CA TYR G 111 -6.68 -27.49 3.70
C TYR G 111 -7.67 -27.95 4.76
N ILE G 112 -7.31 -28.98 5.54
CA ILE G 112 -8.20 -29.47 6.59
C ILE G 112 -8.41 -28.42 7.68
N LEU G 113 -7.34 -27.75 8.12
CA LEU G 113 -7.51 -26.66 9.08
C LEU G 113 -8.30 -25.50 8.49
N LEU G 114 -8.08 -25.17 7.21
CA LEU G 114 -8.87 -24.15 6.55
C LEU G 114 -10.35 -24.53 6.50
N LEU G 115 -10.65 -25.79 6.23
CA LEU G 115 -12.03 -26.25 6.20
C LEU G 115 -12.73 -26.06 7.55
N PHE G 116 -12.06 -26.39 8.65
CA PHE G 116 -12.64 -26.14 9.97
C PHE G 116 -12.89 -24.67 10.22
N ALA G 117 -11.92 -23.81 9.87
CA ALA G 117 -12.12 -22.37 10.02
C ALA G 117 -13.35 -21.88 9.28
N ILE G 118 -13.55 -22.33 8.04
CA ILE G 118 -14.72 -21.95 7.27
C ILE G 118 -16.00 -22.49 7.89
N LEU G 119 -16.04 -23.79 8.20
CA LEU G 119 -17.25 -24.39 8.74
C LEU G 119 -17.66 -23.77 10.07
N LEU G 120 -16.71 -23.28 10.86
CA LEU G 120 -17.03 -22.58 12.11
C LEU G 120 -17.49 -21.15 11.91
N TYR G 121 -17.19 -20.54 10.75
CA TYR G 121 -17.67 -19.20 10.44
C TYR G 121 -19.09 -19.19 9.90
N LEU G 122 -19.49 -20.24 9.18
CA LEU G 122 -20.81 -20.26 8.55
C LEU G 122 -21.99 -20.07 9.51
N PRO G 123 -22.01 -20.65 10.72
CA PRO G 123 -23.10 -20.31 11.66
C PRO G 123 -23.21 -18.84 11.99
N ALA G 124 -22.09 -18.14 12.20
CA ALA G 124 -22.15 -16.70 12.44
C ALA G 124 -22.63 -15.94 11.21
N LEU G 125 -22.15 -16.31 10.03
CA LEU G 125 -22.61 -15.70 8.78
C LEU G 125 -24.10 -15.91 8.57
N PHE G 126 -24.62 -17.09 8.89
CA PHE G 126 -26.06 -17.33 8.80
C PHE G 126 -26.86 -16.47 9.77
N TRP G 127 -26.39 -16.33 11.00
CA TRP G 127 -27.06 -15.44 11.95
C TRP G 127 -27.09 -14.00 11.44
N ARG G 128 -25.97 -13.52 10.94
CA ARG G 128 -25.91 -12.19 10.34
C ARG G 128 -26.81 -12.05 9.13
N PHE G 129 -27.05 -13.14 8.40
CA PHE G 129 -27.91 -13.10 7.22
C PHE G 129 -29.40 -13.24 7.57
N SER G 130 -29.74 -14.19 8.44
CA SER G 130 -31.12 -14.64 8.58
C SER G 130 -31.84 -14.13 9.81
N ALA G 131 -31.13 -13.64 10.81
CA ALA G 131 -31.76 -13.26 12.07
C ALA G 131 -31.45 -11.83 12.49
N ALA G 132 -30.20 -11.40 12.35
CA ALA G 132 -29.82 -10.05 12.77
C ALA G 132 -30.65 -8.92 12.15
N PRO G 133 -31.07 -8.97 10.88
CA PRO G 133 -31.90 -7.87 10.36
C PRO G 133 -33.22 -7.68 11.10
N HIS G 134 -33.95 -8.76 11.36
CA HIS G 134 -35.20 -8.64 12.10
C HIS G 134 -34.96 -8.15 13.53
N LEU G 135 -34.02 -8.77 14.22
CA LEU G 135 -33.66 -8.36 15.58
C LEU G 135 -33.24 -6.90 15.67
N CYS G 136 -32.45 -6.43 14.69
CA CYS G 136 -32.03 -5.03 14.67
C CYS G 136 -33.22 -4.07 14.60
N SER G 137 -34.17 -4.34 13.71
CA SER G 137 -35.34 -3.47 13.59
C SER G 137 -36.17 -3.45 14.87
N ASP G 138 -36.24 -4.58 15.59
CA ASP G 138 -36.96 -4.61 16.86
C ASP G 138 -36.21 -3.87 17.97
N LEU G 139 -34.91 -4.13 18.11
CA LEU G 139 -34.14 -3.46 19.16
C LEU G 139 -34.09 -1.95 18.97
N LYS G 140 -33.99 -1.48 17.72
CA LYS G 140 -34.09 -0.05 17.45
C LYS G 140 -35.40 0.54 17.97
N PHE G 141 -36.52 -0.15 17.74
CA PHE G 141 -37.80 0.30 18.25
C PHE G 141 -37.88 0.23 19.77
N ILE G 142 -37.61 -0.96 20.33
CA ILE G 142 -37.83 -1.18 21.76
C ILE G 142 -36.98 -0.24 22.61
N MET G 143 -35.71 -0.04 22.25
CA MET G 143 -34.83 0.82 23.05
C MET G 143 -35.28 2.27 23.05
N GLU G 144 -35.71 2.80 21.90
CA GLU G 144 -36.15 4.20 21.85
C GLU G 144 -37.43 4.45 22.63
N GLU G 145 -38.34 3.47 22.66
CA GLU G 145 -39.54 3.58 23.49
C GLU G 145 -39.27 3.33 24.98
N LEU G 146 -38.33 2.44 25.30
CA LEU G 146 -37.89 2.29 26.69
C LEU G 146 -37.24 3.56 27.22
N ASP G 147 -36.46 4.25 26.39
CA ASP G 147 -35.86 5.53 26.79
C ASP G 147 -36.91 6.54 27.22
N LYS G 148 -38.04 6.61 26.50
CA LYS G 148 -39.13 7.48 26.90
C LYS G 148 -39.74 7.06 28.24
N VAL G 149 -39.93 5.76 28.45
CA VAL G 149 -40.43 5.26 29.74
C VAL G 149 -39.48 5.62 30.89
N TYR G 150 -38.17 5.45 30.69
CA TYR G 150 -37.21 5.79 31.74
C TYR G 150 -37.15 7.30 32.02
N ASN G 151 -37.14 8.12 30.97
CA ASN G 151 -37.15 9.57 31.17
C ASN G 151 -38.39 10.04 31.93
N ARG G 152 -39.54 9.44 31.64
CA ARG G 152 -40.75 9.74 32.42
C ARG G 152 -40.60 9.32 33.88
N ALA G 153 -40.06 8.13 34.13
CA ALA G 153 -39.84 7.67 35.50
C ALA G 153 -38.84 8.55 36.26
N ILE G 154 -37.80 9.03 35.58
CA ILE G 154 -36.86 9.96 36.20
C ILE G 154 -37.55 11.26 36.61
N LYS G 155 -38.32 11.84 35.68
CA LYS G 155 -39.02 13.09 35.98
C LYS G 155 -40.01 12.93 37.13
N ALA G 156 -40.70 11.79 37.20
CA ALA G 156 -41.57 11.51 38.34
C ALA G 156 -40.77 11.43 39.65
N ALA G 157 -39.71 10.63 39.65
CA ALA G 157 -38.89 10.50 40.87
C ALA G 157 -38.23 11.81 41.26
N LYS G 158 -37.67 12.54 40.29
CA LYS G 158 -37.06 13.83 40.59
C LYS G 158 -38.07 14.84 41.11
N SER G 159 -39.32 14.79 40.62
CA SER G 159 -40.36 15.66 41.15
C SER G 159 -40.82 15.22 42.54
N ALA G 160 -40.95 13.90 42.75
CA ALA G 160 -41.44 13.40 44.03
C ALA G 160 -40.38 13.43 45.13
N ARG G 161 -39.10 13.35 44.78
CA ARG G 161 -38.07 13.17 45.79
C ARG G 161 -36.79 13.91 45.37
N ASP G 162 -36.95 15.16 44.96
CA ASP G 162 -35.84 16.03 44.57
C ASP G 162 -34.90 15.37 43.57
N PRO G 193 -47.45 1.87 27.74
CA PRO G 193 -47.51 0.42 27.99
C PRO G 193 -47.28 -0.39 26.73
N ILE G 194 -47.11 0.31 25.60
CA ILE G 194 -47.00 -0.35 24.30
C ILE G 194 -45.83 -1.34 24.29
N VAL G 195 -44.73 -1.00 24.97
CA VAL G 195 -43.57 -1.88 25.03
C VAL G 195 -43.90 -3.15 25.80
N GLU G 196 -44.56 -3.01 26.95
CA GLU G 196 -44.98 -4.19 27.71
C GLU G 196 -45.88 -5.09 26.89
N GLN G 197 -46.87 -4.50 26.21
CA GLN G 197 -47.75 -5.28 25.34
C GLN G 197 -46.98 -5.95 24.21
N TYR G 198 -46.07 -5.21 23.58
CA TYR G 198 -45.30 -5.76 22.46
C TYR G 198 -44.35 -6.86 22.90
N LEU G 199 -43.60 -6.65 23.98
CA LEU G 199 -42.71 -7.68 24.50
C LEU G 199 -43.46 -8.94 24.91
N LYS G 200 -44.64 -8.78 25.52
CA LYS G 200 -45.48 -9.94 25.83
C LYS G 200 -45.91 -10.73 24.60
N THR G 201 -45.91 -10.12 23.41
CA THR G 201 -46.12 -10.91 22.20
C THR G 201 -44.94 -11.81 21.87
N LYS G 202 -43.72 -11.39 22.22
CA LYS G 202 -42.53 -12.12 21.79
C LYS G 202 -42.42 -13.49 22.44
N LYS G 203 -42.87 -13.63 23.69
CA LYS G 203 -42.84 -14.94 24.36
C LYS G 203 -43.80 -15.95 23.73
N ASN G 204 -44.69 -15.52 22.84
CA ASN G 204 -45.52 -16.41 22.08
C ASN G 204 -44.88 -16.90 20.78
N SER G 205 -43.75 -16.33 20.36
CA SER G 205 -43.31 -16.49 18.98
C SER G 205 -42.34 -17.65 18.79
N SER G 206 -41.36 -17.79 19.68
CA SER G 206 -40.33 -18.86 19.57
C SER G 206 -39.73 -18.96 18.17
N HIS G 207 -39.71 -17.84 17.45
CA HIS G 207 -39.15 -17.81 16.10
C HIS G 207 -37.62 -17.76 16.11
N LEU G 208 -37.06 -16.73 16.75
CA LEU G 208 -35.61 -16.52 16.74
C LEU G 208 -34.86 -17.52 17.60
N ILE G 209 -35.49 -18.03 18.66
CA ILE G 209 -34.84 -19.00 19.54
C ILE G 209 -34.41 -20.25 18.78
N MET G 210 -35.20 -20.68 17.79
CA MET G 210 -34.78 -21.81 16.96
C MET G 210 -33.58 -21.46 16.09
N LYS G 211 -33.59 -20.28 15.48
CA LYS G 211 -32.44 -19.83 14.70
C LYS G 211 -31.18 -19.70 15.55
N TYR G 212 -31.32 -19.18 16.78
CA TYR G 212 -30.17 -19.02 17.67
C TYR G 212 -29.62 -20.37 18.14
N ILE G 213 -30.48 -21.21 18.71
CA ILE G 213 -30.01 -22.49 19.27
C ILE G 213 -29.42 -23.38 18.19
N SER G 214 -29.99 -23.38 16.99
CA SER G 214 -29.40 -24.16 15.90
C SER G 214 -28.03 -23.63 15.48
N CYS G 215 -27.82 -22.31 15.50
CA CYS G 215 -26.48 -21.78 15.24
C CYS G 215 -25.48 -22.19 16.31
N ARG G 216 -25.90 -22.18 17.57
CA ARG G 216 -25.06 -22.69 18.65
C ARG G 216 -24.79 -24.19 18.49
N LEU G 217 -25.82 -24.97 18.17
CA LEU G 217 -25.69 -26.42 18.07
C LEU G 217 -24.78 -26.86 16.92
N VAL G 218 -24.87 -26.21 15.76
CA VAL G 218 -23.94 -26.49 14.67
C VAL G 218 -22.50 -26.17 15.07
N THR G 219 -22.29 -25.03 15.74
CA THR G 219 -20.94 -24.69 16.21
C THR G 219 -20.38 -25.74 17.15
N PHE G 220 -21.21 -26.24 18.08
CA PHE G 220 -20.80 -27.32 18.97
C PHE G 220 -20.39 -28.58 18.22
N VAL G 221 -21.20 -29.02 17.26
CA VAL G 221 -20.91 -30.25 16.51
C VAL G 221 -19.61 -30.13 15.72
N VAL G 222 -19.40 -28.99 15.05
CA VAL G 222 -18.17 -28.83 14.26
C VAL G 222 -16.93 -28.79 15.14
N ILE G 223 -17.00 -28.12 16.30
CA ILE G 223 -15.87 -28.13 17.23
C ILE G 223 -15.59 -29.55 17.74
N LEU G 224 -16.64 -30.31 18.04
CA LEU G 224 -16.47 -31.68 18.52
C LEU G 224 -15.84 -32.58 17.46
N LEU G 225 -16.30 -32.48 16.22
CA LEU G 225 -15.69 -33.25 15.12
C LEU G 225 -14.25 -32.86 14.87
N ALA G 226 -13.93 -31.57 14.94
CA ALA G 226 -12.54 -31.13 14.83
C ALA G 226 -11.65 -31.69 15.93
N CYS G 227 -12.16 -31.75 17.17
CA CYS G 227 -11.40 -32.38 18.24
C CYS G 227 -11.13 -33.86 17.98
N ILE G 228 -12.11 -34.58 17.45
CA ILE G 228 -11.91 -35.99 17.11
C ILE G 228 -10.84 -36.16 16.04
N TYR G 229 -10.88 -35.34 14.99
CA TYR G 229 -9.85 -35.39 13.97
C TYR G 229 -8.47 -35.04 14.51
N LEU G 230 -8.36 -33.90 15.21
CA LEU G 230 -7.06 -33.43 15.67
C LEU G 230 -6.40 -34.40 16.64
N SER G 231 -7.18 -35.02 17.52
CA SER G 231 -6.63 -36.03 18.41
C SER G 231 -6.18 -37.29 17.65
N TYR G 232 -6.92 -37.68 16.62
CA TYR G 232 -6.46 -38.76 15.75
C TYR G 232 -5.17 -38.39 15.02
N TYR G 233 -5.13 -37.23 14.38
CA TYR G 233 -3.95 -36.82 13.62
C TYR G 233 -2.72 -36.68 14.51
N PHE G 234 -2.89 -36.17 15.72
CA PHE G 234 -1.78 -36.13 16.68
C PHE G 234 -1.32 -37.53 17.07
N SER G 235 -2.22 -38.51 17.07
CA SER G 235 -1.86 -39.86 17.49
C SER G 235 -1.06 -40.63 16.46
N LEU G 236 -1.04 -40.19 15.20
CA LEU G 236 -0.31 -40.92 14.17
C LEU G 236 1.18 -40.96 14.48
N SER G 237 1.79 -42.11 14.19
CA SER G 237 3.22 -42.30 14.39
C SER G 237 4.02 -41.25 13.63
N SER G 238 5.07 -40.74 14.28
CA SER G 238 5.89 -39.70 13.65
C SER G 238 6.56 -40.19 12.38
N LEU G 239 6.96 -41.46 12.33
CA LEU G 239 7.53 -42.06 11.13
C LEU G 239 6.51 -42.36 10.03
N SER G 240 5.23 -42.07 10.23
CA SER G 240 4.29 -42.07 9.11
C SER G 240 4.57 -40.97 8.09
N ASP G 241 5.50 -40.06 8.39
CA ASP G 241 5.98 -39.09 7.42
C ASP G 241 6.92 -39.69 6.37
N GLU G 242 7.39 -40.92 6.57
CA GLU G 242 8.25 -41.60 5.61
C GLU G 242 7.45 -42.64 4.83
N PHE G 243 7.67 -42.67 3.52
CA PHE G 243 7.03 -43.63 2.64
C PHE G 243 7.98 -43.99 1.51
N LEU G 244 7.69 -45.11 0.85
CA LEU G 244 8.42 -45.56 -0.32
C LEU G 244 7.65 -45.26 -1.61
N CYS G 245 8.34 -44.67 -2.58
CA CYS G 245 7.76 -44.23 -3.83
C CYS G 245 8.42 -44.95 -5.00
N SER G 246 7.66 -45.17 -6.07
CA SER G 246 8.21 -45.73 -7.30
C SER G 246 7.73 -44.95 -8.52
N ILE G 247 8.67 -44.65 -9.43
CA ILE G 247 8.36 -43.95 -10.68
C ILE G 247 8.16 -44.90 -11.85
N LYS G 248 8.35 -46.21 -11.64
CA LYS G 248 8.31 -47.21 -12.71
C LYS G 248 6.90 -47.56 -13.16
N SER G 249 6.13 -46.55 -13.56
CA SER G 249 4.76 -46.75 -14.03
C SER G 249 4.72 -47.13 -15.51
N GLY G 250 5.22 -46.25 -16.38
CA GLY G 250 5.02 -46.38 -17.80
C GLY G 250 6.23 -46.88 -18.57
N VAL G 251 6.77 -46.02 -19.46
CA VAL G 251 7.95 -46.37 -20.23
C VAL G 251 9.14 -46.66 -19.32
N LEU G 252 9.16 -46.08 -18.13
CA LEU G 252 10.23 -46.32 -17.16
C LEU G 252 10.17 -47.71 -16.54
N LYS G 253 9.07 -48.44 -16.73
CA LYS G 253 8.85 -49.70 -16.02
C LYS G 253 9.97 -50.72 -16.27
N ASN G 254 10.57 -50.72 -17.45
CA ASN G 254 11.62 -51.67 -17.78
C ASN G 254 13.03 -51.16 -17.54
N ASP G 255 13.20 -49.90 -17.12
CA ASP G 255 14.53 -49.29 -17.06
C ASP G 255 15.26 -49.83 -15.83
N SER G 256 16.32 -50.59 -16.07
CA SER G 256 17.13 -51.19 -15.02
C SER G 256 18.01 -50.20 -14.29
N THR G 257 18.19 -48.99 -14.82
CA THR G 257 19.02 -47.98 -14.18
C THR G 257 18.29 -47.22 -13.07
N ILE G 258 16.98 -47.39 -12.95
CA ILE G 258 16.18 -46.70 -11.93
C ILE G 258 15.92 -47.68 -10.79
N PRO G 259 16.15 -47.27 -9.54
CA PRO G 259 15.83 -48.17 -8.41
C PRO G 259 14.33 -48.36 -8.26
N ASP G 260 13.97 -49.53 -7.73
CA ASP G 260 12.55 -49.88 -7.62
C ASP G 260 11.81 -49.05 -6.58
N ARG G 261 12.49 -48.61 -5.51
CA ARG G 261 11.89 -47.75 -4.51
C ARG G 261 12.80 -46.58 -4.18
N PHE G 262 12.19 -45.40 -4.03
CA PHE G 262 12.87 -44.23 -3.49
C PHE G 262 12.37 -43.95 -2.07
N GLN G 263 13.30 -43.72 -1.16
CA GLN G 263 12.93 -43.23 0.18
C GLN G 263 12.54 -41.76 0.08
N CYS G 264 11.33 -41.44 0.54
CA CYS G 264 10.86 -40.06 0.60
C CYS G 264 10.46 -39.71 2.03
N LYS G 265 10.60 -38.44 2.40
CA LYS G 265 10.13 -37.94 3.68
C LYS G 265 9.36 -36.64 3.51
N LEU G 266 8.22 -36.55 4.20
CA LEU G 266 7.43 -35.32 4.28
C LEU G 266 7.96 -34.48 5.44
N ILE G 267 8.60 -33.35 5.12
CA ILE G 267 9.50 -32.69 6.06
C ILE G 267 8.74 -31.94 7.17
N ALA G 268 7.58 -31.38 6.88
CA ALA G 268 6.85 -30.54 7.81
C ALA G 268 5.96 -31.29 8.80
N VAL G 269 5.79 -32.61 8.61
CA VAL G 269 4.77 -33.35 9.35
C VAL G 269 4.94 -33.24 10.86
N GLY G 270 6.19 -33.22 11.33
CA GLY G 270 6.44 -33.07 12.75
C GLY G 270 5.97 -31.75 13.32
N ILE G 271 5.97 -30.69 12.51
CA ILE G 271 5.39 -29.42 12.92
C ILE G 271 3.86 -29.46 12.90
N PHE G 272 3.27 -30.08 11.87
CA PHE G 272 1.82 -30.20 11.80
C PHE G 272 1.23 -30.93 13.00
N GLN G 273 1.83 -32.04 13.40
CA GLN G 273 1.35 -32.76 14.57
C GLN G 273 1.51 -31.95 15.85
N LEU G 274 2.63 -31.24 15.99
CA LEU G 274 2.80 -30.34 17.14
C LEU G 274 1.71 -29.29 17.21
N LEU G 275 1.48 -28.56 16.11
CA LEU G 275 0.44 -27.54 16.09
C LEU G 275 -0.96 -28.10 16.22
N SER G 276 -1.17 -29.36 15.82
CA SER G 276 -2.46 -30.01 16.06
C SER G 276 -2.77 -30.19 17.54
N LEU G 277 -1.75 -30.42 18.36
CA LEU G 277 -1.96 -30.48 19.81
C LEU G 277 -2.42 -29.15 20.37
N ILE G 278 -1.83 -28.04 19.91
CA ILE G 278 -2.26 -26.71 20.35
C ILE G 278 -3.72 -26.47 19.99
N ASN G 279 -4.10 -26.78 18.75
CA ASN G 279 -5.49 -26.59 18.32
C ASN G 279 -6.46 -27.46 19.13
N LEU G 280 -6.09 -28.72 19.36
CA LEU G 280 -6.92 -29.61 20.17
C LEU G 280 -7.13 -29.11 21.59
N ILE G 281 -6.07 -28.62 22.23
CA ILE G 281 -6.18 -28.08 23.58
C ILE G 281 -7.19 -26.93 23.65
N VAL G 282 -7.06 -25.96 22.76
CA VAL G 282 -7.94 -24.79 22.78
C VAL G 282 -9.39 -25.17 22.49
N TYR G 283 -9.61 -26.00 21.46
CA TYR G 283 -10.97 -26.43 21.15
C TYR G 283 -11.62 -27.22 22.27
N ALA G 284 -10.84 -28.04 22.98
CA ALA G 284 -11.38 -28.71 24.16
C ALA G 284 -11.78 -27.73 25.26
N LEU G 285 -11.08 -26.61 25.38
CA LEU G 285 -11.49 -25.56 26.32
C LEU G 285 -12.69 -24.76 25.85
N LEU G 286 -12.92 -24.67 24.54
CA LEU G 286 -14.12 -24.00 24.04
C LEU G 286 -15.40 -24.81 24.27
N ILE G 287 -15.30 -26.14 24.29
CA ILE G 287 -16.51 -26.97 24.42
C ILE G 287 -17.34 -26.61 25.65
N PRO G 288 -16.78 -26.55 26.87
CA PRO G 288 -17.58 -26.08 28.01
C PRO G 288 -18.25 -24.72 27.82
N VAL G 289 -17.56 -23.77 27.20
CA VAL G 289 -18.12 -22.44 26.98
C VAL G 289 -19.31 -22.49 26.03
N VAL G 290 -19.18 -23.24 24.93
CA VAL G 290 -20.29 -23.35 23.97
C VAL G 290 -21.51 -24.01 24.60
N VAL G 291 -21.31 -25.07 25.38
CA VAL G 291 -22.42 -25.73 26.06
C VAL G 291 -23.15 -24.78 27.00
N TYR G 292 -22.40 -23.95 27.74
CA TYR G 292 -23.02 -22.94 28.58
C TYR G 292 -23.94 -21.98 27.80
N THR G 293 -23.61 -21.70 26.55
CA THR G 293 -24.46 -20.85 25.73
C THR G 293 -25.81 -21.46 25.37
N PHE G 294 -26.02 -22.77 25.58
CA PHE G 294 -27.38 -23.30 25.47
C PHE G 294 -28.25 -22.92 26.65
N PHE G 295 -27.69 -22.80 27.84
CA PHE G 295 -28.47 -22.59 29.06
C PHE G 295 -28.51 -21.14 29.52
N ILE G 296 -27.65 -20.29 28.98
CA ILE G 296 -27.72 -18.84 29.22
C ILE G 296 -29.10 -18.26 28.90
N PRO G 297 -29.80 -18.65 27.82
CA PRO G 297 -31.16 -18.10 27.66
C PRO G 297 -32.17 -18.67 28.63
N PHE G 298 -32.15 -19.99 28.86
CA PHE G 298 -33.24 -20.62 29.59
C PHE G 298 -33.18 -20.34 31.09
N ARG G 299 -31.99 -20.14 31.64
CA ARG G 299 -31.86 -20.07 33.10
C ARG G 299 -30.86 -19.01 33.55
N GLN G 300 -29.66 -19.02 32.98
CA GLN G 300 -28.50 -18.43 33.66
C GLN G 300 -28.32 -16.95 33.36
N LYS G 301 -28.66 -16.51 32.15
CA LYS G 301 -28.39 -15.15 31.66
C LYS G 301 -27.05 -14.59 32.12
N THR G 313 -47.00 -7.00 36.96
CA THR G 313 -45.78 -7.44 37.62
C THR G 313 -44.58 -7.35 36.67
N PHE G 314 -44.80 -6.77 35.50
CA PHE G 314 -43.73 -6.62 34.52
C PHE G 314 -42.72 -5.60 35.00
N ASP G 315 -41.44 -5.91 34.82
CA ASP G 315 -40.34 -5.05 35.27
C ASP G 315 -39.57 -4.58 34.05
N VAL G 316 -39.49 -3.25 33.90
CA VAL G 316 -38.79 -2.66 32.75
C VAL G 316 -37.31 -2.44 32.99
N LEU G 317 -36.82 -2.67 34.20
CA LEU G 317 -35.39 -2.59 34.50
C LEU G 317 -34.72 -3.95 34.58
N HIS G 318 -35.39 -4.96 35.11
CA HIS G 318 -34.77 -6.26 35.34
C HIS G 318 -35.18 -7.22 34.22
N PHE G 319 -34.34 -7.29 33.20
CA PHE G 319 -34.50 -8.26 32.12
C PHE G 319 -34.17 -9.66 32.63
N LYS G 320 -35.03 -10.63 32.29
CA LYS G 320 -34.99 -11.93 32.93
C LYS G 320 -35.38 -13.00 31.92
N SER G 321 -34.93 -14.23 32.21
CA SER G 321 -35.26 -15.38 31.39
C SER G 321 -36.74 -15.76 31.51
N GLU G 322 -37.30 -16.20 30.38
CA GLU G 322 -38.72 -16.53 30.27
C GLU G 322 -38.95 -17.87 29.58
N GLY G 323 -37.94 -18.75 29.60
CA GLY G 323 -38.06 -20.04 28.96
C GLY G 323 -37.58 -20.08 27.52
N TYR G 324 -37.96 -21.16 26.85
CA TYR G 324 -37.70 -21.37 25.43
C TYR G 324 -38.59 -20.47 24.57
N ASN G 325 -38.38 -19.16 24.68
CA ASN G 325 -39.24 -18.16 24.07
C ASN G 325 -38.38 -17.00 23.61
N ASP G 326 -38.80 -16.35 22.51
CA ASP G 326 -37.98 -15.29 21.93
C ASP G 326 -37.75 -14.14 22.91
N LEU G 327 -38.68 -13.95 23.85
CA LEU G 327 -38.49 -12.92 24.87
C LEU G 327 -37.23 -13.14 25.68
N SER G 328 -36.83 -14.41 25.86
CA SER G 328 -35.55 -14.72 26.50
C SER G 328 -34.37 -14.21 25.68
N LEU G 329 -34.43 -14.32 24.36
CA LEU G 329 -33.39 -13.74 23.52
C LEU G 329 -33.39 -12.22 23.59
N TYR G 330 -34.57 -11.60 23.43
CA TYR G 330 -34.68 -10.15 23.53
C TYR G 330 -34.19 -9.65 24.88
N ASN G 331 -34.44 -10.40 25.96
CA ASN G 331 -33.91 -10.04 27.26
C ASN G 331 -32.38 -10.05 27.28
N LEU G 332 -31.76 -11.07 26.67
CA LEU G 332 -30.31 -11.10 26.56
C LEU G 332 -29.78 -9.95 25.71
N PHE G 333 -30.36 -9.73 24.53
CA PHE G 333 -29.88 -8.67 23.65
C PHE G 333 -30.17 -7.27 24.17
N LEU G 334 -31.28 -7.07 24.88
CA LEU G 334 -31.50 -5.79 25.56
C LEU G 334 -30.48 -5.55 26.66
N GLU G 335 -30.25 -6.56 27.52
CA GLU G 335 -29.32 -6.39 28.61
C GLU G 335 -27.91 -6.03 28.14
N GLU G 336 -27.52 -6.49 26.95
CA GLU G 336 -26.24 -6.09 26.38
C GLU G 336 -26.30 -4.75 25.64
N ASN G 337 -27.48 -4.19 25.45
CA ASN G 337 -27.64 -2.91 24.77
C ASN G 337 -28.21 -1.80 25.64
N ILE G 338 -29.06 -2.14 26.61
CA ILE G 338 -29.80 -1.13 27.38
C ILE G 338 -28.85 -0.28 28.21
N SER G 339 -27.68 -0.81 28.58
CA SER G 339 -26.69 -0.06 29.37
C SER G 339 -26.14 1.16 28.64
N GLU G 340 -26.34 1.28 27.33
CA GLU G 340 -25.96 2.49 26.62
C GLU G 340 -26.90 3.67 26.87
N LEU G 341 -28.12 3.42 27.33
CA LEU G 341 -29.07 4.51 27.58
C LEU G 341 -28.71 5.27 28.85
N LYS G 342 -28.56 6.59 28.70
CA LYS G 342 -28.26 7.47 29.82
C LYS G 342 -29.31 7.37 30.92
N SER G 343 -30.59 7.28 30.53
CA SER G 343 -31.68 7.21 31.49
C SER G 343 -31.69 5.90 32.26
N TYR G 344 -31.34 4.79 31.60
CA TYR G 344 -31.19 3.52 32.31
C TYR G 344 -30.10 3.60 33.37
N LYS G 345 -28.95 4.18 33.03
CA LYS G 345 -27.86 4.29 33.99
C LYS G 345 -28.26 5.09 35.22
N CYS G 346 -28.96 6.21 35.04
CA CYS G 346 -29.46 6.99 36.17
C CYS G 346 -30.37 6.17 37.08
N LEU G 347 -31.32 5.45 36.51
CA LEU G 347 -32.22 4.63 37.32
C LEU G 347 -31.50 3.49 38.03
N LYS G 348 -30.51 2.88 37.36
CA LYS G 348 -29.70 1.86 38.02
C LYS G 348 -28.82 2.42 39.13
N VAL G 349 -28.34 3.66 38.99
CA VAL G 349 -27.65 4.33 40.09
C VAL G 349 -28.58 4.52 41.29
N LEU G 350 -29.79 5.01 41.04
CA LEU G 350 -30.76 5.15 42.13
C LEU G 350 -31.11 3.80 42.75
N GLU G 351 -31.26 2.76 41.93
CA GLU G 351 -31.54 1.43 42.47
C GLU G 351 -30.40 0.91 43.33
N ASN G 352 -29.16 1.15 42.92
CA ASN G 352 -28.01 0.76 43.74
C ASN G 352 -27.95 1.52 45.05
N ILE G 353 -28.25 2.83 45.03
CA ILE G 353 -28.32 3.60 46.27
C ILE G 353 -29.43 3.08 47.17
N LYS G 354 -30.62 2.89 46.61
CA LYS G 354 -31.74 2.34 47.37
C LYS G 354 -31.42 0.96 47.95
N SER G 355 -30.65 0.16 47.22
CA SER G 355 -30.22 -1.15 47.73
C SER G 355 -29.29 -1.03 48.94
N ASN G 356 -28.59 0.11 49.08
CA ASN G 356 -27.61 0.27 50.15
C ASN G 356 -27.97 1.30 51.19
N GLY G 357 -28.89 2.22 50.90
CA GLY G 357 -29.06 3.38 51.75
C GLY G 357 -30.40 4.08 51.59
N GLN G 358 -30.37 5.36 51.22
CA GLN G 358 -31.58 6.16 51.16
C GLN G 358 -32.59 5.56 50.19
N GLY G 359 -33.83 5.42 50.65
CA GLY G 359 -34.86 4.68 49.94
C GLY G 359 -35.45 5.39 48.75
N ILE G 360 -34.62 5.80 47.80
CA ILE G 360 -35.11 6.41 46.57
C ILE G 360 -35.57 5.29 45.65
N ASP G 361 -36.79 4.80 45.87
CA ASP G 361 -37.32 3.66 45.13
C ASP G 361 -37.32 3.95 43.64
N PRO G 362 -36.73 3.08 42.80
CA PRO G 362 -36.64 3.29 41.36
C PRO G 362 -37.97 3.09 40.65
CAA Y01 H . 23.19 -5.41 26.39
CBA Y01 H . 22.32 -5.12 27.61
CAB Y01 H . 23.02 -5.61 28.87
CAN Y01 H . 22.00 -3.63 27.73
CAJ Y01 H . 20.89 -3.26 28.69
CAO Y01 H . 19.48 -3.77 28.35
CBB Y01 H . 18.81 -3.14 27.12
CAC Y01 H . 19.05 -4.01 25.89
CBE Y01 H . 17.32 -2.92 27.46
CAP Y01 H . 17.14 -1.92 28.64
CAQ Y01 H . 15.79 -1.21 28.43
CBG Y01 H . 15.15 -1.96 27.27
CBI Y01 H . 16.31 -2.40 26.37
CAE Y01 H . 16.93 -1.22 25.62
CAU Y01 H . 15.72 -3.43 25.41
CAS Y01 H . 14.54 -2.88 24.61
CBF Y01 H . 13.43 -2.21 25.45
CBD Y01 H . 14.00 -1.29 26.54
CAK Y01 H . 12.91 -0.88 27.51
CAI Y01 H . 11.70 -0.40 26.80
CAZ Y01 H . 11.45 -0.64 25.51
CAV Y01 H . 10.24 -0.04 24.87
CBH Y01 H . 12.32 -1.49 24.61
CAD Y01 H . 12.97 -0.59 23.56
CAT Y01 H . 11.42 -2.53 23.90
CAR Y01 H . 10.21 -1.90 23.19
CBC Y01 H . 9.38 -1.07 24.15
OAW Y01 H . 8.38 -0.35 23.42
CAY Y01 H . 7.35 0.13 24.12
OAG Y01 H . 7.11 -0.18 25.26
CAM Y01 H . 6.57 1.16 23.35
CAL Y01 H . 5.89 2.16 24.27
CAX Y01 H . 5.02 3.22 23.59
OAH Y01 H . 5.31 3.50 22.41
OAF Y01 H . 4.10 3.73 24.27
CAA Y01 I . 2.95 -22.39 18.19
CBA Y01 I . 3.07 -21.82 19.60
CAB Y01 I . 1.87 -20.92 19.90
CAN Y01 I . 3.20 -22.91 20.67
CAJ Y01 I . 4.55 -23.64 20.69
CAO Y01 I . 4.61 -24.74 21.75
CBB Y01 I . 5.90 -25.56 21.71
CAC Y01 I . 7.09 -24.60 21.81
CBE Y01 I . 5.91 -26.64 22.81
CAP Y01 I . 4.63 -27.54 22.74
CAQ Y01 I . 5.08 -29.01 22.85
CBG Y01 I . 6.45 -28.90 23.48
CBI Y01 I . 7.11 -27.65 22.89
CAE Y01 I . 7.71 -27.92 21.50
CAU Y01 I . 8.21 -27.30 23.89
CAS Y01 I . 9.18 -28.48 24.14
CBF Y01 I . 8.54 -29.85 24.40
CBD Y01 I . 7.36 -30.12 23.45
CAK Y01 I . 6.63 -31.39 23.86
CAI Y01 I . 7.59 -32.52 23.94
CAZ Y01 I . 8.89 -32.37 24.15
CAV Y01 I . 9.81 -33.56 24.20
CBH Y01 I . 9.54 -31.04 24.46
CAD Y01 I . 10.68 -30.77 23.47
CAT Y01 I . 10.14 -31.17 25.87
CAR Y01 I . 11.15 -32.32 25.97
CBC Y01 I . 10.62 -33.66 25.48
OAW Y01 I . 11.75 -34.51 25.21
CAY Y01 I . 12.55 -34.99 26.16
OAG Y01 I . 12.36 -34.87 27.34
CAM Y01 I . 13.74 -35.68 25.54
CAL Y01 I . 14.68 -36.35 26.53
CAX Y01 I . 15.76 -37.24 25.87
OAH Y01 I . 16.55 -36.64 25.11
OAF Y01 I . 15.76 -38.46 26.15
CAA Y01 J . 1.85 -25.33 24.87
CBA Y01 J . 0.43 -25.29 25.45
CAB Y01 J . 0.18 -26.52 26.31
CAN Y01 J . 0.20 -24.02 26.26
CAJ Y01 J . -1.25 -23.70 26.59
CAO Y01 J . -2.18 -23.39 25.42
CBB Y01 J . -1.92 -22.07 24.68
CAC Y01 J . -1.04 -22.32 23.46
CBE Y01 J . -3.30 -21.45 24.33
CAP Y01 J . -4.11 -21.10 25.61
CAQ Y01 J . -5.00 -19.90 25.28
CBG Y01 J . -4.84 -19.72 23.78
CBI Y01 J . -3.40 -20.14 23.47
CAE Y01 J . -2.37 -19.11 23.96
CAU Y01 J . -3.33 -20.30 21.94
CAS Y01 J . -3.75 -19.03 21.19
CBF Y01 J . -5.09 -18.43 21.62
CBD Y01 J . -5.26 -18.40 23.16
CAK Y01 J . -6.69 -18.06 23.53
CAI Y01 J . -7.17 -16.87 22.78
CAZ Y01 J . -6.59 -16.40 21.68
CAV Y01 J . -7.14 -15.14 21.06
CBH Y01 J . -5.42 -17.04 20.99
CAD Y01 J . -4.20 -16.11 21.14
CAT Y01 J . -5.75 -17.19 19.49
CAR Y01 J . -6.23 -15.89 18.84
CBC Y01 J . -7.42 -15.32 19.57
OAW Y01 J . -7.73 -14.01 19.06
CAY Y01 J . -8.94 -13.51 19.32
OAG Y01 J . -9.85 -14.18 19.77
CAM Y01 J . -9.02 -12.03 19.07
CAL Y01 J . -10.07 -11.37 19.95
CAX Y01 J . -10.28 -9.87 19.73
OAH Y01 J . -9.30 -9.24 19.26
OAF Y01 J . -11.38 -9.38 20.05
CAA Y01 K . 32.74 12.70 5.52
CBA Y01 K . 32.51 13.60 6.71
CAB Y01 K . 33.84 14.01 7.34
CAN Y01 K . 31.72 14.85 6.33
CAJ Y01 K . 31.13 15.66 7.49
CAO Y01 K . 30.07 14.97 8.34
CBB Y01 K . 28.71 14.71 7.67
CAC Y01 K . 28.68 13.29 7.10
CBE Y01 K . 27.60 14.98 8.71
CAP Y01 K . 27.61 16.47 9.16
CAQ Y01 K . 26.16 16.85 9.53
CBG Y01 K . 25.41 15.52 9.48
CBI Y01 K . 26.10 14.70 8.38
CAE Y01 K . 25.76 15.24 6.98
CAU Y01 K . 25.60 13.27 8.55
CAS Y01 K . 24.07 13.17 8.52
CBF Y01 K . 23.31 14.13 9.47
CBD Y01 K . 23.91 15.55 9.41
CAK Y01 K . 23.33 16.39 10.54
CAI Y01 K . 21.85 16.29 10.60
CAZ Y01 K . 21.15 15.32 10.02
CAV Y01 K . 19.65 15.35 10.07
CBH Y01 K . 21.78 14.15 9.27
CAD Y01 K . 21.43 14.28 7.78
CAT Y01 K . 21.14 12.85 9.81
CAR Y01 K . 19.61 12.85 9.80
CBC Y01 K . 19.07 14.04 10.58
OAW Y01 K . 17.64 14.12 10.40
CAY Y01 K . 16.96 14.87 11.27
OAG Y01 K . 17.43 15.28 12.30
CAM Y01 K . 15.57 15.19 10.78
CAL Y01 K . 15.07 16.50 11.36
CAX Y01 K . 13.64 16.91 10.98
OAH Y01 K . 13.21 16.43 9.91
OAF Y01 K . 13.02 17.65 11.75
CAA Y01 L . 19.79 -6.97 20.03
CBA Y01 L . 20.31 -5.68 20.62
CAB Y01 L . 19.14 -4.85 21.15
CAN Y01 L . 21.35 -5.90 21.72
CAJ Y01 L . 22.71 -6.39 21.24
CAO Y01 L . 23.69 -6.65 22.38
CBB Y01 L . 25.04 -7.25 21.93
CAC Y01 L . 25.63 -6.35 20.85
CBE Y01 L . 25.98 -7.46 23.13
CAP Y01 L . 25.31 -8.30 24.25
CAQ Y01 L . 26.29 -9.40 24.70
CBG Y01 L . 27.62 -8.85 24.22
CBI Y01 L . 27.37 -8.16 22.88
CAE Y01 L . 27.30 -9.17 21.72
CAU Y01 L . 28.56 -7.21 22.72
CAS Y01 L . 29.90 -7.95 22.80
CBF Y01 L . 30.08 -8.93 23.98
CBD Y01 L . 28.82 -9.79 24.19
CAK Y01 L . 28.94 -10.61 25.46
CAI Y01 L . 30.19 -11.41 25.45
CAZ Y01 L . 31.26 -11.09 24.71
CAV Y01 L . 32.48 -11.96 24.71
CBH Y01 L . 31.38 -9.79 23.93
CAD Y01 L . 31.71 -10.10 22.47
CAT Y01 L . 32.56 -9.03 24.55
CAR Y01 L . 33.87 -9.83 24.50
CBC Y01 L . 33.76 -11.23 25.10
OAW Y01 L . 34.87 -12.00 24.61
CAY Y01 L . 36.13 -11.77 24.95
OAG Y01 L . 36.48 -10.99 25.79
CAM Y01 L . 37.06 -12.64 24.13
CAL Y01 L . 38.52 -12.53 24.49
CAX Y01 L . 39.43 -13.57 23.80
OAH Y01 L . 39.46 -13.50 22.55
OAF Y01 L . 40.05 -14.38 24.51
CAA Y01 M . 23.29 15.38 -22.02
CBA Y01 M . 23.30 16.80 -21.49
CAB Y01 M . 24.48 17.58 -22.08
CAN Y01 M . 21.99 17.54 -21.81
CAJ Y01 M . 21.75 18.84 -21.05
CAO Y01 M . 21.58 18.73 -19.54
CBB Y01 M . 20.30 18.04 -19.04
CAC Y01 M . 20.58 16.56 -18.76
CBE Y01 M . 19.80 18.82 -17.80
CAP Y01 M . 19.41 20.27 -18.16
CAQ Y01 M . 18.29 20.71 -17.21
CBG Y01 M . 18.22 19.58 -16.18
CBI Y01 M . 18.57 18.30 -16.97
CAE Y01 M . 17.44 17.88 -17.92
CAU Y01 M . 18.84 17.22 -15.92
CAS Y01 M . 17.65 17.03 -14.95
CBF Y01 M . 17.11 18.33 -14.30
CBD Y01 M . 16.98 19.48 -15.32
CAK Y01 M . 16.71 20.79 -14.60
CAI Y01 M . 15.61 20.64 -13.61
CAZ Y01 M . 15.18 19.47 -13.15
CAV Y01 M . 14.02 19.45 -12.21
CBH Y01 M . 15.80 18.13 -13.50
CAD Y01 M . 14.77 17.33 -14.32
CAT Y01 M . 16.07 17.38 -12.17
CAR Y01 M . 14.86 17.28 -11.25
CBC Y01 M . 14.31 18.67 -10.93
OAW Y01 M . 13.07 18.54 -10.21
CAY Y01 M . 12.64 19.62 -9.55
OAG Y01 M . 13.32 20.59 -9.35
CAM Y01 M . 11.18 19.50 -9.17
CAL Y01 M . 10.54 20.87 -9.05
CAX Y01 M . 9.06 20.88 -8.61
OAH Y01 M . 8.41 19.84 -8.85
OAF Y01 M . 8.63 21.91 -8.05
CAA Y01 N . 27.72 7.47 4.11
CBA Y01 N . 27.88 8.91 3.61
CAB Y01 N . 26.88 9.81 4.30
CAN Y01 N . 29.31 9.43 3.80
CAJ Y01 N . 30.35 8.83 2.86
CAO Y01 N . 31.76 9.36 3.13
CBB Y01 N . 32.85 8.69 2.28
CAC Y01 N . 32.46 8.81 0.81
CBE Y01 N . 34.24 9.28 2.57
CAP Y01 N . 34.57 9.25 4.10
CAQ Y01 N . 36.00 8.70 4.27
CBG Y01 N . 36.61 8.93 2.90
CBI Y01 N . 35.50 8.67 1.87
CAE Y01 N . 35.32 7.17 1.61
CAU Y01 N . 35.99 9.40 0.62
CAS Y01 N . 37.38 8.93 0.18
CBF Y01 N . 38.46 8.85 1.28
CBD Y01 N . 37.91 8.22 2.56
CAK Y01 N . 38.94 8.33 3.69
CAI Y01 N . 40.23 7.74 3.26
CAZ Y01 N . 40.60 7.64 1.99
CAV Y01 N . 41.92 7.00 1.62
CBH Y01 N . 39.80 8.21 0.83
CAD Y01 N . 39.51 7.12 -0.20
CAT Y01 N . 40.73 9.27 0.17
CAR Y01 N . 42.05 8.67 -0.31
CBC Y01 N . 42.81 7.89 0.77
OAW Y01 N . 43.76 7.04 0.12
CAY Y01 N . 44.83 7.51 -0.54
OAG Y01 N . 45.18 8.66 -0.55
CAM Y01 N . 45.53 6.38 -1.26
CAL Y01 N . 46.81 6.77 -1.97
CAX Y01 N . 47.62 5.57 -2.52
OAH Y01 N . 47.04 4.89 -3.38
OAF Y01 N . 48.76 5.39 -2.06
CAA Y01 O . 1.96 0.61 -35.49
CBA Y01 O . 1.64 2.07 -35.77
CAB Y01 O . 1.99 2.40 -37.22
CAN Y01 O . 0.17 2.39 -35.51
CAJ Y01 O . -0.20 3.87 -35.43
CAO Y01 O . 0.42 4.67 -34.29
CBB Y01 O . -0.08 4.34 -32.87
CAC Y01 O . 0.87 3.33 -32.21
CBE Y01 O . -0.21 5.67 -32.09
CAP Y01 O . -1.28 6.59 -32.75
CAQ Y01 O . -1.89 7.45 -31.62
CBG Y01 O . -1.02 7.15 -30.41
CBI Y01 O . -0.60 5.68 -30.58
CAE Y01 O . -1.75 4.72 -30.32
CAU Y01 O . 0.54 5.46 -29.57
CAS Y01 O . 0.12 5.81 -28.14
CBF Y01 O . -0.51 7.20 -27.95
CBD Y01 O . -1.56 7.50 -29.03
CAK Y01 O . -1.95 8.96 -28.98
CAI Y01 O . -2.31 9.38 -27.60
CAZ Y01 O . -1.96 8.70 -26.51
CAV Y01 O . -2.43 9.17 -25.17
CBH Y01 O . -1.09 7.45 -26.53
CAD Y01 O . -1.96 6.25 -26.10
CAT Y01 O . 0.04 7.64 -25.49
CAR Y01 O . -0.45 8.05 -24.10
CBC Y01 O . -1.29 9.31 -24.17
OAW Y01 O . -1.89 9.57 -22.89
CAY Y01 O . -2.35 10.80 -22.66
OAG Y01 O . -2.11 11.74 -23.38
CAM Y01 O . -3.27 10.85 -21.47
CAL Y01 O . -4.29 11.97 -21.60
CAX Y01 O . -5.24 12.17 -20.41
OAH Y01 O . -5.45 11.15 -19.72
OAF Y01 O . -5.74 13.30 -20.25
CAA Y01 P . 20.78 10.06 -17.55
CBA Y01 P . 20.10 10.92 -18.61
CAB Y01 P . 19.27 12.01 -17.95
CAN Y01 P . 21.10 11.55 -19.60
CAJ Y01 P . 21.72 10.57 -20.59
CAO Y01 P . 22.75 11.22 -21.52
CBB Y01 P . 23.48 10.25 -22.43
CAC Y01 P . 22.44 9.45 -23.21
CBE Y01 P . 24.48 10.98 -23.35
CAP Y01 P . 25.46 11.88 -22.54
CAQ Y01 P . 26.89 11.62 -23.05
CBG Y01 P . 26.65 11.02 -24.43
CBI Y01 P . 25.40 10.15 -24.31
CAE Y01 P . 25.72 8.77 -23.72
CAU Y01 P . 24.91 10.01 -25.76
CAS Y01 P . 25.99 9.45 -26.69
CBF Y01 P . 27.38 10.11 -26.60
CBD Y01 P . 27.79 10.34 -25.14
CAK Y01 P . 29.08 11.16 -25.07
CAI Y01 P . 30.15 10.51 -25.89
CAZ Y01 P . 29.89 9.68 -26.90
CAV Y01 P . 31.01 9.03 -27.67
CBH Y01 P . 28.49 9.40 -27.43
CAD Y01 P . 28.22 7.90 -27.44
CAT Y01 P . 28.49 9.91 -28.89
CAR Y01 P . 29.56 9.24 -29.75
CBC Y01 P . 30.96 9.31 -29.17
OAW Y01 P . 31.75 8.27 -29.80
CAY Y01 P . 32.11 8.33 -31.09
OAG Y01 P . 31.91 9.27 -31.81
CAM Y01 P . 32.76 7.03 -31.50
CAL Y01 P . 33.30 7.00 -32.91
CAX Y01 P . 34.15 5.76 -33.24
OAH Y01 P . 33.57 4.66 -33.15
OAF Y01 P . 35.35 5.95 -33.56
CAA Y01 Q . -15.19 -20.51 -24.75
CBA Y01 Q . -16.16 -19.53 -25.39
CAB Y01 Q . -16.70 -20.10 -26.70
CAN Y01 Q . -17.32 -19.20 -24.45
CAJ Y01 Q . -18.18 -17.99 -24.84
CAO Y01 Q . -17.48 -16.63 -24.82
CBB Y01 Q . -17.08 -16.08 -23.45
CAC Y01 Q . -15.63 -16.43 -23.14
CBE Y01 Q . -17.36 -14.56 -23.44
CAP Y01 Q . -18.88 -14.26 -23.62
CAQ Y01 Q . -19.18 -12.94 -22.89
CBG Y01 Q . -17.81 -12.42 -22.50
CBI Y01 Q . -16.96 -13.67 -22.21
CAE Y01 Q . -17.37 -14.36 -20.90
CAU Y01 Q . -15.51 -13.18 -22.15
CAS Y01 Q . -15.31 -12.07 -21.11
CBF Y01 Q . -16.28 -10.88 -21.20
CBD Y01 Q . -17.73 -11.35 -21.42
CAK Y01 Q . -18.62 -10.17 -21.78
CAI Y01 Q . -18.42 -9.03 -20.84
CAZ Y01 Q . -17.36 -8.91 -20.04
CAV Y01 Q . -17.30 -7.77 -19.08
CBH Y01 Q . -16.18 -9.88 -20.02
CAD Y01 Q . -16.19 -10.62 -18.69
CAT Y01 Q . -14.89 -9.04 -20.13
CAR Y01 Q . -14.79 -7.91 -19.09
CBC Y01 Q . -15.99 -6.99 -19.19
OAW Y01 Q . -15.98 -6.06 -18.10
CAY Y01 Q . -16.73 -4.97 -18.20
OAG Y01 Q . -17.25 -4.61 -19.23
CAM Y01 Q . -16.93 -4.27 -16.89
CAL Y01 Q . -18.23 -3.51 -16.84
CAX Y01 Q . -18.52 -2.70 -15.57
OAH Y01 Q . -17.95 -3.11 -14.53
OAF Y01 Q . -19.28 -1.71 -15.65
CAA Y01 R . 4.19 -1.16 -28.68
CBA Y01 R . 2.81 -1.14 -29.33
CAB Y01 R . 2.03 0.08 -28.87
CAN Y01 R . 2.90 -1.16 -30.86
CAJ Y01 R . 3.32 -2.50 -31.47
CAO Y01 R . 3.44 -2.46 -33.00
CBB Y01 R . 3.98 -3.75 -33.61
CAC Y01 R . 3.12 -4.92 -33.13
CBE Y01 R . 4.05 -3.65 -35.15
CAP Y01 R . 4.84 -2.39 -35.61
CAQ Y01 R . 5.83 -2.81 -36.70
CBG Y01 R . 5.24 -4.12 -37.20
CBI Y01 R . 4.66 -4.84 -35.97
CAE Y01 R . 5.75 -5.57 -35.17
CAU Y01 R . 3.66 -5.84 -36.56
CAS Y01 R . 4.30 -6.77 -37.59
CBF Y01 R . 5.18 -6.11 -38.67
CBD Y01 R . 6.09 -5.03 -38.07
CAK Y01 R . 6.80 -4.26 -39.17
CAI Y01 R . 7.53 -5.21 -40.07
CAZ Y01 R . 7.19 -6.48 -40.21
CAV Y01 R . 7.98 -7.40 -41.11
CBH Y01 R . 5.95 -7.10 -39.58
CAD Y01 R . 6.34 -8.33 -38.76
CAT Y01 R . 5.07 -7.56 -40.77
CAR Y01 R . 5.78 -8.56 -41.68
CBC Y01 R . 7.13 -8.07 -42.19
OAW Y01 R . 7.87 -9.23 -42.63
CAY Y01 R . 7.54 -9.93 -43.72
OAG Y01 R . 6.66 -9.62 -44.49
CAM Y01 R . 8.40 -11.17 -43.81
CAL Y01 R . 8.17 -12.01 -45.06
CAX Y01 R . 9.19 -13.14 -45.25
OAH Y01 R . 9.21 -14.01 -44.35
OAF Y01 R . 9.90 -13.11 -46.27
CAA Y01 S . -15.24 -32.05 2.11
CBA Y01 S . -16.69 -31.69 1.85
CAB Y01 S . -17.50 -32.97 1.57
CAN Y01 S . -17.31 -30.95 3.03
CAJ Y01 S . -18.64 -30.25 2.77
CAO Y01 S . -18.64 -29.11 1.75
CBB Y01 S . -17.90 -27.83 2.16
CAC Y01 S . -16.47 -27.84 1.63
CBE Y01 S . -18.73 -26.62 1.67
CAP Y01 S . -20.13 -26.58 2.34
CAQ Y01 S . -20.56 -25.11 2.44
CBG Y01 S . -19.51 -24.37 1.62
CBI Y01 S . -18.21 -25.16 1.84
CAE Y01 S . -17.64 -24.95 3.25
CAU Y01 S . -17.22 -24.64 0.77
CAS Y01 S . -17.03 -23.12 0.85
CBF Y01 S . -18.33 -22.28 0.85
CBD Y01 S . -19.37 -22.87 1.81
CAK Y01 S . -20.73 -22.19 1.59
CAI Y01 S . -20.58 -20.71 1.58
CAZ Y01 S . -19.42 -20.07 1.41
CAV Y01 S . -19.39 -18.58 1.49
CBH Y01 S . -18.09 -20.77 1.12
CAD Y01 S . -17.18 -20.57 2.34
CAT Y01 S . -17.46 -20.08 -0.11
CAR Y01 S . -17.36 -18.56 0.01
CBC Y01 S . -18.72 -17.95 0.28
OAW Y01 S . -18.57 -16.55 0.58
CAY Y01 S . -19.66 -15.78 0.49
OAG Y01 S . -20.68 -16.15 -0.04
CAM Y01 S . -19.48 -14.44 1.16
CAL Y01 S . -20.80 -13.90 1.65
CAX Y01 S . -20.75 -12.49 2.30
OAH Y01 S . -19.66 -12.18 2.82
OAF Y01 S . -21.79 -11.81 2.29
CAA Y01 T . -9.56 -17.74 -20.87
CBA Y01 T . -10.95 -18.19 -20.47
CAB Y01 T . -11.84 -16.97 -20.22
CAN Y01 T . -11.59 -19.12 -21.51
CAJ Y01 T . -10.99 -20.51 -21.58
CAO Y01 T . -11.63 -21.39 -22.66
CBB Y01 T . -10.97 -22.76 -22.83
CAC Y01 T . -10.96 -23.46 -21.47
CBE Y01 T . -11.67 -23.59 -23.93
CAP Y01 T . -11.77 -22.81 -25.27
CAQ Y01 T . -11.33 -23.74 -26.40
CBG Y01 T . -11.49 -25.12 -25.79
CBI Y01 T . -11.09 -24.99 -24.32
CAE Y01 T . -9.57 -25.04 -24.14
CAU Y01 T . -11.75 -26.20 -23.65
CAS Y01 T . -11.36 -27.53 -24.30
CBF Y01 T . -11.42 -27.59 -25.84
CBD Y01 T . -10.86 -26.31 -26.48
CAK Y01 T . -11.12 -26.31 -27.98
CAI Y01 T . -10.58 -27.56 -28.60
CAZ Y01 T . -10.41 -28.69 -27.92
CAV Y01 T . -9.84 -29.91 -28.59
CBH Y01 T . -10.84 -28.88 -26.47
CAD Y01 T . -9.67 -29.36 -25.63
CAT Y01 T . -11.90 -30.00 -26.51
CAR Y01 T . -11.36 -31.31 -27.10
CBC Y01 T . -10.72 -31.15 -28.48
OAW Y01 T . -9.89 -32.29 -28.71
CAY Y01 T . -10.38 -33.52 -28.91
OAG Y01 T . -11.54 -33.78 -29.02
CAM Y01 T . -9.24 -34.52 -28.95
CAL Y01 T . -9.67 -35.94 -29.26
CAX Y01 T . -8.49 -36.91 -29.50
OAH Y01 T . -7.71 -37.06 -28.54
OAF Y01 T . -8.41 -37.45 -30.62
CAA Y01 U . -10.10 -27.19 0.00
CBA Y01 U . -10.84 -27.40 1.31
CAB Y01 U . -11.91 -26.33 1.49
CAN Y01 U . -11.45 -28.79 1.43
CAJ Y01 U . -10.45 -29.92 1.64
CAO Y01 U . -11.10 -31.31 1.70
CBB Y01 U . -10.11 -32.47 1.80
CAC Y01 U . -9.19 -32.22 2.99
CBE Y01 U . -10.84 -33.83 1.87
CAP Y01 U . -11.85 -34.00 0.70
CAQ Y01 U . -11.66 -35.40 0.11
CBG Y01 U . -10.94 -36.15 1.22
CBI Y01 U . -10.00 -35.14 1.89
CAE Y01 U . -8.70 -34.99 1.09
CAU Y01 U . -9.73 -35.76 3.26
CAS Y01 U . -9.18 -37.19 3.17
CBF Y01 U . -9.93 -38.15 2.24
CBD Y01 U . -10.30 -37.48 0.91
CAK Y01 U . -11.20 -38.38 0.07
CAI Y01 U . -10.56 -39.71 -0.10
CAZ Y01 U . -9.64 -40.21 0.73
CAV Y01 U . -9.02 -41.56 0.48
CBH Y01 U . -9.24 -39.53 2.04
CAD Y01 U . -7.73 -39.34 2.07
CAT Y01 U . -9.64 -40.52 3.15
CAR Y01 U . -8.97 -41.88 3.00
CBC Y01 U . -9.18 -42.53 1.65
OAW Y01 U . -8.16 -43.55 1.48
CAY Y01 U . -8.13 -44.67 2.20
OAG Y01 U . -9.01 -45.01 2.96
CAM Y01 U . -6.87 -45.43 1.92
CAL Y01 U . -6.77 -46.77 2.62
CAX Y01 U . -5.57 -47.63 2.16
OAH Y01 U . -4.44 -47.14 2.38
OAF Y01 U . -5.80 -48.73 1.61
#